data_5DBN
#
_entry.id   5DBN
#
_cell.length_a   73.680
_cell.length_b   175.680
_cell.length_c   76.160
_cell.angle_alpha   90.00
_cell.angle_beta   113.01
_cell.angle_gamma   90.00
#
_symmetry.space_group_name_H-M   'P 1 21 1'
#
loop_
_entity.id
_entity.type
_entity.pdbx_description
1 polymer 'Acetate CoA-transferase subunit alpha'
2 polymer 'Acetate CoA-transferase subunit beta'
3 non-polymer 'PHOSPHATE ION'
4 non-polymer DI(HYDROXYETHYL)ETHER
5 non-polymer 'CHLORIDE ION'
6 non-polymer GLYCEROL
7 water water
#
loop_
_entity_poly.entity_id
_entity_poly.type
_entity_poly.pdbx_seq_one_letter_code
_entity_poly.pdbx_strand_id
1 'polypeptide(L)'
;SMKTKLMTLQDATGFFRDGMTIMVGGFMGIGTPSRLVEALLESGVRDLTLIANDTAFVDTGIGPLIVNGRVRKVIASHIG
TNPETGRRMISGEMDVVLVPQGTLIEQIRCGGAGLGGFLTPTGVGTVVEEGKQTLTLDGKTWLLERPLRADLALIRAHRC
DTLGNLTYQLSARNFNPLIALAADITLVEPDELVETGELQPDHIVTPGAVIDHIIVSQESK
;
A,C,E,G
2 'polypeptide(L)'
;MDAKQRIARRVAQELRDGDIVNLGIGLPTMVANYLPEGIHITLQSENGFLGLGPVTTAHPDLVNAGGQPCGVLPGAAMFD
SAMSFALIRGGHIDACVLGGLQVDEEANLANWVVPGKMVPGMGGAMDLVTGSRKVIIAMEHCAKDGSAKILRRCTMPLTA
QHAVHMLVTELAVFRFIDGKMWLTEIADGCDLATVRAKTEARFEVAADLNTQRGDLTHHHHHH
;
B,D,F,H
#
# COMPACT_ATOMS: atom_id res chain seq x y z
N LYS A 3 -6.43 -5.56 11.16
CA LYS A 3 -7.19 -4.40 10.75
C LYS A 3 -6.31 -3.44 9.93
N THR A 4 -6.07 -2.25 10.47
CA THR A 4 -5.21 -1.27 9.81
C THR A 4 -4.51 -0.44 10.88
N LYS A 5 -3.43 0.21 10.50
CA LYS A 5 -2.69 1.07 11.42
C LYS A 5 -3.17 2.51 11.33
N LEU A 6 -3.89 2.82 10.26
CA LEU A 6 -4.41 4.17 10.06
C LEU A 6 -5.60 4.45 10.98
N MET A 7 -5.56 5.59 11.64
CA MET A 7 -6.63 5.99 12.55
C MET A 7 -6.70 7.51 12.66
N THR A 8 -7.88 8.03 13.00
CA THR A 8 -8.06 9.45 13.19
C THR A 8 -7.45 9.86 14.54
N LEU A 9 -7.26 11.16 14.74
CA LEU A 9 -6.72 11.69 15.99
C LEU A 9 -7.68 11.40 17.15
N GLN A 10 -8.97 11.42 16.87
CA GLN A 10 -10.00 11.20 17.88
C GLN A 10 -9.83 9.83 18.53
N ASP A 11 -9.36 8.86 17.74
CA ASP A 11 -9.13 7.50 18.21
C ASP A 11 -7.96 7.42 19.21
N ALA A 12 -6.99 8.31 19.06
CA ALA A 12 -5.79 8.29 19.88
C ALA A 12 -6.11 8.46 21.36
N THR A 13 -7.20 9.17 21.67
CA THR A 13 -7.60 9.38 23.05
C THR A 13 -7.87 8.06 23.78
N GLY A 14 -8.18 7.03 23.02
CA GLY A 14 -8.44 5.71 23.59
C GLY A 14 -7.22 5.08 24.25
N PHE A 15 -6.04 5.54 23.87
CA PHE A 15 -4.78 5.00 24.40
C PHE A 15 -4.33 5.65 25.71
N PHE A 16 -4.92 6.80 26.02
CA PHE A 16 -4.53 7.57 27.20
C PHE A 16 -5.25 7.10 28.46
N ARG A 17 -4.52 7.09 29.58
CA ARG A 17 -5.07 6.67 30.87
C ARG A 17 -4.22 7.26 32.00
N ASP A 18 -4.80 7.36 33.19
CA ASP A 18 -4.09 7.94 34.32
C ASP A 18 -2.89 7.10 34.75
N GLY A 19 -1.84 7.78 35.22
CA GLY A 19 -0.68 7.12 35.80
C GLY A 19 0.28 6.48 34.81
N MET A 20 -0.03 6.57 33.52
CA MET A 20 0.79 5.92 32.50
C MET A 20 2.05 6.72 32.20
N THR A 21 3.11 6.00 31.80
CA THR A 21 4.37 6.61 31.42
C THR A 21 4.45 6.78 29.90
N ILE A 22 4.76 8.00 29.45
CA ILE A 22 4.76 8.31 28.03
C ILE A 22 6.07 8.95 27.57
N MET A 23 6.64 8.41 26.50
CA MET A 23 7.79 9.00 25.85
C MET A 23 7.33 9.93 24.72
N VAL A 24 7.90 11.13 24.68
CA VAL A 24 7.54 12.13 23.67
C VAL A 24 8.77 12.61 22.94
N GLY A 25 8.73 12.53 21.61
CA GLY A 25 9.85 12.94 20.79
C GLY A 25 9.98 14.45 20.70
N GLY A 26 11.15 14.90 20.28
CA GLY A 26 11.39 16.31 20.05
C GLY A 26 12.51 16.86 20.91
N PHE A 27 13.29 17.77 20.31
CA PHE A 27 14.34 18.50 21.01
C PHE A 27 13.96 19.97 21.01
N MET A 28 13.68 20.51 22.20
CA MET A 28 13.21 21.88 22.35
C MET A 28 11.92 22.11 21.55
N GLY A 29 11.07 21.08 21.53
CA GLY A 29 9.79 21.16 20.85
C GLY A 29 9.87 20.79 19.38
N ILE A 30 11.08 20.84 18.83
CA ILE A 30 11.30 20.51 17.42
C ILE A 30 11.38 18.99 17.26
N GLY A 31 10.30 18.41 16.73
CA GLY A 31 10.19 16.97 16.59
C GLY A 31 9.09 16.41 17.48
N THR A 32 8.31 17.30 18.08
CA THR A 32 7.20 16.89 18.93
C THR A 32 5.92 16.77 18.10
N PRO A 33 5.16 15.68 18.30
CA PRO A 33 3.86 15.57 17.62
C PRO A 33 2.80 16.46 18.27
N SER A 34 2.51 17.59 17.64
CA SER A 34 1.63 18.60 18.23
C SER A 34 0.21 18.10 18.45
N ARG A 35 -0.37 17.49 17.42
CA ARG A 35 -1.76 17.06 17.49
C ARG A 35 -1.96 15.97 18.54
N LEU A 36 -0.97 15.09 18.67
CA LEU A 36 -1.04 14.02 19.67
C LEU A 36 -0.96 14.60 21.08
N VAL A 37 -0.09 15.59 21.26
CA VAL A 37 0.04 16.28 22.54
C VAL A 37 -1.21 17.09 22.89
N GLU A 38 -1.76 17.78 21.91
CA GLU A 38 -2.97 18.55 22.12
C GLU A 38 -4.11 17.59 22.43
N ALA A 39 -4.10 16.45 21.75
CA ALA A 39 -5.08 15.40 21.99
C ALA A 39 -4.90 14.80 23.38
N LEU A 40 -3.65 14.64 23.79
CA LEU A 40 -3.34 14.13 25.12
C LEU A 40 -3.81 15.11 26.20
N LEU A 41 -3.70 16.40 25.90
CA LEU A 41 -4.19 17.43 26.79
C LEU A 41 -5.73 17.42 26.84
N GLU A 42 -6.35 17.25 25.68
CA GLU A 42 -7.81 17.28 25.59
C GLU A 42 -8.45 16.09 26.30
N SER A 43 -7.70 14.99 26.43
CA SER A 43 -8.22 13.80 27.08
C SER A 43 -8.52 14.04 28.55
N GLY A 44 -7.76 14.94 29.17
CA GLY A 44 -7.99 15.31 30.56
C GLY A 44 -7.26 14.41 31.52
N VAL A 45 -6.44 13.51 30.98
CA VAL A 45 -5.69 12.55 31.79
C VAL A 45 -4.63 13.27 32.62
N ARG A 46 -4.40 12.78 33.83
CA ARG A 46 -3.47 13.40 34.77
C ARG A 46 -2.53 12.32 35.33
N ASP A 47 -1.67 12.72 36.27
CA ASP A 47 -0.77 11.80 36.94
C ASP A 47 0.22 11.15 35.96
N LEU A 48 0.51 11.85 34.88
CA LEU A 48 1.39 11.31 33.84
C LEU A 48 2.85 11.37 34.25
N THR A 49 3.62 10.42 33.74
CA THR A 49 5.08 10.47 33.81
C THR A 49 5.60 10.63 32.39
N LEU A 50 6.11 11.82 32.08
CA LEU A 50 6.58 12.12 30.73
C LEU A 50 8.10 11.96 30.64
N ILE A 51 8.54 11.32 29.56
CA ILE A 51 9.96 11.17 29.26
C ILE A 51 10.27 11.86 27.93
N ALA A 52 11.19 12.82 27.97
CA ALA A 52 11.58 13.56 26.78
C ALA A 52 12.93 14.21 27.00
N ASN A 53 13.53 14.71 25.92
CA ASN A 53 14.83 15.35 26.01
C ASN A 53 14.77 16.58 26.91
N ASP A 54 13.65 17.29 26.84
CA ASP A 54 13.47 18.52 27.59
C ASP A 54 11.98 18.86 27.70
N THR A 55 11.69 19.97 28.36
CA THR A 55 10.30 20.41 28.53
C THR A 55 9.98 21.57 27.58
N ALA A 56 10.90 21.86 26.65
CA ALA A 56 10.65 22.85 25.61
C ALA A 56 10.26 24.19 26.23
N PHE A 57 9.37 24.92 25.56
CA PHE A 57 8.84 26.18 26.10
C PHE A 57 7.46 25.91 26.70
N VAL A 58 6.88 26.93 27.33
CA VAL A 58 5.60 26.77 28.00
C VAL A 58 4.49 26.40 27.01
N ASP A 59 4.60 26.91 25.79
CA ASP A 59 3.54 26.75 24.78
C ASP A 59 3.91 25.75 23.69
N THR A 60 5.02 25.04 23.88
CA THR A 60 5.47 24.06 22.90
C THR A 60 5.97 22.80 23.61
N GLY A 61 6.25 21.76 22.82
CA GLY A 61 6.71 20.50 23.36
C GLY A 61 5.71 19.92 24.35
N ILE A 62 6.22 19.37 25.44
CA ILE A 62 5.37 18.82 26.49
C ILE A 62 4.99 19.90 27.51
N GLY A 63 5.32 21.14 27.21
CA GLY A 63 5.06 22.26 28.09
C GLY A 63 3.61 22.40 28.53
N PRO A 64 2.69 22.54 27.56
CA PRO A 64 1.25 22.70 27.84
C PRO A 64 0.70 21.64 28.79
N LEU A 65 1.21 20.42 28.70
CA LEU A 65 0.79 19.34 29.58
C LEU A 65 1.22 19.62 31.01
N ILE A 66 2.42 20.20 31.16
CA ILE A 66 2.98 20.52 32.45
C ILE A 66 2.31 21.75 33.06
N VAL A 67 2.07 22.76 32.23
CA VAL A 67 1.44 24.01 32.68
C VAL A 67 0.06 23.75 33.25
N ASN A 68 -0.69 22.85 32.60
CA ASN A 68 -2.07 22.57 33.02
C ASN A 68 -2.13 21.45 34.06
N GLY A 69 -0.98 21.14 34.66
CA GLY A 69 -0.88 20.22 35.78
C GLY A 69 -1.36 18.79 35.57
N ARG A 70 -1.03 18.21 34.41
CA ARG A 70 -1.35 16.82 34.12
C ARG A 70 -0.16 15.88 34.27
N VAL A 71 0.99 16.43 34.65
CA VAL A 71 2.21 15.64 34.78
C VAL A 71 2.69 15.67 36.23
N ARG A 72 3.00 14.48 36.75
CA ARG A 72 3.50 14.34 38.12
C ARG A 72 4.99 14.09 38.16
N LYS A 73 5.52 13.50 37.10
CA LYS A 73 6.94 13.18 37.03
C LYS A 73 7.50 13.47 35.64
N VAL A 74 8.70 14.05 35.59
CA VAL A 74 9.40 14.28 34.34
C VAL A 74 10.79 13.68 34.41
N ILE A 75 11.20 13.04 33.33
CA ILE A 75 12.56 12.53 33.18
C ILE A 75 13.15 13.18 31.94
N ALA A 76 14.19 13.99 32.12
CA ALA A 76 14.77 14.76 31.02
C ALA A 76 16.18 15.24 31.35
N SER A 77 16.77 15.99 30.42
CA SER A 77 18.13 16.47 30.57
C SER A 77 18.20 17.98 30.75
N HIS A 78 17.14 18.68 30.33
CA HIS A 78 17.10 20.14 30.44
C HIS A 78 15.68 20.66 30.61
N ILE A 79 15.52 21.65 31.49
CA ILE A 79 14.22 22.23 31.79
C ILE A 79 14.30 23.76 31.95
N GLY A 80 15.45 24.32 31.59
CA GLY A 80 15.74 25.72 31.85
C GLY A 80 14.86 26.70 31.10
N THR A 81 14.47 26.32 29.88
CA THR A 81 13.70 27.22 29.02
C THR A 81 12.21 27.19 29.34
N ASN A 82 11.84 26.43 30.37
CA ASN A 82 10.46 26.36 30.83
C ASN A 82 10.39 26.70 32.32
N PRO A 83 10.14 27.97 32.65
CA PRO A 83 10.10 28.35 34.06
C PRO A 83 9.04 27.61 34.86
N GLU A 84 7.98 27.18 34.18
CA GLU A 84 6.89 26.47 34.84
C GLU A 84 7.35 25.11 35.39
N THR A 85 8.14 24.38 34.60
CA THR A 85 8.69 23.10 35.04
C THR A 85 9.49 23.30 36.33
N GLY A 86 10.37 24.29 36.30
CA GLY A 86 11.18 24.63 37.46
C GLY A 86 10.33 25.04 38.63
N ARG A 87 9.32 25.88 38.37
CA ARG A 87 8.44 26.35 39.43
C ARG A 87 7.79 25.16 40.14
N ARG A 88 7.21 24.26 39.34
CA ARG A 88 6.52 23.09 39.86
C ARG A 88 7.50 22.10 40.49
N MET A 89 8.74 22.08 40.00
CA MET A 89 9.76 21.24 40.60
C MET A 89 10.07 21.74 42.01
N ILE A 90 10.27 23.05 42.12
CA ILE A 90 10.57 23.68 43.41
C ILE A 90 9.37 23.56 44.34
N SER A 91 8.18 23.84 43.81
CA SER A 91 6.96 23.84 44.60
C SER A 91 6.68 22.47 45.22
N GLY A 92 6.86 21.42 44.42
CA GLY A 92 6.63 20.06 44.87
C GLY A 92 5.48 19.41 44.13
N GLU A 93 4.78 20.21 43.32
CA GLU A 93 3.64 19.72 42.56
C GLU A 93 4.04 18.65 41.55
N MET A 94 5.30 18.70 41.13
CA MET A 94 5.80 17.80 40.10
C MET A 94 7.22 17.32 40.41
N ASP A 95 7.46 16.04 40.22
CA ASP A 95 8.78 15.45 40.43
C ASP A 95 9.60 15.52 39.15
N VAL A 96 10.89 15.83 39.28
CA VAL A 96 11.76 15.97 38.12
C VAL A 96 13.06 15.18 38.29
N VAL A 97 13.39 14.36 37.29
CA VAL A 97 14.62 13.59 37.27
C VAL A 97 15.51 14.09 36.14
N LEU A 98 16.59 14.78 36.50
CA LEU A 98 17.52 15.32 35.51
C LEU A 98 18.62 14.31 35.19
N VAL A 99 18.60 13.82 33.94
CA VAL A 99 19.54 12.81 33.47
C VAL A 99 20.41 13.36 32.35
N PRO A 100 21.72 13.04 32.35
CA PRO A 100 22.55 13.45 31.21
C PRO A 100 21.98 12.95 29.88
N GLN A 101 21.96 13.84 28.89
CA GLN A 101 21.30 13.57 27.62
C GLN A 101 21.80 12.29 26.96
N GLY A 102 23.11 12.17 26.84
CA GLY A 102 23.72 10.97 26.27
C GLY A 102 23.36 9.71 27.04
N THR A 103 23.18 9.86 28.35
CA THR A 103 22.79 8.74 29.19
C THR A 103 21.32 8.41 28.97
N LEU A 104 20.48 9.44 28.99
CA LEU A 104 19.04 9.28 28.83
C LEU A 104 18.69 8.56 27.52
N ILE A 105 19.25 9.05 26.41
CA ILE A 105 18.97 8.46 25.12
C ILE A 105 19.44 7.00 25.05
N GLU A 106 20.56 6.72 25.70
CA GLU A 106 21.09 5.36 25.74
C GLU A 106 20.23 4.45 26.63
N GLN A 107 19.66 5.01 27.69
CA GLN A 107 18.72 4.27 28.53
C GLN A 107 17.50 3.88 27.72
N ILE A 108 17.00 4.83 26.94
CA ILE A 108 15.88 4.58 26.04
C ILE A 108 16.23 3.50 25.01
N ARG A 109 17.39 3.65 24.38
CA ARG A 109 17.84 2.67 23.40
C ARG A 109 17.98 1.28 24.01
N CYS A 110 18.57 1.21 25.20
CA CYS A 110 18.71 -0.07 25.90
C CYS A 110 17.35 -0.70 26.15
N GLY A 111 16.41 0.11 26.63
CA GLY A 111 15.05 -0.34 26.83
C GLY A 111 14.46 -0.88 25.54
N GLY A 112 14.80 -0.22 24.43
CA GLY A 112 14.33 -0.63 23.12
C GLY A 112 15.05 -1.80 22.49
N ALA A 113 16.32 -1.97 22.83
CA ALA A 113 17.17 -2.97 22.18
C ALA A 113 17.30 -4.24 23.01
N GLY A 114 16.53 -4.33 24.09
CA GLY A 114 16.53 -5.52 24.93
C GLY A 114 17.83 -5.76 25.69
N LEU A 115 18.51 -4.68 26.05
CA LEU A 115 19.73 -4.76 26.84
C LEU A 115 19.42 -4.45 28.30
N GLY A 116 20.17 -5.06 29.20
CA GLY A 116 19.91 -4.94 30.63
C GLY A 116 20.55 -3.73 31.28
N GLY A 117 21.35 -2.99 30.52
CA GLY A 117 22.03 -1.81 31.02
C GLY A 117 23.33 -1.58 30.29
N PHE A 118 23.99 -0.45 30.59
CA PHE A 118 25.24 -0.11 29.94
C PHE A 118 26.15 0.67 30.88
N LEU A 119 27.44 0.66 30.57
CA LEU A 119 28.43 1.38 31.35
C LEU A 119 28.82 2.67 30.65
N THR A 120 28.70 3.79 31.35
CA THR A 120 29.06 5.10 30.81
C THR A 120 29.97 5.85 31.78
N PRO A 121 30.93 6.64 31.25
CA PRO A 121 31.78 7.45 32.11
C PRO A 121 31.13 8.78 32.48
N THR A 122 30.04 9.11 31.82
CA THR A 122 29.33 10.36 32.09
C THR A 122 28.65 10.35 33.46
N GLY A 123 28.95 11.36 34.26
CA GLY A 123 28.31 11.54 35.55
C GLY A 123 29.11 11.01 36.71
N VAL A 124 30.24 10.36 36.42
CA VAL A 124 31.11 9.86 37.46
C VAL A 124 31.65 11.03 38.28
N GLY A 125 31.54 10.94 39.60
CA GLY A 125 32.03 11.98 40.48
C GLY A 125 31.07 13.15 40.64
N THR A 126 29.85 12.98 40.12
CA THR A 126 28.83 14.02 40.22
C THR A 126 27.60 13.49 40.96
N VAL A 127 26.58 14.33 41.08
CA VAL A 127 25.34 13.95 41.75
C VAL A 127 24.60 12.87 40.95
N VAL A 128 24.97 12.71 39.68
CA VAL A 128 24.39 11.69 38.82
C VAL A 128 24.75 10.30 39.33
N GLU A 129 25.90 10.20 40.01
CA GLU A 129 26.38 8.92 40.52
C GLU A 129 25.53 8.36 41.67
N GLU A 130 24.82 9.25 42.35
CA GLU A 130 24.05 8.88 43.53
C GLU A 130 22.98 7.84 43.22
N GLY A 131 22.98 6.75 44.00
CA GLY A 131 21.96 5.73 43.87
C GLY A 131 22.21 4.77 42.71
N LYS A 132 23.37 4.89 42.07
CA LYS A 132 23.72 4.06 40.92
C LYS A 132 24.93 3.18 41.21
N GLN A 133 25.02 2.06 40.49
CA GLN A 133 26.15 1.16 40.61
C GLN A 133 27.33 1.69 39.82
N THR A 134 28.53 1.60 40.39
CA THR A 134 29.74 2.01 39.70
C THR A 134 30.63 0.80 39.52
N LEU A 135 31.15 0.60 38.31
CA LEU A 135 32.02 -0.52 37.99
C LEU A 135 33.37 -0.04 37.48
N THR A 136 34.42 -0.75 37.86
CA THR A 136 35.76 -0.44 37.37
C THR A 136 36.15 -1.43 36.27
N LEU A 137 36.49 -0.89 35.11
CA LEU A 137 36.88 -1.67 33.94
C LEU A 137 37.93 -0.92 33.14
N ASP A 138 39.05 -1.58 32.85
CA ASP A 138 40.14 -0.97 32.09
C ASP A 138 40.79 0.16 32.89
N GLY A 139 40.59 0.12 34.20
CA GLY A 139 41.17 1.10 35.11
C GLY A 139 40.32 2.35 35.22
N LYS A 140 39.22 2.36 34.47
CA LYS A 140 38.30 3.49 34.44
C LYS A 140 37.01 3.15 35.17
N THR A 141 36.47 4.11 35.90
CA THR A 141 35.22 3.93 36.62
C THR A 141 34.05 4.29 35.71
N TRP A 142 33.02 3.45 35.71
CA TRP A 142 31.84 3.64 34.88
C TRP A 142 30.58 3.63 35.72
N LEU A 143 29.62 4.48 35.39
CA LEU A 143 28.29 4.36 35.97
C LEU A 143 27.50 3.33 35.20
N LEU A 144 26.89 2.40 35.92
CA LEU A 144 26.00 1.41 35.30
C LEU A 144 24.60 2.00 35.20
N GLU A 145 24.18 2.28 33.96
CA GLU A 145 22.87 2.87 33.72
C GLU A 145 21.89 1.81 33.21
N ARG A 146 20.65 1.94 33.65
CA ARG A 146 19.64 0.92 33.45
C ARG A 146 18.65 1.33 32.35
N PRO A 147 18.01 0.34 31.71
CA PRO A 147 17.10 0.66 30.59
C PRO A 147 15.83 1.40 31.02
N LEU A 148 15.30 2.20 30.11
CA LEU A 148 14.03 2.91 30.31
C LEU A 148 13.01 2.48 29.27
N ARG A 149 11.81 2.15 29.74
CA ARG A 149 10.72 1.82 28.83
C ARG A 149 9.49 2.64 29.23
N ALA A 150 8.45 2.58 28.40
CA ALA A 150 7.23 3.35 28.65
C ALA A 150 6.02 2.61 28.12
N ASP A 151 4.84 3.04 28.58
CA ASP A 151 3.59 2.45 28.11
C ASP A 151 3.29 2.89 26.69
N LEU A 152 3.64 4.14 26.37
CA LEU A 152 3.27 4.74 25.10
C LEU A 152 4.36 5.66 24.56
N ALA A 153 4.43 5.79 23.24
CA ALA A 153 5.35 6.72 22.59
C ALA A 153 4.61 7.58 21.57
N LEU A 154 4.79 8.90 21.68
CA LEU A 154 4.20 9.84 20.74
C LEU A 154 5.30 10.34 19.80
N ILE A 155 5.19 9.96 18.53
CA ILE A 155 6.25 10.20 17.55
C ILE A 155 5.81 11.14 16.45
N ARG A 156 6.72 12.04 16.05
CA ARG A 156 6.52 12.84 14.86
C ARG A 156 7.51 12.40 13.78
N ALA A 157 7.00 12.27 12.55
CA ALA A 157 7.83 11.91 11.41
C ALA A 157 7.53 12.87 10.26
N HIS A 158 8.40 12.89 9.26
CA HIS A 158 8.20 13.73 8.08
C HIS A 158 7.28 13.01 7.11
N ARG A 159 7.78 11.91 6.53
CA ARG A 159 6.97 11.06 5.66
C ARG A 159 6.69 9.72 6.33
N CYS A 160 5.59 9.09 5.94
CA CYS A 160 5.17 7.82 6.52
C CYS A 160 4.24 7.09 5.55
N ASP A 161 4.54 5.82 5.26
CA ASP A 161 3.69 5.03 4.38
C ASP A 161 2.70 4.22 5.21
N THR A 162 1.83 3.46 4.54
CA THR A 162 0.75 2.76 5.23
C THR A 162 1.25 1.59 6.08
N LEU A 163 2.52 1.22 5.90
CA LEU A 163 3.12 0.16 6.71
C LEU A 163 3.76 0.73 7.98
N GLY A 164 4.00 2.04 7.98
CA GLY A 164 4.57 2.71 9.13
C GLY A 164 6.05 2.98 8.99
N ASN A 165 6.62 2.75 7.81
CA ASN A 165 8.00 3.13 7.56
C ASN A 165 8.12 4.63 7.64
N LEU A 166 9.08 5.11 8.44
CA LEU A 166 9.21 6.55 8.70
C LEU A 166 10.51 7.15 8.18
N THR A 167 10.42 8.40 7.75
CA THR A 167 11.58 9.25 7.53
C THR A 167 11.43 10.50 8.38
N TYR A 168 12.53 11.20 8.63
CA TYR A 168 12.51 12.42 9.44
C TYR A 168 13.17 13.57 8.70
N GLN A 169 12.91 14.80 9.15
CA GLN A 169 13.41 15.98 8.48
C GLN A 169 14.32 16.83 9.38
N LEU A 170 15.58 16.96 8.95
CA LEU A 170 16.54 17.83 9.63
C LEU A 170 16.65 17.49 11.12
N SER A 171 16.60 18.50 11.99
CA SER A 171 16.84 18.30 13.41
C SER A 171 15.57 17.91 14.17
N ALA A 172 14.53 17.53 13.44
CA ALA A 172 13.28 17.08 14.06
C ALA A 172 13.35 15.59 14.41
N ARG A 173 14.47 14.95 14.09
CA ARG A 173 14.63 13.52 14.33
C ARG A 173 14.87 13.23 15.81
N ASN A 174 16.05 13.64 16.31
CA ASN A 174 16.47 13.47 17.70
C ASN A 174 15.99 12.17 18.38
N PHE A 175 15.03 12.27 19.29
CA PHE A 175 14.64 11.13 20.13
C PHE A 175 13.68 10.14 19.45
N ASN A 176 12.99 10.59 18.41
CA ASN A 176 11.88 9.83 17.83
C ASN A 176 12.22 8.40 17.41
N PRO A 177 13.35 8.19 16.71
CA PRO A 177 13.66 6.82 16.29
C PRO A 177 13.91 5.85 17.44
N LEU A 178 14.34 6.38 18.58
CA LEU A 178 14.68 5.53 19.73
C LEU A 178 13.46 5.18 20.58
N ILE A 179 12.63 6.17 20.86
CA ILE A 179 11.42 5.93 21.66
C ILE A 179 10.47 5.00 20.92
N ALA A 180 10.62 4.91 19.60
CA ALA A 180 9.79 4.03 18.80
C ALA A 180 10.02 2.57 19.16
N LEU A 181 11.22 2.24 19.64
CA LEU A 181 11.55 0.87 20.00
C LEU A 181 11.39 0.60 21.50
N ALA A 182 11.25 1.66 22.29
CA ALA A 182 11.31 1.54 23.75
C ALA A 182 9.94 1.54 24.42
N ALA A 183 8.89 1.66 23.64
CA ALA A 183 7.53 1.75 24.18
C ALA A 183 6.65 0.57 23.75
N ASP A 184 5.73 0.18 24.63
CA ASP A 184 4.84 -0.94 24.36
C ASP A 184 3.96 -0.66 23.14
N ILE A 185 3.39 0.54 23.08
CA ILE A 185 2.58 0.96 21.95
C ILE A 185 3.11 2.28 21.40
N THR A 186 3.09 2.41 20.07
CA THR A 186 3.65 3.58 19.39
C THR A 186 2.63 4.26 18.48
N LEU A 187 2.53 5.58 18.61
CA LEU A 187 1.67 6.40 17.77
C LEU A 187 2.51 7.41 17.01
N VAL A 188 2.36 7.44 15.69
CA VAL A 188 3.15 8.36 14.86
C VAL A 188 2.26 9.43 14.23
N GLU A 189 2.76 10.66 14.23
CA GLU A 189 2.08 11.79 13.60
C GLU A 189 2.92 12.32 12.43
N PRO A 190 2.72 11.76 11.23
CA PRO A 190 3.52 12.16 10.06
C PRO A 190 3.00 13.43 9.40
N ASP A 191 3.91 14.27 8.93
CA ASP A 191 3.54 15.47 8.19
C ASP A 191 2.92 15.09 6.85
N GLU A 192 3.35 13.96 6.31
CA GLU A 192 2.92 13.53 4.98
C GLU A 192 2.71 12.03 4.92
N LEU A 193 1.55 11.61 4.42
CA LEU A 193 1.22 10.20 4.27
C LEU A 193 1.43 9.80 2.81
N VAL A 194 2.30 8.82 2.58
CA VAL A 194 2.63 8.36 1.23
C VAL A 194 2.22 6.91 1.00
N GLU A 195 2.43 6.42 -0.22
CA GLU A 195 2.14 5.03 -0.54
C GLU A 195 3.34 4.15 -0.22
N THR A 196 3.06 2.88 0.09
CA THR A 196 4.13 1.91 0.30
C THR A 196 4.88 1.75 -1.01
N GLY A 197 6.18 2.01 -0.97
CA GLY A 197 7.03 1.96 -2.15
C GLY A 197 7.56 3.34 -2.48
N GLU A 198 6.90 4.38 -1.97
CA GLU A 198 7.31 5.75 -2.22
C GLU A 198 8.55 6.10 -1.39
N LEU A 199 8.73 5.40 -0.27
CA LEU A 199 9.93 5.55 0.53
C LEU A 199 10.90 4.42 0.17
N GLN A 200 12.04 4.80 -0.38
CA GLN A 200 13.03 3.81 -0.79
C GLN A 200 13.59 3.06 0.42
N PRO A 201 13.91 1.77 0.25
CA PRO A 201 14.43 0.96 1.36
C PRO A 201 15.65 1.56 2.06
N ASP A 202 16.49 2.27 1.32
CA ASP A 202 17.71 2.85 1.88
C ASP A 202 17.50 4.25 2.43
N HIS A 203 16.25 4.69 2.48
CA HIS A 203 15.92 6.02 3.01
C HIS A 203 15.12 5.93 4.30
N ILE A 204 14.53 4.77 4.57
CA ILE A 204 13.70 4.57 5.75
C ILE A 204 14.57 4.51 6.99
N VAL A 205 14.21 5.31 8.00
CA VAL A 205 14.95 5.40 9.24
C VAL A 205 14.37 4.47 10.30
N THR A 206 13.05 4.51 10.45
CA THR A 206 12.34 3.66 11.40
C THR A 206 11.42 2.69 10.64
N PRO A 207 11.74 1.39 10.68
CA PRO A 207 10.88 0.43 9.97
C PRO A 207 9.49 0.32 10.59
N GLY A 208 8.49 0.00 9.77
CA GLY A 208 7.11 -0.02 10.20
C GLY A 208 6.79 -1.08 11.25
N ALA A 209 7.68 -2.05 11.39
CA ALA A 209 7.48 -3.14 12.34
C ALA A 209 7.24 -2.61 13.76
N VAL A 210 7.96 -1.55 14.12
CA VAL A 210 7.86 -0.99 15.47
C VAL A 210 6.75 0.04 15.61
N ILE A 211 6.08 0.34 14.50
CA ILE A 211 5.00 1.32 14.49
C ILE A 211 3.65 0.62 14.49
N ASP A 212 2.82 0.96 15.48
CA ASP A 212 1.54 0.29 15.70
C ASP A 212 0.37 1.05 15.08
N HIS A 213 0.35 2.37 15.27
CA HIS A 213 -0.77 3.19 14.80
C HIS A 213 -0.31 4.48 14.15
N ILE A 214 -0.96 4.84 13.05
CA ILE A 214 -0.62 6.01 12.26
C ILE A 214 -1.74 7.04 12.21
N ILE A 215 -1.43 8.28 12.57
CA ILE A 215 -2.40 9.37 12.50
C ILE A 215 -2.44 9.86 11.06
N VAL A 216 -3.62 9.87 10.46
CA VAL A 216 -3.76 10.32 9.08
C VAL A 216 -3.83 11.84 8.98
N SER A 217 -3.11 12.37 7.97
CA SER A 217 -2.99 13.80 7.66
C SER A 217 -3.78 14.75 8.57
N ASP B 2 34.17 43.43 25.43
CA ASP B 2 35.23 43.01 24.52
C ASP B 2 36.00 41.82 25.13
N ALA B 3 35.88 41.65 26.44
CA ALA B 3 36.53 40.54 27.14
C ALA B 3 36.13 39.21 26.51
N LYS B 4 34.82 39.00 26.38
CA LYS B 4 34.29 37.80 25.77
C LYS B 4 34.86 37.61 24.37
N GLN B 5 35.06 38.71 23.66
CA GLN B 5 35.58 38.67 22.29
C GLN B 5 37.06 38.29 22.27
N ARG B 6 37.84 38.81 23.21
CA ARG B 6 39.25 38.41 23.28
C ARG B 6 39.36 36.93 23.64
N ILE B 7 38.54 36.49 24.58
CA ILE B 7 38.49 35.07 24.95
C ILE B 7 38.15 34.22 23.74
N ALA B 8 37.04 34.56 23.08
CA ALA B 8 36.60 33.83 21.89
C ALA B 8 37.68 33.83 20.82
N ARG B 9 38.31 34.98 20.64
CA ARG B 9 39.38 35.13 19.66
C ARG B 9 40.54 34.19 19.97
N ARG B 10 40.95 34.14 21.24
CA ARG B 10 42.05 33.26 21.65
C ARG B 10 41.69 31.78 21.47
N VAL B 11 40.49 31.40 21.86
CA VAL B 11 40.05 30.02 21.71
C VAL B 11 40.01 29.62 20.24
N ALA B 12 39.57 30.55 19.38
CA ALA B 12 39.51 30.30 17.95
C ALA B 12 40.88 29.94 17.38
N GLN B 13 41.92 30.59 17.92
CA GLN B 13 43.29 30.33 17.48
C GLN B 13 43.80 28.96 17.95
N GLU B 14 43.08 28.34 18.88
CA GLU B 14 43.49 27.04 19.40
C GLU B 14 43.06 25.91 18.47
N LEU B 15 41.97 26.12 17.76
CA LEU B 15 41.40 25.09 16.89
C LEU B 15 42.29 24.84 15.68
N ARG B 16 42.37 23.58 15.27
CA ARG B 16 43.14 23.19 14.09
C ARG B 16 42.24 22.93 12.89
N ASP B 17 42.82 23.12 11.70
CA ASP B 17 42.11 22.94 10.44
C ASP B 17 41.58 21.52 10.31
N GLY B 18 40.27 21.39 10.11
CA GLY B 18 39.63 20.10 9.92
C GLY B 18 39.03 19.50 11.18
N ASP B 19 39.13 20.23 12.28
CA ASP B 19 38.60 19.75 13.57
C ASP B 19 37.08 19.65 13.58
N ILE B 20 36.58 18.62 14.27
CA ILE B 20 35.16 18.52 14.59
C ILE B 20 34.96 19.18 15.94
N VAL B 21 34.17 20.26 15.95
CA VAL B 21 34.06 21.11 17.13
C VAL B 21 32.62 21.20 17.65
N ASN B 22 32.48 21.27 18.97
CA ASN B 22 31.20 21.57 19.60
C ASN B 22 31.26 22.84 20.43
N LEU B 23 30.36 23.79 20.13
CA LEU B 23 30.30 25.05 20.84
C LEU B 23 29.05 25.15 21.71
N GLY B 24 29.24 25.26 23.02
CA GLY B 24 28.13 25.38 23.94
C GLY B 24 27.44 26.72 23.79
N ILE B 25 26.21 26.82 24.28
CA ILE B 25 25.45 28.05 24.21
C ILE B 25 26.09 29.13 25.06
N GLY B 26 26.01 30.37 24.58
CA GLY B 26 26.56 31.51 25.30
C GLY B 26 27.80 32.05 24.64
N LEU B 27 28.87 32.20 25.41
CA LEU B 27 30.13 32.78 24.95
C LEU B 27 30.77 31.93 23.83
N PRO B 28 30.87 30.61 24.01
CA PRO B 28 31.58 29.77 23.04
C PRO B 28 31.11 29.93 21.59
N THR B 29 29.82 30.22 21.39
CA THR B 29 29.29 30.38 20.04
C THR B 29 30.02 31.48 19.28
N MET B 30 30.55 32.45 20.02
CA MET B 30 31.28 33.57 19.43
C MET B 30 32.59 33.11 18.78
N VAL B 31 33.10 31.96 19.20
CA VAL B 31 34.36 31.44 18.68
C VAL B 31 34.29 31.24 17.17
N ALA B 32 33.09 30.94 16.68
CA ALA B 32 32.89 30.71 15.25
C ALA B 32 33.13 31.99 14.44
N ASN B 33 33.12 33.13 15.13
CA ASN B 33 33.24 34.42 14.46
C ASN B 33 34.67 34.95 14.42
N TYR B 34 35.63 34.13 14.83
CA TYR B 34 37.02 34.55 14.91
C TYR B 34 37.99 33.48 14.41
N LEU B 35 37.50 32.57 13.56
CA LEU B 35 38.37 31.54 13.00
C LEU B 35 39.41 32.17 12.07
N PRO B 36 40.70 31.89 12.33
CA PRO B 36 41.73 32.44 11.44
C PRO B 36 41.61 31.94 10.01
N GLU B 37 42.26 32.63 9.08
CA GLU B 37 42.24 32.24 7.67
C GLU B 37 42.93 30.90 7.47
N GLY B 38 42.30 30.03 6.68
CA GLY B 38 42.85 28.72 6.39
C GLY B 38 42.38 27.67 7.37
N ILE B 39 41.71 28.11 8.43
CA ILE B 39 41.15 27.21 9.43
C ILE B 39 39.69 26.92 9.13
N HIS B 40 39.39 25.68 8.78
CA HIS B 40 38.03 25.24 8.49
C HIS B 40 37.64 24.11 9.43
N ILE B 41 36.53 24.32 10.15
CA ILE B 41 36.04 23.34 11.10
C ILE B 41 34.62 22.90 10.73
N THR B 42 34.19 21.80 11.34
CA THR B 42 32.83 21.32 11.19
C THR B 42 32.16 21.36 12.56
N LEU B 43 31.07 22.11 12.66
CA LEU B 43 30.37 22.26 13.93
C LEU B 43 29.31 21.18 14.12
N GLN B 44 29.33 20.57 15.29
CA GLN B 44 28.38 19.52 15.65
C GLN B 44 27.32 20.08 16.58
N SER B 45 26.06 19.75 16.31
CA SER B 45 24.94 20.21 17.13
C SER B 45 24.35 19.02 17.87
N GLU B 46 24.25 19.15 19.19
CA GLU B 46 23.82 18.04 20.05
C GLU B 46 22.49 17.43 19.63
N ASN B 47 21.57 18.28 19.18
CA ASN B 47 20.24 17.82 18.80
C ASN B 47 20.25 16.93 17.56
N GLY B 48 21.42 16.76 16.95
CA GLY B 48 21.63 15.66 16.02
C GLY B 48 21.98 16.01 14.58
N PHE B 49 23.03 16.80 14.38
CA PHE B 49 23.58 16.96 13.03
C PHE B 49 24.98 17.58 13.02
N LEU B 50 25.70 17.32 11.92
CA LEU B 50 27.02 17.88 11.68
C LEU B 50 26.96 18.86 10.52
N GLY B 51 27.76 19.93 10.61
CA GLY B 51 27.79 20.95 9.59
C GLY B 51 26.91 22.13 9.95
N LEU B 52 26.87 22.46 11.24
CA LEU B 52 26.08 23.60 11.72
C LEU B 52 26.63 24.91 11.17
N GLY B 53 25.73 25.83 10.86
CA GLY B 53 26.12 27.13 10.34
C GLY B 53 25.09 28.20 10.61
N PRO B 54 25.36 29.43 10.16
CA PRO B 54 24.43 30.54 10.36
C PRO B 54 23.13 30.34 9.60
N VAL B 55 22.09 31.10 9.98
CA VAL B 55 20.83 31.05 9.27
C VAL B 55 20.98 31.59 7.86
N THR B 56 20.38 30.89 6.90
CA THR B 56 20.27 31.36 5.53
C THR B 56 18.82 31.77 5.33
N THR B 57 17.95 30.77 5.24
CA THR B 57 16.51 30.95 5.35
C THR B 57 16.02 30.07 6.48
N ALA B 58 15.35 30.68 7.46
CA ALA B 58 14.91 29.96 8.65
C ALA B 58 14.01 28.79 8.25
N HIS B 59 14.20 27.67 8.94
CA HIS B 59 13.40 26.48 8.73
C HIS B 59 12.89 25.99 10.09
N PRO B 60 11.57 25.72 10.19
CA PRO B 60 11.02 25.34 11.50
C PRO B 60 11.67 24.12 12.12
N ASP B 61 12.09 23.17 11.30
CA ASP B 61 12.66 21.91 11.78
C ASP B 61 14.19 21.96 11.92
N LEU B 62 14.76 23.16 11.87
CA LEU B 62 16.20 23.34 12.00
C LEU B 62 16.56 24.39 13.05
N VAL B 63 17.08 23.92 14.18
CA VAL B 63 17.47 24.78 15.28
C VAL B 63 18.76 24.29 15.90
N ASN B 64 19.39 25.14 16.72
CA ASN B 64 20.59 24.75 17.45
C ASN B 64 20.23 24.07 18.76
N ALA B 65 21.24 23.74 19.57
CA ALA B 65 21.03 23.06 20.84
C ALA B 65 20.23 23.94 21.80
N GLY B 66 20.18 25.24 21.53
CA GLY B 66 19.44 26.18 22.34
C GLY B 66 18.01 26.36 21.87
N GLY B 67 17.65 25.66 20.79
CA GLY B 67 16.31 25.71 20.25
C GLY B 67 16.04 26.92 19.37
N GLN B 68 17.09 27.69 19.09
CA GLN B 68 16.96 28.87 18.24
C GLN B 68 17.25 28.51 16.78
N PRO B 69 16.58 29.19 15.83
CA PRO B 69 16.75 28.87 14.42
C PRO B 69 18.19 29.04 13.94
N CYS B 70 18.70 28.05 13.21
CA CYS B 70 20.05 28.10 12.67
C CYS B 70 20.03 27.67 11.21
N GLY B 71 21.20 27.33 10.68
CA GLY B 71 21.31 26.85 9.33
C GLY B 71 22.35 25.74 9.23
N VAL B 72 22.65 25.33 8.01
CA VAL B 72 23.65 24.31 7.75
C VAL B 72 24.51 24.68 6.54
N LEU B 73 25.68 24.07 6.46
CA LEU B 73 26.57 24.27 5.32
C LEU B 73 26.48 23.06 4.39
N PRO B 74 27.00 23.19 3.16
CA PRO B 74 27.00 22.05 2.23
C PRO B 74 27.71 20.83 2.79
N GLY B 75 27.08 19.67 2.68
CA GLY B 75 27.65 18.42 3.17
C GLY B 75 27.24 18.12 4.60
N ALA B 76 26.24 18.84 5.09
CA ALA B 76 25.74 18.61 6.44
C ALA B 76 25.06 17.25 6.51
N ALA B 77 25.11 16.63 7.69
CA ALA B 77 24.51 15.32 7.90
C ALA B 77 23.59 15.31 9.12
N MET B 78 22.44 14.66 8.96
CA MET B 78 21.48 14.52 10.04
C MET B 78 21.55 13.13 10.67
N PHE B 79 21.30 13.05 11.97
CA PHE B 79 21.27 11.76 12.67
C PHE B 79 20.52 11.92 14.00
N ASP B 80 20.14 10.79 14.62
CA ASP B 80 19.38 10.85 15.87
C ASP B 80 20.30 11.12 17.06
N SER B 81 19.69 11.22 18.23
CA SER B 81 20.41 11.61 19.45
C SER B 81 21.37 10.54 19.95
N ALA B 82 21.03 9.27 19.74
CA ALA B 82 21.91 8.18 20.14
C ALA B 82 23.21 8.26 19.36
N MET B 83 23.10 8.47 18.06
CA MET B 83 24.26 8.66 17.20
C MET B 83 25.03 9.91 17.61
N SER B 84 24.29 10.98 17.90
CA SER B 84 24.90 12.25 18.28
C SER B 84 25.83 12.07 19.47
N PHE B 85 25.33 11.45 20.53
CA PHE B 85 26.11 11.27 21.74
C PHE B 85 27.01 10.04 21.67
N ALA B 86 26.80 9.20 20.65
CA ALA B 86 27.79 8.20 20.30
C ALA B 86 29.04 8.91 19.77
N LEU B 87 28.82 9.92 18.91
CA LEU B 87 29.91 10.75 18.40
C LEU B 87 30.56 11.54 19.53
N ILE B 88 29.74 12.23 20.33
CA ILE B 88 30.24 13.08 21.41
C ILE B 88 31.01 12.27 22.46
N ARG B 89 30.44 11.15 22.88
CA ARG B 89 31.02 10.32 23.92
C ARG B 89 32.14 9.45 23.37
N GLY B 90 32.07 9.14 22.08
CA GLY B 90 32.99 8.22 21.46
C GLY B 90 34.34 8.82 21.07
N GLY B 91 34.52 10.10 21.35
CA GLY B 91 35.79 10.76 21.09
C GLY B 91 35.94 11.21 19.65
N HIS B 92 34.81 11.44 18.99
CA HIS B 92 34.81 11.89 17.60
C HIS B 92 34.72 13.40 17.52
N ILE B 93 34.56 14.04 18.67
CA ILE B 93 34.66 15.50 18.77
C ILE B 93 36.08 15.85 19.16
N ASP B 94 36.79 16.51 18.25
CA ASP B 94 38.18 16.87 18.49
C ASP B 94 38.29 17.90 19.61
N ALA B 95 37.30 18.80 19.68
CA ALA B 95 37.32 19.86 20.68
C ALA B 95 35.93 20.35 21.02
N CYS B 96 35.67 20.55 22.31
CA CYS B 96 34.45 21.23 22.74
C CYS B 96 34.84 22.48 23.50
N VAL B 97 34.12 23.56 23.22
CA VAL B 97 34.32 24.83 23.93
C VAL B 97 33.05 25.11 24.72
N LEU B 98 33.18 25.13 26.05
CA LEU B 98 32.04 25.36 26.94
C LEU B 98 32.29 26.51 27.89
N GLY B 99 31.22 27.11 28.38
CA GLY B 99 31.30 28.12 29.40
C GLY B 99 31.61 27.48 30.74
N GLY B 100 31.75 28.30 31.77
CA GLY B 100 32.05 27.79 33.09
C GLY B 100 31.61 28.70 34.22
N LEU B 101 31.20 28.07 35.32
CA LEU B 101 30.92 28.80 36.54
C LEU B 101 32.15 28.70 37.44
N GLN B 102 32.76 27.53 37.45
CA GLN B 102 33.95 27.28 38.27
C GLN B 102 34.85 26.21 37.67
N VAL B 103 36.15 26.40 37.84
CA VAL B 103 37.17 25.41 37.48
C VAL B 103 38.20 25.40 38.60
N ASP B 104 38.80 24.24 38.88
CA ASP B 104 39.81 24.17 39.93
C ASP B 104 41.09 23.45 39.52
N GLU B 105 42.06 23.45 40.44
CA GLU B 105 43.39 22.91 40.19
C GLU B 105 43.37 21.43 39.84
N GLU B 106 42.30 20.73 40.24
CA GLU B 106 42.14 19.32 39.93
C GLU B 106 41.42 19.13 38.60
N ALA B 107 41.31 20.22 37.84
CA ALA B 107 40.68 20.21 36.52
C ALA B 107 39.20 19.82 36.56
N ASN B 108 38.59 19.93 37.74
CA ASN B 108 37.15 19.70 37.85
C ASN B 108 36.38 20.86 37.24
N LEU B 109 35.15 20.61 36.80
CA LEU B 109 34.32 21.63 36.17
C LEU B 109 32.93 21.67 36.77
N ALA B 110 32.41 22.88 36.93
CA ALA B 110 31.03 23.12 37.30
C ALA B 110 30.45 24.20 36.38
N ASN B 111 29.41 23.87 35.63
CA ASN B 111 28.85 24.82 34.67
C ASN B 111 27.41 24.51 34.27
N TRP B 112 26.67 23.85 35.15
CA TRP B 112 25.28 23.50 34.86
C TRP B 112 24.31 23.88 35.97
N VAL B 113 24.82 24.28 37.13
CA VAL B 113 23.95 24.68 38.21
C VAL B 113 24.66 25.55 39.25
N VAL B 114 23.93 26.58 39.70
CA VAL B 114 24.38 27.45 40.78
C VAL B 114 23.45 27.24 41.98
N PRO B 115 24.01 26.91 43.15
CA PRO B 115 23.15 26.75 44.33
C PRO B 115 22.40 28.04 44.67
N GLY B 116 21.09 27.94 44.90
CA GLY B 116 20.27 29.08 45.21
C GLY B 116 19.45 29.58 44.04
N LYS B 117 19.88 29.24 42.83
CA LYS B 117 19.14 29.56 41.61
C LYS B 117 18.46 28.31 41.07
N MET B 118 17.47 28.49 40.20
CA MET B 118 16.72 27.36 39.65
C MET B 118 17.63 26.49 38.81
N VAL B 119 17.44 25.17 38.93
CA VAL B 119 18.27 24.20 38.24
C VAL B 119 17.80 24.04 36.79
N PRO B 120 18.67 24.32 35.82
CA PRO B 120 18.25 24.22 34.41
C PRO B 120 18.44 22.82 33.83
N GLY B 121 19.31 22.02 34.44
CA GLY B 121 19.65 20.70 33.94
C GLY B 121 21.03 20.73 33.31
N MET B 122 21.64 19.56 33.13
CA MET B 122 22.99 19.49 32.61
C MET B 122 22.99 19.40 31.08
N GLY B 123 21.88 18.96 30.51
CA GLY B 123 21.80 18.77 29.08
C GLY B 123 22.84 17.76 28.61
N GLY B 124 23.68 18.18 27.67
CA GLY B 124 24.71 17.32 27.12
C GLY B 124 26.11 17.74 27.55
N ALA B 125 26.18 18.61 28.54
CA ALA B 125 27.47 19.16 28.97
C ALA B 125 28.36 18.08 29.56
N MET B 126 27.78 17.23 30.39
CA MET B 126 28.55 16.17 31.03
C MET B 126 29.16 15.24 29.98
N ASP B 127 28.35 14.76 29.05
CA ASP B 127 28.86 13.89 27.98
C ASP B 127 29.96 14.61 27.17
N LEU B 128 29.73 15.88 26.87
CA LEU B 128 30.68 16.66 26.09
C LEU B 128 32.05 16.76 26.76
N VAL B 129 32.09 17.04 28.07
CA VAL B 129 33.37 17.20 28.75
C VAL B 129 34.09 15.88 29.07
N THR B 130 33.37 14.76 29.22
CA THR B 130 34.05 13.46 29.39
C THR B 130 34.49 12.89 28.05
N GLY B 131 33.75 13.22 26.99
CA GLY B 131 33.97 12.59 25.69
C GLY B 131 34.89 13.33 24.74
N SER B 132 34.86 14.66 24.77
CA SER B 132 35.64 15.45 23.82
C SER B 132 37.14 15.22 24.01
N ARG B 133 37.89 15.18 22.92
CA ARG B 133 39.33 14.98 23.00
C ARG B 133 40.01 16.17 23.68
N LYS B 134 39.51 17.37 23.43
CA LYS B 134 39.99 18.56 24.09
C LYS B 134 38.85 19.37 24.67
N VAL B 135 38.91 19.60 25.98
CA VAL B 135 37.89 20.35 26.69
C VAL B 135 38.42 21.76 26.95
N ILE B 136 37.87 22.72 26.21
CA ILE B 136 38.26 24.12 26.37
C ILE B 136 37.17 24.86 27.10
N ILE B 137 37.55 25.51 28.20
CA ILE B 137 36.61 26.33 28.98
C ILE B 137 36.87 27.80 28.69
N ALA B 138 35.82 28.48 28.20
CA ALA B 138 35.88 29.90 27.89
C ALA B 138 35.07 30.62 28.95
N MET B 139 35.75 31.42 29.76
CA MET B 139 35.13 31.99 30.95
C MET B 139 35.76 33.31 31.36
N GLU B 140 34.97 34.21 31.96
CA GLU B 140 35.52 35.40 32.57
C GLU B 140 36.29 34.97 33.81
N HIS B 141 37.32 35.71 34.18
CA HIS B 141 38.18 35.28 35.29
C HIS B 141 37.40 35.30 36.61
N CYS B 142 36.67 36.37 36.86
CA CYS B 142 35.91 36.52 38.10
C CYS B 142 34.42 36.72 37.80
N ALA B 143 33.58 36.42 38.80
CA ALA B 143 32.13 36.60 38.65
C ALA B 143 31.77 38.07 38.72
N LYS B 144 30.50 38.37 38.48
CA LYS B 144 30.04 39.75 38.45
C LYS B 144 30.02 40.39 39.84
N ASP B 145 29.98 39.56 40.88
CA ASP B 145 30.01 40.06 42.25
C ASP B 145 31.44 40.24 42.75
N GLY B 146 32.41 39.79 41.95
CA GLY B 146 33.81 39.93 42.30
C GLY B 146 34.43 38.66 42.87
N SER B 147 33.60 37.65 43.10
CA SER B 147 34.10 36.40 43.67
C SER B 147 34.95 35.62 42.68
N ALA B 148 35.89 34.83 43.19
CA ALA B 148 36.77 34.02 42.36
C ALA B 148 36.00 32.87 41.72
N LYS B 149 36.41 32.48 40.51
CA LYS B 149 35.78 31.36 39.83
C LYS B 149 36.80 30.24 39.57
N ILE B 150 38.08 30.59 39.56
CA ILE B 150 39.15 29.62 39.43
C ILE B 150 39.68 29.27 40.83
N LEU B 151 39.21 28.15 41.37
CA LEU B 151 39.38 27.83 42.79
C LEU B 151 40.28 26.63 43.07
N ARG B 152 40.53 26.37 44.35
CA ARG B 152 41.23 25.16 44.77
C ARG B 152 40.33 23.94 44.59
N ARG B 153 39.05 24.14 44.89
CA ARG B 153 38.06 23.09 44.77
C ARG B 153 36.71 23.72 44.50
N CYS B 154 36.02 23.25 43.46
CA CYS B 154 34.71 23.78 43.12
C CYS B 154 33.76 23.61 44.30
N THR B 155 32.98 24.65 44.59
CA THR B 155 32.01 24.59 45.68
C THR B 155 30.63 24.29 45.10
N MET B 156 30.45 24.59 43.82
CA MET B 156 29.20 24.31 43.12
C MET B 156 29.22 22.87 42.60
N PRO B 157 28.03 22.32 42.31
CA PRO B 157 27.94 20.93 41.80
C PRO B 157 28.72 20.73 40.51
N LEU B 158 29.55 19.69 40.48
CA LEU B 158 30.41 19.43 39.35
C LEU B 158 29.64 18.99 38.11
N THR B 159 30.14 19.43 36.96
CA THR B 159 29.70 18.88 35.67
C THR B 159 30.47 17.59 35.44
N ALA B 160 31.75 17.61 35.81
CA ALA B 160 32.61 16.45 35.71
C ALA B 160 33.86 16.66 36.55
N GLN B 161 34.62 15.59 36.75
CA GLN B 161 35.86 15.67 37.51
C GLN B 161 37.06 15.38 36.60
N HIS B 162 38.12 16.17 36.77
CA HIS B 162 39.38 15.96 36.05
C HIS B 162 39.21 15.93 34.54
N ALA B 163 38.41 16.85 34.01
CA ALA B 163 38.03 16.81 32.59
C ALA B 163 38.59 17.98 31.77
N VAL B 164 38.92 19.09 32.43
CA VAL B 164 39.35 20.30 31.72
C VAL B 164 40.81 20.21 31.26
N HIS B 165 41.04 20.56 30.00
CA HIS B 165 42.40 20.59 29.43
C HIS B 165 42.93 22.01 29.32
N MET B 166 42.05 22.94 28.97
CA MET B 166 42.44 24.32 28.71
C MET B 166 41.41 25.29 29.28
N LEU B 167 41.89 26.28 30.03
CA LEU B 167 41.04 27.33 30.58
C LEU B 167 41.48 28.68 30.02
N VAL B 168 40.57 29.36 29.34
CA VAL B 168 40.86 30.64 28.70
C VAL B 168 40.00 31.76 29.27
N THR B 169 40.66 32.75 29.88
CA THR B 169 39.99 33.94 30.39
C THR B 169 40.54 35.17 29.69
N GLU B 170 39.95 36.32 29.98
CA GLU B 170 40.40 37.57 29.37
C GLU B 170 41.69 38.04 30.03
N LEU B 171 42.14 37.33 31.06
CA LEU B 171 43.36 37.69 31.76
C LEU B 171 44.51 36.73 31.48
N ALA B 172 44.19 35.46 31.23
CA ALA B 172 45.23 34.44 31.11
C ALA B 172 44.75 33.14 30.45
N VAL B 173 45.72 32.31 30.06
CA VAL B 173 45.44 30.96 29.57
C VAL B 173 46.13 29.91 30.46
N PHE B 174 45.32 29.01 31.00
CA PHE B 174 45.81 27.89 31.81
C PHE B 174 45.70 26.58 31.06
N ARG B 175 46.64 25.66 31.29
CA ARG B 175 46.56 24.32 30.74
C ARG B 175 46.74 23.28 31.84
N PHE B 176 45.96 22.20 31.77
CA PHE B 176 46.10 21.08 32.70
C PHE B 176 46.86 19.93 32.04
N ILE B 177 48.07 19.69 32.53
CA ILE B 177 48.96 18.69 31.94
C ILE B 177 49.45 17.71 33.01
N ASP B 178 49.09 16.45 32.84
CA ASP B 178 49.47 15.39 33.78
C ASP B 178 49.07 15.74 35.22
N GLY B 179 47.83 16.17 35.39
CA GLY B 179 47.29 16.43 36.71
C GLY B 179 47.56 17.83 37.24
N LYS B 180 48.66 18.43 36.78
CA LYS B 180 49.08 19.75 37.26
C LYS B 180 48.58 20.89 36.39
N MET B 181 48.31 22.01 37.04
CA MET B 181 47.79 23.20 36.39
C MET B 181 48.91 24.17 36.07
N TRP B 182 48.97 24.61 34.81
CA TRP B 182 50.04 25.49 34.33
C TRP B 182 49.48 26.80 33.77
N LEU B 183 50.03 27.91 34.25
CA LEU B 183 49.77 29.20 33.64
C LEU B 183 50.69 29.35 32.43
N THR B 184 50.11 29.27 31.24
CA THR B 184 50.89 29.24 30.01
C THR B 184 50.92 30.58 29.26
N GLU B 185 49.86 31.38 29.42
CA GLU B 185 49.83 32.71 28.82
C GLU B 185 49.19 33.75 29.75
N ILE B 186 49.67 34.99 29.64
CA ILE B 186 49.09 36.13 30.31
C ILE B 186 48.67 37.15 29.28
N ALA B 187 47.50 37.76 29.47
CA ALA B 187 46.97 38.72 28.50
C ALA B 187 47.73 40.03 28.57
N ASP B 188 47.81 40.73 27.43
CA ASP B 188 48.50 42.01 27.37
C ASP B 188 47.81 43.05 28.26
N GLY B 189 48.61 43.83 28.97
CA GLY B 189 48.10 44.82 29.90
C GLY B 189 47.88 44.24 31.28
N CYS B 190 48.20 42.95 31.43
CA CYS B 190 48.05 42.25 32.70
C CYS B 190 49.40 41.68 33.11
N ASP B 191 49.55 41.39 34.41
CA ASP B 191 50.77 40.82 34.95
C ASP B 191 50.49 39.59 35.81
N LEU B 192 51.55 38.87 36.17
CA LEU B 192 51.42 37.64 36.94
C LEU B 192 50.79 37.85 38.31
N ALA B 193 51.10 38.97 38.94
CA ALA B 193 50.61 39.25 40.29
C ALA B 193 49.10 39.46 40.33
N THR B 194 48.57 40.11 39.29
CA THR B 194 47.13 40.33 39.21
C THR B 194 46.39 39.02 39.04
N VAL B 195 46.92 38.15 38.17
CA VAL B 195 46.33 36.84 37.94
C VAL B 195 46.38 36.02 39.22
N ARG B 196 47.52 36.05 39.90
CA ARG B 196 47.69 35.35 41.16
C ARG B 196 46.66 35.85 42.18
N ALA B 197 46.52 37.17 42.26
CA ALA B 197 45.58 37.80 43.18
C ALA B 197 44.14 37.42 42.84
N LYS B 198 43.83 37.30 41.56
CA LYS B 198 42.48 37.03 41.10
C LYS B 198 42.20 35.53 40.96
N THR B 199 43.15 34.70 41.40
CA THR B 199 43.04 33.25 41.29
C THR B 199 43.35 32.53 42.61
N GLU B 200 42.41 31.70 43.06
CA GLU B 200 42.61 30.93 44.30
C GLU B 200 43.27 29.59 44.01
N ALA B 201 43.18 29.12 42.77
CA ALA B 201 43.80 27.86 42.38
C ALA B 201 45.32 27.94 42.47
N ARG B 202 45.93 26.84 42.90
CA ARG B 202 47.38 26.72 42.90
C ARG B 202 47.86 26.31 41.51
N PHE B 203 48.81 27.06 40.96
CA PHE B 203 49.34 26.77 39.63
C PHE B 203 50.81 27.15 39.51
N GLU B 204 51.53 26.43 38.67
CA GLU B 204 52.92 26.75 38.37
C GLU B 204 52.98 27.57 37.09
N VAL B 205 53.93 28.49 37.02
CA VAL B 205 54.08 29.36 35.86
C VAL B 205 55.15 28.78 34.93
N ALA B 206 54.84 28.75 33.63
CA ALA B 206 55.79 28.28 32.63
C ALA B 206 57.03 29.16 32.61
N ALA B 207 58.20 28.53 32.57
CA ALA B 207 59.46 29.26 32.57
C ALA B 207 59.63 30.07 31.30
N ASP B 208 59.20 29.49 30.18
CA ASP B 208 59.33 30.13 28.87
C ASP B 208 58.09 30.93 28.53
N LEU B 209 57.55 31.64 29.52
CA LEU B 209 56.38 32.49 29.32
C LEU B 209 56.67 33.61 28.33
N ASN B 210 55.73 33.84 27.42
CA ASN B 210 55.85 34.89 26.41
C ASN B 210 57.11 34.72 25.56
N THR B 211 57.25 33.57 24.91
CA THR B 211 58.36 33.32 23.99
C THR B 211 57.85 32.67 22.72
N GLN B 212 58.57 32.88 21.62
CA GLN B 212 58.15 32.35 20.34
C GLN B 212 58.36 30.84 20.31
N ARG B 213 57.48 30.11 19.62
CA ARG B 213 57.64 28.68 19.42
C ARG B 213 57.58 28.33 17.93
N GLY B 214 58.18 27.20 17.56
CA GLY B 214 58.21 26.77 16.18
C GLY B 214 56.84 26.47 15.62
N LYS C 3 43.49 20.75 1.37
CA LYS C 3 43.39 19.47 2.07
C LYS C 3 42.39 18.56 1.38
N THR C 4 42.67 17.25 1.39
CA THR C 4 41.80 16.27 0.78
C THR C 4 41.84 14.93 1.49
N LYS C 5 40.73 14.20 1.44
CA LYS C 5 40.62 12.86 1.99
C LYS C 5 40.87 11.80 0.91
N LEU C 6 40.91 12.25 -0.34
CA LEU C 6 41.11 11.36 -1.48
C LEU C 6 42.53 10.81 -1.49
N MET C 7 42.66 9.51 -1.69
CA MET C 7 43.96 8.86 -1.71
C MET C 7 43.97 7.65 -2.64
N THR C 8 45.12 7.33 -3.21
CA THR C 8 45.25 6.17 -4.10
C THR C 8 45.33 4.89 -3.29
N LEU C 9 45.07 3.76 -3.94
CA LEU C 9 45.14 2.48 -3.28
C LEU C 9 46.58 2.16 -2.87
N GLN C 10 47.53 2.53 -3.72
CA GLN C 10 48.94 2.27 -3.46
C GLN C 10 49.45 3.01 -2.22
N ASP C 11 48.98 4.23 -2.02
CA ASP C 11 49.36 5.00 -0.83
C ASP C 11 48.69 4.44 0.42
N ALA C 12 47.49 3.92 0.25
CA ALA C 12 46.72 3.38 1.37
C ALA C 12 47.42 2.20 2.04
N THR C 13 48.20 1.46 1.25
CA THR C 13 48.92 0.29 1.77
C THR C 13 49.89 0.68 2.89
N GLY C 14 50.23 1.96 2.95
CA GLY C 14 51.13 2.47 3.98
C GLY C 14 50.55 2.30 5.37
N PHE C 15 49.23 2.10 5.45
CA PHE C 15 48.55 1.94 6.73
C PHE C 15 48.63 0.51 7.24
N PHE C 16 48.98 -0.43 6.37
CA PHE C 16 49.05 -1.84 6.74
C PHE C 16 50.38 -2.19 7.41
N ARG C 17 50.30 -3.01 8.45
CA ARG C 17 51.48 -3.45 9.17
C ARG C 17 51.19 -4.73 9.94
N ASP C 18 52.24 -5.46 10.28
CA ASP C 18 52.11 -6.74 10.98
C ASP C 18 51.53 -6.56 12.37
N GLY C 19 50.76 -7.55 12.82
CA GLY C 19 50.24 -7.55 14.19
C GLY C 19 49.07 -6.62 14.37
N MET C 20 48.65 -5.98 13.28
CA MET C 20 47.61 -4.97 13.33
C MET C 20 46.22 -5.60 13.47
N THR C 21 45.33 -4.90 14.18
CA THR C 21 43.94 -5.33 14.30
C THR C 21 43.08 -4.54 13.32
N ILE C 22 42.31 -5.25 12.50
CA ILE C 22 41.52 -4.62 11.45
C ILE C 22 40.08 -5.08 11.48
N MET C 23 39.17 -4.10 11.46
CA MET C 23 37.74 -4.37 11.29
C MET C 23 37.43 -4.28 9.80
N VAL C 24 36.66 -5.26 9.30
CA VAL C 24 36.29 -5.30 7.90
C VAL C 24 34.79 -5.43 7.74
N GLY C 25 34.19 -4.53 6.96
CA GLY C 25 32.76 -4.54 6.75
C GLY C 25 32.34 -5.67 5.83
N GLY C 26 31.04 -5.98 5.84
CA GLY C 26 30.48 -6.98 4.95
C GLY C 26 29.82 -8.14 5.67
N PHE C 27 28.73 -8.61 5.08
CA PHE C 27 28.02 -9.80 5.57
C PHE C 27 28.10 -10.88 4.49
N MET C 28 28.81 -11.96 4.79
CA MET C 28 29.07 -13.03 3.83
C MET C 28 29.76 -12.45 2.59
N GLY C 29 30.64 -11.49 2.81
CA GLY C 29 31.38 -10.85 1.74
C GLY C 29 30.64 -9.67 1.13
N ILE C 30 29.32 -9.62 1.32
CA ILE C 30 28.50 -8.55 0.77
C ILE C 30 28.60 -7.30 1.63
N GLY C 31 29.36 -6.32 1.12
CA GLY C 31 29.63 -5.10 1.85
C GLY C 31 31.11 -4.99 2.20
N THR C 32 31.92 -5.90 1.65
CA THR C 32 33.36 -5.88 1.87
C THR C 32 34.06 -5.07 0.77
N PRO C 33 35.01 -4.20 1.14
CA PRO C 33 35.79 -3.47 0.13
C PRO C 33 36.84 -4.35 -0.54
N SER C 34 36.57 -4.79 -1.76
CA SER C 34 37.42 -5.76 -2.45
C SER C 34 38.84 -5.25 -2.68
N ARG C 35 38.96 -4.04 -3.21
CA ARG C 35 40.27 -3.49 -3.55
C ARG C 35 41.15 -3.30 -2.33
N LEU C 36 40.54 -2.90 -1.21
CA LEU C 36 41.26 -2.72 0.03
C LEU C 36 41.78 -4.06 0.57
N VAL C 37 40.97 -5.11 0.45
CA VAL C 37 41.36 -6.43 0.90
C VAL C 37 42.49 -6.96 0.01
N GLU C 38 42.36 -6.71 -1.30
CA GLU C 38 43.40 -7.12 -2.24
C GLU C 38 44.70 -6.35 -1.99
N ALA C 39 44.57 -5.07 -1.67
CA ALA C 39 45.73 -4.26 -1.32
C ALA C 39 46.36 -4.72 -0.02
N LEU C 40 45.52 -5.10 0.94
CA LEU C 40 46.00 -5.62 2.21
C LEU C 40 46.70 -6.96 2.02
N LEU C 41 46.18 -7.78 1.12
CA LEU C 41 46.81 -9.05 0.79
C LEU C 41 48.12 -8.82 0.06
N GLU C 42 48.10 -7.87 -0.87
CA GLU C 42 49.28 -7.59 -1.69
C GLU C 42 50.41 -6.98 -0.87
N SER C 43 50.07 -6.32 0.23
CA SER C 43 51.07 -5.68 1.08
C SER C 43 51.98 -6.73 1.73
N GLY C 44 51.44 -7.91 1.98
CA GLY C 44 52.22 -9.01 2.54
C GLY C 44 52.26 -9.04 4.05
N VAL C 45 51.49 -8.16 4.70
CA VAL C 45 51.48 -8.10 6.16
C VAL C 45 50.85 -9.36 6.76
N ARG C 46 51.37 -9.77 7.91
CA ARG C 46 50.96 -10.99 8.58
C ARG C 46 50.58 -10.75 10.02
N ASP C 47 50.22 -11.83 10.71
CA ASP C 47 49.92 -11.79 12.15
C ASP C 47 48.73 -10.87 12.42
N LEU C 48 47.84 -10.76 11.44
CA LEU C 48 46.69 -9.86 11.57
C LEU C 48 45.63 -10.41 12.51
N THR C 49 44.90 -9.50 13.16
CA THR C 49 43.70 -9.85 13.90
C THR C 49 42.51 -9.22 13.19
N LEU C 50 41.71 -10.04 12.53
CA LEU C 50 40.56 -9.55 11.77
C LEU C 50 39.28 -9.64 12.57
N ILE C 51 38.49 -8.57 12.51
CA ILE C 51 37.16 -8.54 13.11
C ILE C 51 36.13 -8.29 12.01
N ALA C 52 35.19 -9.22 11.88
CA ALA C 52 34.14 -9.13 10.88
C ALA C 52 33.00 -10.03 11.28
N ASN C 53 31.85 -9.87 10.64
CA ASN C 53 30.69 -10.68 10.95
C ASN C 53 30.96 -12.15 10.72
N ASP C 54 31.76 -12.44 9.70
CA ASP C 54 32.07 -13.81 9.31
C ASP C 54 33.35 -13.85 8.49
N THR C 55 33.74 -15.06 8.08
CA THR C 55 34.94 -15.26 7.27
C THR C 55 34.57 -15.48 5.81
N ALA C 56 33.29 -15.27 5.49
CA ALA C 56 32.80 -15.30 4.12
C ALA C 56 33.13 -16.62 3.42
N PHE C 57 33.34 -16.56 2.12
CA PHE C 57 33.76 -17.71 1.33
C PHE C 57 35.25 -17.61 1.00
N VAL C 58 35.80 -18.64 0.37
CA VAL C 58 37.23 -18.70 0.09
C VAL C 58 37.72 -17.56 -0.82
N ASP C 59 36.91 -17.15 -1.78
CA ASP C 59 37.33 -16.18 -2.78
C ASP C 59 36.71 -14.79 -2.59
N THR C 60 36.02 -14.60 -1.46
CA THR C 60 35.39 -13.30 -1.18
C THR C 60 35.59 -12.90 0.27
N GLY C 61 35.19 -11.66 0.58
CA GLY C 61 35.35 -11.12 1.92
C GLY C 61 36.80 -11.16 2.38
N ILE C 62 36.99 -11.50 3.64
CA ILE C 62 38.33 -11.64 4.22
C ILE C 62 38.90 -13.03 3.99
N GLY C 63 38.21 -13.82 3.17
CA GLY C 63 38.63 -15.18 2.89
C GLY C 63 40.06 -15.30 2.41
N PRO C 64 40.40 -14.60 1.30
CA PRO C 64 41.75 -14.62 0.73
C PRO C 64 42.85 -14.34 1.76
N LEU C 65 42.57 -13.46 2.72
CA LEU C 65 43.54 -13.15 3.77
C LEU C 65 43.76 -14.35 4.68
N ILE C 66 42.70 -15.11 4.94
CA ILE C 66 42.76 -16.29 5.78
C ILE C 66 43.45 -17.43 5.05
N VAL C 67 43.11 -17.59 3.77
CA VAL C 67 43.67 -18.67 2.95
C VAL C 67 45.19 -18.54 2.83
N ASN C 68 45.66 -17.31 2.70
CA ASN C 68 47.10 -17.07 2.54
C ASN C 68 47.83 -16.93 3.86
N GLY C 69 47.18 -17.33 4.95
CA GLY C 69 47.83 -17.36 6.25
C GLY C 69 48.37 -16.00 6.68
N ARG C 70 47.58 -14.96 6.48
CA ARG C 70 47.98 -13.61 6.87
C ARG C 70 47.33 -13.21 8.19
N VAL C 71 46.50 -14.11 8.72
CA VAL C 71 45.74 -13.85 9.94
C VAL C 71 46.08 -14.87 11.02
N ARG C 72 46.31 -14.40 12.24
CA ARG C 72 46.61 -15.28 13.37
C ARG C 72 45.40 -15.40 14.29
N LYS C 73 44.55 -14.38 14.29
CA LYS C 73 43.36 -14.36 15.13
C LYS C 73 42.14 -13.81 14.39
N VAL C 74 40.99 -14.46 14.61
CA VAL C 74 39.73 -14.01 14.04
C VAL C 74 38.68 -13.85 15.13
N ILE C 75 37.91 -12.77 15.05
CA ILE C 75 36.76 -12.56 15.91
C ILE C 75 35.53 -12.39 15.03
N ALA C 76 34.59 -13.32 15.15
CA ALA C 76 33.41 -13.33 14.28
C ALA C 76 32.29 -14.16 14.89
N SER C 77 31.19 -14.29 14.15
CA SER C 77 30.02 -15.00 14.63
C SER C 77 29.76 -16.29 13.85
N HIS C 78 30.30 -16.38 12.63
CA HIS C 78 30.07 -17.54 11.78
C HIS C 78 31.25 -17.79 10.85
N ILE C 79 31.60 -19.07 10.67
CA ILE C 79 32.74 -19.45 9.84
C ILE C 79 32.45 -20.68 8.98
N GLY C 80 31.17 -21.08 8.93
CA GLY C 80 30.78 -22.32 8.30
C GLY C 80 31.02 -22.39 6.80
N THR C 81 30.86 -21.26 6.11
CA THR C 81 30.97 -21.24 4.66
C THR C 81 32.42 -21.15 4.19
N ASN C 82 33.36 -21.15 5.14
CA ASN C 82 34.79 -21.16 4.82
C ASN C 82 35.51 -22.29 5.55
N PRO C 83 35.66 -23.45 4.90
CA PRO C 83 36.31 -24.59 5.57
C PRO C 83 37.75 -24.28 6.00
N GLU C 84 38.39 -23.33 5.32
CA GLU C 84 39.77 -22.97 5.63
C GLU C 84 39.87 -22.41 7.04
N THR C 85 38.92 -21.55 7.39
CA THR C 85 38.86 -21.00 8.74
C THR C 85 38.79 -22.12 9.77
N GLY C 86 37.89 -23.06 9.56
CA GLY C 86 37.71 -24.19 10.46
C GLY C 86 38.95 -25.06 10.61
N ARG C 87 39.57 -25.41 9.49
CA ARG C 87 40.78 -26.22 9.53
C ARG C 87 41.92 -25.52 10.28
N ARG C 88 42.15 -24.25 10.00
CA ARG C 88 43.21 -23.51 10.68
C ARG C 88 42.83 -23.33 12.16
N MET C 89 41.54 -23.30 12.44
CA MET C 89 41.05 -23.27 13.83
C MET C 89 41.38 -24.57 14.55
N ILE C 90 41.05 -25.69 13.92
CA ILE C 90 41.30 -27.01 14.49
C ILE C 90 42.79 -27.29 14.62
N SER C 91 43.53 -27.02 13.56
CA SER C 91 44.97 -27.30 13.53
C SER C 91 45.70 -26.54 14.63
N GLY C 92 45.32 -25.27 14.82
CA GLY C 92 45.95 -24.43 15.82
C GLY C 92 46.66 -23.25 15.20
N GLU C 93 46.75 -23.24 13.87
CA GLU C 93 47.43 -22.18 13.13
C GLU C 93 46.76 -20.82 13.34
N MET C 94 45.48 -20.85 13.70
CA MET C 94 44.68 -19.64 13.82
C MET C 94 43.78 -19.68 15.05
N ASP C 95 43.73 -18.57 15.77
CA ASP C 95 42.85 -18.43 16.92
C ASP C 95 41.52 -17.90 16.43
N VAL C 96 40.42 -18.46 16.92
CA VAL C 96 39.10 -18.04 16.48
C VAL C 96 38.19 -17.80 17.69
N VAL C 97 37.58 -16.61 17.72
CA VAL C 97 36.65 -16.26 18.78
C VAL C 97 35.26 -16.12 18.20
N LEU C 98 34.41 -17.10 18.50
CA LEU C 98 33.04 -17.11 18.01
C LEU C 98 32.12 -16.40 18.99
N VAL C 99 31.59 -15.25 18.55
CA VAL C 99 30.74 -14.41 19.38
C VAL C 99 29.35 -14.32 18.76
N PRO C 100 28.29 -14.35 19.59
CA PRO C 100 26.96 -14.12 19.04
C PRO C 100 26.89 -12.81 18.27
N GLN C 101 26.27 -12.86 17.09
CA GLN C 101 26.25 -11.73 16.17
C GLN C 101 25.75 -10.45 16.83
N GLY C 102 24.61 -10.53 17.50
CA GLY C 102 24.05 -9.40 18.20
C GLY C 102 24.96 -8.85 19.28
N THR C 103 25.74 -9.72 19.90
CA THR C 103 26.70 -9.30 20.92
C THR C 103 27.89 -8.61 20.28
N LEU C 104 28.43 -9.24 19.24
CA LEU C 104 29.60 -8.73 18.53
C LEU C 104 29.36 -7.31 18.03
N ILE C 105 28.23 -7.09 17.35
CA ILE C 105 27.92 -5.78 16.81
C ILE C 105 27.76 -4.74 17.92
N GLU C 106 27.22 -5.15 19.06
CA GLU C 106 27.07 -4.25 20.20
C GLU C 106 28.42 -3.95 20.86
N GLN C 107 29.33 -4.92 20.83
CA GLN C 107 30.68 -4.69 21.31
C GLN C 107 31.36 -3.63 20.44
N ILE C 108 31.23 -3.79 19.14
CA ILE C 108 31.76 -2.82 18.18
C ILE C 108 31.13 -1.44 18.40
N ARG C 109 29.81 -1.41 18.55
CA ARG C 109 29.11 -0.16 18.81
C ARG C 109 29.60 0.52 20.09
N CYS C 110 29.78 -0.28 21.14
CA CYS C 110 30.31 0.23 22.41
C CYS C 110 31.69 0.84 22.20
N GLY C 111 32.54 0.12 21.48
CA GLY C 111 33.87 0.60 21.13
C GLY C 111 33.83 1.93 20.41
N GLY C 112 32.86 2.07 19.52
CA GLY C 112 32.69 3.29 18.74
C GLY C 112 32.00 4.41 19.49
N ALA C 113 31.15 4.04 20.45
CA ALA C 113 30.31 5.02 21.15
C ALA C 113 30.86 5.40 22.51
N GLY C 114 32.06 4.93 22.83
CA GLY C 114 32.71 5.29 24.08
C GLY C 114 32.02 4.72 25.31
N LEU C 115 31.41 3.55 25.16
CA LEU C 115 30.76 2.88 26.28
C LEU C 115 31.68 1.79 26.83
N GLY C 116 31.59 1.56 28.14
CA GLY C 116 32.51 0.65 28.81
C GLY C 116 32.06 -0.80 28.78
N GLY C 117 30.86 -1.03 28.27
CA GLY C 117 30.30 -2.37 28.19
C GLY C 117 28.79 -2.36 28.28
N PHE C 118 28.18 -3.53 28.11
CA PHE C 118 26.73 -3.66 28.14
C PHE C 118 26.30 -5.02 28.68
N LEU C 119 25.06 -5.09 29.15
CA LEU C 119 24.49 -6.32 29.67
C LEU C 119 23.58 -6.95 28.62
N THR C 120 23.83 -8.23 28.30
CA THR C 120 23.02 -8.95 27.33
C THR C 120 22.59 -10.32 27.88
N PRO C 121 21.38 -10.77 27.52
CA PRO C 121 20.94 -12.11 27.93
C PRO C 121 21.42 -13.20 26.98
N THR C 122 21.92 -12.79 25.82
CA THR C 122 22.40 -13.73 24.81
C THR C 122 23.67 -14.42 25.30
N GLY C 123 23.65 -15.75 25.28
CA GLY C 123 24.81 -16.54 25.61
C GLY C 123 24.82 -17.03 27.05
N VAL C 124 23.86 -16.57 27.85
CA VAL C 124 23.74 -17.02 29.23
C VAL C 124 23.43 -18.52 29.24
N GLY C 125 24.19 -19.27 30.02
CA GLY C 125 23.98 -20.70 30.14
C GLY C 125 24.63 -21.50 29.02
N THR C 126 25.44 -20.82 28.20
CA THR C 126 26.13 -21.47 27.09
C THR C 126 27.63 -21.32 27.25
N VAL C 127 28.39 -21.84 26.29
CA VAL C 127 29.85 -21.74 26.32
C VAL C 127 30.32 -20.30 26.13
N VAL C 128 29.44 -19.45 25.61
CA VAL C 128 29.75 -18.04 25.41
C VAL C 128 29.96 -17.36 26.76
N GLU C 129 29.30 -17.90 27.77
CA GLU C 129 29.35 -17.37 29.12
C GLU C 129 30.72 -17.57 29.76
N GLU C 130 31.49 -18.52 29.23
CA GLU C 130 32.78 -18.87 29.80
C GLU C 130 33.76 -17.69 29.83
N GLY C 131 34.33 -17.44 31.00
CA GLY C 131 35.36 -16.42 31.17
C GLY C 131 34.81 -15.00 31.26
N LYS C 132 33.50 -14.88 31.34
CA LYS C 132 32.84 -13.57 31.38
C LYS C 132 32.12 -13.33 32.70
N GLN C 133 31.96 -12.06 33.06
CA GLN C 133 31.23 -11.68 34.26
C GLN C 133 29.73 -11.72 34.05
N THR C 134 29.01 -12.24 35.03
CA THR C 134 27.56 -12.30 34.98
C THR C 134 26.97 -11.46 36.09
N LEU C 135 25.93 -10.69 35.76
CA LEU C 135 25.25 -9.83 36.72
C LEU C 135 23.77 -10.19 36.83
N THR C 136 23.24 -10.12 38.05
CA THR C 136 21.82 -10.37 38.28
C THR C 136 21.09 -9.04 38.48
N LEU C 137 20.09 -8.81 37.63
CA LEU C 137 19.30 -7.58 37.65
C LEU C 137 17.86 -7.89 37.26
N ASP C 138 16.91 -7.46 38.10
CA ASP C 138 15.49 -7.71 37.87
C ASP C 138 15.17 -9.19 37.98
N GLY C 139 16.07 -9.94 38.61
CA GLY C 139 15.89 -11.36 38.80
C GLY C 139 16.41 -12.13 37.59
N LYS C 140 16.91 -11.37 36.61
CA LYS C 140 17.43 -11.93 35.38
C LYS C 140 18.96 -11.87 35.33
N THR C 141 19.57 -12.92 34.81
CA THR C 141 21.03 -12.99 34.67
C THR C 141 21.47 -12.41 33.33
N TRP C 142 22.50 -11.58 33.36
CA TRP C 142 23.02 -10.94 32.15
C TRP C 142 24.52 -11.21 32.01
N LEU C 143 24.98 -11.41 30.78
CA LEU C 143 26.41 -11.42 30.49
C LEU C 143 26.91 -10.00 30.31
N LEU C 144 27.98 -9.65 31.00
CA LEU C 144 28.62 -8.35 30.81
C LEU C 144 29.62 -8.42 29.66
N GLU C 145 29.28 -7.78 28.55
CA GLU C 145 30.13 -7.77 27.37
C GLU C 145 30.84 -6.42 27.22
N ARG C 146 32.10 -6.48 26.81
CA ARG C 146 32.97 -5.31 26.77
C ARG C 146 33.24 -4.83 25.35
N PRO C 147 33.60 -3.54 25.19
CA PRO C 147 33.78 -2.95 23.86
C PRO C 147 34.95 -3.51 23.06
N LEU C 148 34.81 -3.47 21.73
CA LEU C 148 35.87 -3.85 20.80
C LEU C 148 36.26 -2.67 19.92
N ARG C 149 37.56 -2.43 19.81
CA ARG C 149 38.10 -1.41 18.91
C ARG C 149 39.19 -2.01 18.03
N ALA C 150 39.65 -1.24 17.06
CA ALA C 150 40.67 -1.72 16.12
C ALA C 150 41.58 -0.60 15.68
N ASP C 151 42.72 -0.97 15.12
CA ASP C 151 43.68 0.00 14.61
C ASP C 151 43.17 0.61 13.30
N LEU C 152 42.48 -0.21 12.51
CA LEU C 152 42.06 0.19 11.17
C LEU C 152 40.69 -0.40 10.82
N ALA C 153 39.94 0.32 9.97
CA ALA C 153 38.66 -0.17 9.47
C ALA C 153 38.60 -0.05 7.95
N LEU C 154 38.27 -1.15 7.29
CA LEU C 154 38.09 -1.17 5.84
C LEU C 154 36.61 -1.21 5.50
N ILE C 155 36.13 -0.11 4.93
CA ILE C 155 34.69 0.10 4.72
C ILE C 155 34.34 0.18 3.23
N ARG C 156 33.21 -0.41 2.87
CA ARG C 156 32.65 -0.22 1.54
C ARG C 156 31.38 0.62 1.64
N ALA C 157 31.23 1.57 0.72
CA ALA C 157 30.03 2.39 0.65
C ALA C 157 29.52 2.43 -0.78
N HIS C 158 28.28 2.85 -0.95
CA HIS C 158 27.70 2.97 -2.28
C HIS C 158 28.11 4.32 -2.86
N ARG C 159 27.60 5.39 -2.27
CA ARG C 159 27.98 6.76 -2.65
C ARG C 159 28.80 7.40 -1.54
N CYS C 160 29.65 8.36 -1.92
CA CYS C 160 30.52 9.03 -0.97
C CYS C 160 30.93 10.38 -1.55
N ASP C 161 30.79 11.45 -0.78
CA ASP C 161 31.20 12.78 -1.23
C ASP C 161 32.61 13.10 -0.76
N THR C 162 33.11 14.27 -1.12
CA THR C 162 34.51 14.61 -0.85
C THR C 162 34.78 14.85 0.63
N LEU C 163 33.72 14.98 1.43
CA LEU C 163 33.86 15.15 2.87
C LEU C 163 33.86 13.81 3.60
N GLY C 164 33.44 12.76 2.90
CA GLY C 164 33.42 11.42 3.46
C GLY C 164 32.05 10.97 3.94
N ASN C 165 31.02 11.76 3.65
CA ASN C 165 29.64 11.35 3.94
C ASN C 165 29.28 10.14 3.11
N LEU C 166 28.77 9.10 3.77
CA LEU C 166 28.50 7.83 3.11
C LEU C 166 27.02 7.45 3.07
N THR C 167 26.63 6.79 1.99
CA THR C 167 25.37 6.06 1.93
C THR C 167 25.71 4.63 1.56
N TYR C 168 24.80 3.71 1.83
CA TYR C 168 25.00 2.29 1.53
C TYR C 168 23.85 1.73 0.71
N GLN C 169 24.08 0.58 0.10
CA GLN C 169 23.09 -0.02 -0.80
C GLN C 169 22.62 -1.39 -0.31
N LEU C 170 21.33 -1.48 -0.01
CA LEU C 170 20.68 -2.74 0.35
C LEU C 170 21.39 -3.44 1.51
N SER C 171 21.66 -4.74 1.38
CA SER C 171 22.18 -5.52 2.50
C SER C 171 23.71 -5.46 2.59
N ALA C 172 24.31 -4.54 1.85
CA ALA C 172 25.76 -4.35 1.90
C ALA C 172 26.14 -3.42 3.05
N ARG C 173 25.14 -2.93 3.79
CA ARG C 173 25.38 -2.02 4.90
C ARG C 173 25.96 -2.76 6.11
N ASN C 174 25.12 -3.60 6.73
CA ASN C 174 25.46 -4.40 7.92
C ASN C 174 26.47 -3.75 8.88
N PHE C 175 27.71 -4.22 8.87
CA PHE C 175 28.70 -3.82 9.87
C PHE C 175 29.37 -2.47 9.56
N ASN C 176 29.32 -2.05 8.30
CA ASN C 176 30.10 -0.90 7.86
C ASN C 176 29.87 0.38 8.69
N PRO C 177 28.61 0.74 8.97
CA PRO C 177 28.38 1.97 9.73
C PRO C 177 28.94 1.94 11.15
N LEU C 178 29.08 0.75 11.73
CA LEU C 178 29.52 0.63 13.12
C LEU C 178 31.05 0.62 13.25
N ILE C 179 31.73 -0.12 12.39
CA ILE C 179 33.19 -0.18 12.42
C ILE C 179 33.81 1.17 12.08
N ALA C 180 33.04 2.02 11.40
CA ALA C 180 33.50 3.35 11.03
C ALA C 180 33.77 4.20 12.28
N LEU C 181 33.08 3.92 13.37
CA LEU C 181 33.23 4.68 14.60
C LEU C 181 34.19 4.04 15.59
N ALA C 182 34.53 2.77 15.36
CA ALA C 182 35.25 1.96 16.35
C ALA C 182 36.74 1.81 16.07
N ALA C 183 37.22 2.43 14.99
CA ALA C 183 38.61 2.28 14.58
C ALA C 183 39.37 3.61 14.64
N ASP C 184 40.66 3.53 14.96
CA ASP C 184 41.51 4.71 15.02
C ASP C 184 41.59 5.41 13.66
N ILE C 185 41.80 4.60 12.62
CA ILE C 185 41.85 5.10 11.24
C ILE C 185 40.84 4.35 10.39
N THR C 186 40.17 5.08 9.49
CA THR C 186 39.12 4.51 8.66
C THR C 186 39.39 4.75 7.19
N LEU C 187 39.28 3.69 6.39
CA LEU C 187 39.44 3.77 4.95
C LEU C 187 38.16 3.30 4.27
N VAL C 188 37.61 4.14 3.39
CA VAL C 188 36.38 3.81 2.68
C VAL C 188 36.63 3.61 1.19
N GLU C 189 36.00 2.59 0.63
CA GLU C 189 36.06 2.30 -0.79
C GLU C 189 34.67 2.47 -1.41
N PRO C 190 34.35 3.67 -1.90
CA PRO C 190 33.01 3.94 -2.44
C PRO C 190 32.82 3.44 -3.87
N ASP C 191 31.63 2.92 -4.16
CA ASP C 191 31.30 2.50 -5.52
C ASP C 191 31.23 3.72 -6.44
N GLU C 192 30.83 4.85 -5.86
CA GLU C 192 30.64 6.08 -6.61
C GLU C 192 31.06 7.29 -5.78
N LEU C 193 31.90 8.13 -6.37
CA LEU C 193 32.35 9.36 -5.74
C LEU C 193 31.57 10.54 -6.28
N VAL C 194 30.90 11.28 -5.39
CA VAL C 194 30.08 12.42 -5.81
C VAL C 194 30.65 13.70 -5.20
N GLU C 195 30.06 14.83 -5.60
CA GLU C 195 30.46 16.12 -5.06
C GLU C 195 29.64 16.43 -3.80
N THR C 196 30.19 17.25 -2.92
CA THR C 196 29.49 17.67 -1.71
C THR C 196 28.20 18.42 -2.05
N GLY C 197 27.09 17.91 -1.53
CA GLY C 197 25.78 18.48 -1.80
C GLY C 197 24.88 17.50 -2.54
N GLU C 198 25.49 16.53 -3.21
CA GLU C 198 24.73 15.54 -3.97
C GLU C 198 24.07 14.53 -3.03
N LEU C 199 24.63 14.39 -1.82
CA LEU C 199 24.03 13.56 -0.80
C LEU C 199 23.22 14.41 0.17
N GLN C 200 21.91 14.17 0.21
CA GLN C 200 21.01 14.93 1.09
C GLN C 200 21.34 14.68 2.56
N PRO C 201 21.19 15.71 3.41
CA PRO C 201 21.48 15.55 4.84
C PRO C 201 20.71 14.39 5.51
N ASP C 202 19.48 14.13 5.07
CA ASP C 202 18.65 13.08 5.65
C ASP C 202 18.81 11.73 4.96
N HIS C 203 19.79 11.62 4.05
CA HIS C 203 20.07 10.37 3.35
C HIS C 203 21.43 9.81 3.76
N ILE C 204 22.27 10.64 4.38
CA ILE C 204 23.60 10.21 4.79
C ILE C 204 23.52 9.29 6.02
N VAL C 205 24.18 8.15 5.92
CA VAL C 205 24.15 7.15 6.99
C VAL C 205 25.35 7.31 7.93
N THR C 206 26.53 7.47 7.33
CA THR C 206 27.76 7.69 8.09
C THR C 206 28.31 9.09 7.78
N PRO C 207 28.29 9.98 8.78
CA PRO C 207 28.81 11.33 8.51
C PRO C 207 30.32 11.33 8.27
N GLY C 208 30.81 12.27 7.47
CA GLY C 208 32.19 12.28 7.04
C GLY C 208 33.20 12.48 8.15
N ALA C 209 32.75 12.92 9.32
CA ALA C 209 33.62 13.18 10.45
C ALA C 209 34.46 11.94 10.83
N VAL C 210 33.85 10.76 10.75
CA VAL C 210 34.53 9.53 11.16
C VAL C 210 35.31 8.88 10.02
N ILE C 211 35.24 9.46 8.82
CA ILE C 211 35.94 8.94 7.66
C ILE C 211 37.20 9.75 7.38
N ASP C 212 38.33 9.06 7.34
CA ASP C 212 39.64 9.72 7.23
C ASP C 212 40.14 9.77 5.80
N HIS C 213 40.02 8.67 5.06
CA HIS C 213 40.55 8.60 3.71
C HIS C 213 39.62 7.88 2.75
N ILE C 214 39.56 8.41 1.53
CA ILE C 214 38.68 7.89 0.48
C ILE C 214 39.52 7.34 -0.69
N ILE C 215 39.27 6.09 -1.05
CA ILE C 215 40.02 5.46 -2.13
C ILE C 215 39.50 5.89 -3.49
N VAL C 216 40.37 6.47 -4.30
CA VAL C 216 40.03 6.91 -5.65
C VAL C 216 40.09 5.77 -6.66
N SER C 217 39.11 5.74 -7.55
CA SER C 217 39.05 4.72 -8.59
C SER C 217 40.11 4.98 -9.66
N ASP D 2 7.59 -35.54 3.23
CA ASP D 2 6.32 -34.90 3.53
C ASP D 2 6.31 -34.41 4.99
N ALA D 3 7.11 -35.06 5.83
CA ALA D 3 7.19 -34.70 7.24
C ALA D 3 7.55 -33.22 7.42
N LYS D 4 8.62 -32.80 6.77
CA LYS D 4 9.07 -31.41 6.83
C LYS D 4 7.94 -30.47 6.41
N GLN D 5 7.14 -30.90 5.44
CA GLN D 5 6.04 -30.08 4.94
C GLN D 5 4.87 -29.98 5.92
N ARG D 6 4.55 -31.08 6.61
CA ARG D 6 3.47 -31.01 7.60
C ARG D 6 3.91 -30.11 8.75
N ILE D 7 5.16 -30.27 9.17
CA ILE D 7 5.75 -29.42 10.20
C ILE D 7 5.66 -27.97 9.78
N ALA D 8 6.19 -27.66 8.60
CA ALA D 8 6.19 -26.30 8.08
C ALA D 8 4.76 -25.75 7.98
N ARG D 9 3.85 -26.56 7.47
CA ARG D 9 2.46 -26.14 7.33
C ARG D 9 1.81 -25.87 8.68
N ARG D 10 2.05 -26.75 9.66
CA ARG D 10 1.50 -26.54 11.00
C ARG D 10 2.08 -25.28 11.63
N VAL D 11 3.40 -25.09 11.51
CA VAL D 11 4.03 -23.89 12.01
C VAL D 11 3.44 -22.66 11.31
N ALA D 12 3.20 -22.79 10.01
CA ALA D 12 2.60 -21.72 9.23
C ALA D 12 1.22 -21.35 9.78
N GLN D 13 0.48 -22.36 10.24
CA GLN D 13 -0.85 -22.13 10.80
C GLN D 13 -0.80 -21.42 12.15
N GLU D 14 0.39 -21.36 12.75
CA GLU D 14 0.57 -20.73 14.06
C GLU D 14 0.72 -19.21 13.94
N LEU D 15 1.27 -18.76 12.81
CA LEU D 15 1.56 -17.34 12.62
C LEU D 15 0.30 -16.50 12.49
N ARG D 16 0.36 -15.28 13.04
CA ARG D 16 -0.77 -14.35 12.97
C ARG D 16 -0.57 -13.26 11.93
N ASP D 17 -1.68 -12.75 11.41
CA ASP D 17 -1.66 -11.69 10.41
C ASP D 17 -0.96 -10.44 10.95
N GLY D 18 0.09 -10.01 10.25
CA GLY D 18 0.81 -8.81 10.63
C GLY D 18 2.03 -9.08 11.48
N ASP D 19 2.29 -10.36 11.77
CA ASP D 19 3.43 -10.75 12.58
C ASP D 19 4.76 -10.46 11.89
N ILE D 20 5.74 -10.02 12.67
CA ILE D 20 7.12 -9.93 12.20
C ILE D 20 7.79 -11.27 12.49
N VAL D 21 8.21 -11.95 11.43
CA VAL D 21 8.71 -13.32 11.55
C VAL D 21 10.15 -13.44 11.09
N ASN D 22 10.91 -14.30 11.75
CA ASN D 22 12.23 -14.67 11.27
C ASN D 22 12.32 -16.17 10.98
N LEU D 23 12.71 -16.50 9.76
CA LEU D 23 12.85 -17.88 9.32
C LEU D 23 14.31 -18.27 9.10
N GLY D 24 14.79 -19.20 9.91
CA GLY D 24 16.16 -19.70 9.79
C GLY D 24 16.35 -20.52 8.53
N ILE D 25 17.60 -20.71 8.13
CA ILE D 25 17.90 -21.52 6.95
C ILE D 25 17.52 -22.97 7.19
N GLY D 26 17.06 -23.63 6.14
CA GLY D 26 16.66 -25.03 6.23
C GLY D 26 15.17 -25.24 6.17
N LEU D 27 14.64 -25.96 7.15
CA LEU D 27 13.23 -26.30 7.19
C LEU D 27 12.31 -25.08 7.31
N PRO D 28 12.63 -24.15 8.23
CA PRO D 28 11.72 -23.03 8.49
C PRO D 28 11.29 -22.21 7.28
N THR D 29 12.13 -22.10 6.25
CA THR D 29 11.74 -21.28 5.09
C THR D 29 10.50 -21.84 4.41
N MET D 30 10.27 -23.16 4.58
CA MET D 30 9.12 -23.81 3.97
C MET D 30 7.83 -23.26 4.56
N VAL D 31 7.94 -22.68 5.76
CA VAL D 31 6.79 -22.08 6.42
C VAL D 31 6.21 -20.98 5.52
N ALA D 32 7.08 -20.37 4.72
CA ALA D 32 6.68 -19.28 3.83
C ALA D 32 5.71 -19.75 2.75
N ASN D 33 5.66 -21.06 2.52
CA ASN D 33 4.86 -21.64 1.45
C ASN D 33 3.50 -22.18 1.89
N TYR D 34 3.14 -21.95 3.15
CA TYR D 34 1.90 -22.50 3.70
C TYR D 34 1.09 -21.50 4.53
N LEU D 35 1.33 -20.21 4.31
CA LEU D 35 0.57 -19.19 5.02
C LEU D 35 -0.89 -19.24 4.55
N PRO D 36 -1.84 -19.38 5.50
CA PRO D 36 -3.26 -19.40 5.10
C PRO D 36 -3.70 -18.10 4.44
N GLU D 37 -4.85 -18.15 3.77
CA GLU D 37 -5.40 -16.98 3.09
C GLU D 37 -5.76 -15.90 4.09
N GLY D 38 -5.38 -14.66 3.77
CA GLY D 38 -5.64 -13.52 4.63
C GLY D 38 -4.54 -13.27 5.63
N ILE D 39 -3.60 -14.21 5.73
CA ILE D 39 -2.45 -14.07 6.63
C ILE D 39 -1.24 -13.52 5.89
N HIS D 40 -0.84 -12.30 6.26
CA HIS D 40 0.32 -11.65 5.66
C HIS D 40 1.35 -11.34 6.73
N ILE D 41 2.58 -11.80 6.51
CA ILE D 41 3.67 -11.57 7.45
C ILE D 41 4.80 -10.79 6.81
N THR D 42 5.70 -10.27 7.65
CA THR D 42 6.89 -9.58 7.19
C THR D 42 8.12 -10.34 7.69
N LEU D 43 8.95 -10.77 6.75
CA LEU D 43 10.14 -11.54 7.07
C LEU D 43 11.35 -10.63 7.33
N GLN D 44 12.05 -10.91 8.44
CA GLN D 44 13.23 -10.14 8.82
C GLN D 44 14.50 -10.92 8.49
N SER D 45 15.48 -10.23 7.90
CA SER D 45 16.75 -10.85 7.54
C SER D 45 17.86 -10.30 8.44
N GLU D 46 18.57 -11.20 9.10
CA GLU D 46 19.58 -10.82 10.11
C GLU D 46 20.60 -9.83 9.57
N ASN D 47 20.98 -10.01 8.30
CA ASN D 47 21.98 -9.16 7.69
C ASN D 47 21.48 -7.72 7.52
N GLY D 48 20.23 -7.48 7.86
CA GLY D 48 19.74 -6.13 8.12
C GLY D 48 18.65 -5.55 7.23
N PHE D 49 17.52 -6.25 7.11
CA PHE D 49 16.35 -5.65 6.48
C PHE D 49 15.05 -6.39 6.77
N LEU D 50 13.94 -5.65 6.62
CA LEU D 50 12.60 -6.18 6.75
C LEU D 50 11.91 -6.17 5.39
N GLY D 51 11.07 -7.16 5.14
CA GLY D 51 10.37 -7.27 3.87
C GLY D 51 11.07 -8.20 2.91
N LEU D 52 11.64 -9.28 3.45
CA LEU D 52 12.33 -10.28 2.65
C LEU D 52 11.34 -11.00 1.74
N GLY D 53 11.78 -11.34 0.53
CA GLY D 53 10.94 -12.05 -0.41
C GLY D 53 11.77 -12.84 -1.41
N PRO D 54 11.09 -13.54 -2.33
CA PRO D 54 11.79 -14.31 -3.36
C PRO D 54 12.55 -13.42 -4.34
N VAL D 55 13.49 -14.00 -5.08
CA VAL D 55 14.23 -13.26 -6.08
C VAL D 55 13.31 -12.76 -7.18
N THR D 56 13.49 -11.50 -7.57
CA THR D 56 12.79 -10.94 -8.70
C THR D 56 13.80 -10.82 -9.84
N THR D 57 14.69 -9.83 -9.71
CA THR D 57 15.89 -9.75 -10.53
C THR D 57 17.06 -9.71 -9.57
N ALA D 58 17.96 -10.67 -9.69
CA ALA D 58 19.08 -10.82 -8.76
C ALA D 58 19.93 -9.55 -8.69
N HIS D 59 20.32 -9.20 -7.48
CA HIS D 59 21.18 -8.05 -7.23
C HIS D 59 22.35 -8.48 -6.33
N PRO D 60 23.60 -8.15 -6.72
CA PRO D 60 24.75 -8.62 -5.95
C PRO D 60 24.74 -8.19 -4.48
N ASP D 61 24.19 -7.01 -4.20
CA ASP D 61 24.18 -6.46 -2.85
C ASP D 61 22.92 -6.84 -2.08
N LEU D 62 22.17 -7.82 -2.58
CA LEU D 62 20.95 -8.29 -1.92
C LEU D 62 20.98 -9.80 -1.74
N VAL D 63 21.19 -10.23 -0.50
CA VAL D 63 21.25 -11.65 -0.17
C VAL D 63 20.56 -11.92 1.16
N ASN D 64 20.28 -13.20 1.43
CA ASN D 64 19.70 -13.61 2.70
C ASN D 64 20.80 -13.86 3.73
N ALA D 65 20.40 -14.36 4.91
CA ALA D 65 21.35 -14.61 6.00
C ALA D 65 22.39 -15.66 5.61
N GLY D 66 22.11 -16.44 4.58
CA GLY D 66 23.04 -17.45 4.09
C GLY D 66 23.97 -16.92 3.03
N GLY D 67 23.81 -15.65 2.67
CA GLY D 67 24.67 -15.02 1.68
C GLY D 67 24.26 -15.34 0.26
N GLN D 68 23.12 -16.02 0.12
CA GLN D 68 22.62 -16.40 -1.20
C GLN D 68 21.64 -15.33 -1.71
N PRO D 69 21.59 -15.14 -3.03
CA PRO D 69 20.76 -14.07 -3.59
C PRO D 69 19.27 -14.23 -3.26
N CYS D 70 18.65 -13.14 -2.82
CA CYS D 70 17.24 -13.13 -2.49
C CYS D 70 16.59 -11.89 -3.10
N GLY D 71 15.41 -11.53 -2.62
CA GLY D 71 14.72 -10.34 -3.08
C GLY D 71 14.04 -9.62 -1.94
N VAL D 72 13.25 -8.60 -2.26
CA VAL D 72 12.49 -7.86 -1.28
C VAL D 72 11.09 -7.55 -1.79
N LEU D 73 10.18 -7.25 -0.87
CA LEU D 73 8.83 -6.87 -1.22
C LEU D 73 8.67 -5.36 -1.10
N PRO D 74 7.59 -4.80 -1.68
CA PRO D 74 7.33 -3.37 -1.56
C PRO D 74 7.20 -2.94 -0.10
N GLY D 75 7.89 -1.86 0.27
CA GLY D 75 7.84 -1.34 1.62
C GLY D 75 8.94 -1.92 2.50
N ALA D 76 9.92 -2.56 1.88
CA ALA D 76 11.05 -3.12 2.60
C ALA D 76 11.93 -1.99 3.15
N ALA D 77 12.59 -2.27 4.27
CA ALA D 77 13.45 -1.28 4.92
C ALA D 77 14.83 -1.86 5.19
N MET D 78 15.85 -1.06 4.93
CA MET D 78 17.23 -1.45 5.18
C MET D 78 17.74 -0.80 6.45
N PHE D 79 18.64 -1.49 7.16
CA PHE D 79 19.27 -0.96 8.36
C PHE D 79 20.54 -1.73 8.70
N ASP D 80 21.35 -1.18 9.60
CA ASP D 80 22.61 -1.84 9.97
C ASP D 80 22.37 -2.99 10.94
N SER D 81 23.45 -3.69 11.30
CA SER D 81 23.35 -4.89 12.12
C SER D 81 22.98 -4.57 13.57
N ALA D 82 23.40 -3.41 14.05
CA ALA D 82 23.07 -2.99 15.41
C ALA D 82 21.56 -2.82 15.54
N MET D 83 20.96 -2.15 14.56
CA MET D 83 19.51 -1.99 14.49
C MET D 83 18.83 -3.34 14.34
N SER D 84 19.41 -4.18 13.49
CA SER D 84 18.87 -5.51 13.23
C SER D 84 18.72 -6.32 14.51
N PHE D 85 19.79 -6.39 15.29
CA PHE D 85 19.77 -7.18 16.52
C PHE D 85 19.22 -6.38 17.70
N ALA D 86 19.05 -5.07 17.52
CA ALA D 86 18.24 -4.28 18.43
C ALA D 86 16.78 -4.72 18.28
N LEU D 87 16.36 -4.91 17.04
CA LEU D 87 15.02 -5.42 16.74
C LEU D 87 14.86 -6.85 17.26
N ILE D 88 15.82 -7.71 16.90
CA ILE D 88 15.77 -9.12 17.29
C ILE D 88 15.82 -9.30 18.79
N ARG D 89 16.76 -8.63 19.45
CA ARG D 89 16.97 -8.80 20.88
C ARG D 89 15.94 -8.03 21.70
N GLY D 90 15.41 -6.95 21.12
CA GLY D 90 14.50 -6.07 21.83
C GLY D 90 13.07 -6.55 21.86
N GLY D 91 12.81 -7.70 21.25
CA GLY D 91 11.48 -8.30 21.28
C GLY D 91 10.55 -7.73 20.23
N HIS D 92 11.12 -7.24 19.13
CA HIS D 92 10.34 -6.68 18.03
C HIS D 92 10.07 -7.74 16.97
N ILE D 93 10.62 -8.93 17.17
CA ILE D 93 10.28 -10.09 16.35
C ILE D 93 9.18 -10.87 17.06
N ASP D 94 7.99 -10.90 16.46
CA ASP D 94 6.86 -11.58 17.06
C ASP D 94 7.07 -13.09 17.14
N ALA D 95 7.77 -13.64 16.16
CA ALA D 95 8.00 -15.09 16.12
C ALA D 95 9.26 -15.43 15.34
N CYS D 96 10.05 -16.37 15.86
CA CYS D 96 11.15 -16.94 15.10
C CYS D 96 10.92 -18.43 14.93
N VAL D 97 11.15 -18.92 13.72
CA VAL D 97 11.07 -20.35 13.42
C VAL D 97 12.46 -20.85 13.07
N LEU D 98 12.99 -21.73 13.91
CA LEU D 98 14.33 -22.27 13.72
C LEU D 98 14.32 -23.79 13.72
N GLY D 99 15.34 -24.37 13.10
CA GLY D 99 15.53 -25.80 13.15
C GLY D 99 16.09 -26.17 14.51
N GLY D 100 16.30 -27.46 14.74
CA GLY D 100 16.82 -27.91 16.01
C GLY D 100 17.53 -29.24 15.91
N LEU D 101 18.57 -29.41 16.73
CA LEU D 101 19.25 -30.68 16.87
C LEU D 101 18.70 -31.41 18.09
N GLN D 102 18.47 -30.65 19.16
CA GLN D 102 17.93 -31.19 20.40
C GLN D 102 17.13 -30.15 21.17
N VAL D 103 16.08 -30.63 21.84
CA VAL D 103 15.27 -29.82 22.75
C VAL D 103 14.94 -30.67 23.95
N ASP D 104 14.81 -30.07 25.13
CA ASP D 104 14.47 -30.83 26.33
C ASP D 104 13.35 -30.22 27.16
N GLU D 105 12.96 -30.95 28.21
CA GLU D 105 11.83 -30.59 29.05
C GLU D 105 12.00 -29.24 29.73
N GLU D 106 13.25 -28.80 29.87
CA GLU D 106 13.57 -27.51 30.46
C GLU D 106 13.56 -26.40 29.41
N ALA D 107 13.02 -26.71 28.23
CA ALA D 107 12.91 -25.76 27.13
C ALA D 107 14.28 -25.26 26.63
N ASN D 108 15.34 -26.02 26.92
CA ASN D 108 16.65 -25.69 26.39
C ASN D 108 16.73 -26.06 24.90
N LEU D 109 17.64 -25.40 24.18
CA LEU D 109 17.80 -25.64 22.74
C LEU D 109 19.27 -25.84 22.35
N ALA D 110 19.49 -26.76 21.41
CA ALA D 110 20.80 -26.93 20.77
C ALA D 110 20.60 -27.03 19.27
N ASN D 111 21.18 -26.09 18.53
CA ASN D 111 20.98 -26.05 17.08
C ASN D 111 22.04 -25.25 16.31
N TRP D 112 23.26 -25.17 16.84
CA TRP D 112 24.31 -24.41 16.17
C TRP D 112 25.62 -25.19 16.03
N VAL D 113 25.72 -26.35 16.68
CA VAL D 113 26.93 -27.16 16.60
C VAL D 113 26.67 -28.61 16.96
N VAL D 114 27.32 -29.51 16.22
CA VAL D 114 27.26 -30.94 16.51
C VAL D 114 28.65 -31.41 16.97
N PRO D 115 28.73 -32.01 18.17
CA PRO D 115 30.04 -32.53 18.58
C PRO D 115 30.50 -33.63 17.64
N GLY D 116 31.74 -33.54 17.16
CA GLY D 116 32.28 -34.48 16.21
C GLY D 116 32.29 -33.91 14.81
N LYS D 117 31.45 -32.91 14.57
CA LYS D 117 31.46 -32.19 13.30
C LYS D 117 32.12 -30.84 13.52
N MET D 118 32.63 -30.24 12.45
CA MET D 118 33.33 -28.96 12.56
C MET D 118 32.35 -27.86 12.95
N VAL D 119 32.80 -26.96 13.81
CA VAL D 119 31.96 -25.90 14.37
C VAL D 119 31.78 -24.73 13.40
N PRO D 120 30.51 -24.42 13.02
CA PRO D 120 30.24 -23.34 12.08
C PRO D 120 30.09 -21.96 12.72
N GLY D 121 29.77 -21.93 14.01
CA GLY D 121 29.48 -20.69 14.71
C GLY D 121 27.99 -20.56 14.97
N MET D 122 27.60 -19.69 15.89
CA MET D 122 26.20 -19.60 16.29
C MET D 122 25.42 -18.58 15.46
N GLY D 123 26.13 -17.65 14.84
CA GLY D 123 25.48 -16.60 14.06
C GLY D 123 24.56 -15.76 14.92
N GLY D 124 23.30 -15.66 14.51
CA GLY D 124 22.30 -14.86 15.21
C GLY D 124 21.26 -15.70 15.93
N ALA D 125 21.51 -16.99 16.06
CA ALA D 125 20.53 -17.91 16.63
C ALA D 125 20.28 -17.62 18.11
N MET D 126 21.34 -17.37 18.87
CA MET D 126 21.22 -17.10 20.29
C MET D 126 20.38 -15.85 20.55
N ASP D 127 20.69 -14.77 19.86
CA ASP D 127 19.91 -13.53 19.96
C ASP D 127 18.45 -13.78 19.59
N LEU D 128 18.25 -14.54 18.52
CA LEU D 128 16.92 -14.84 18.01
C LEU D 128 16.05 -15.58 19.03
N VAL D 129 16.59 -16.63 19.63
CA VAL D 129 15.83 -17.43 20.57
C VAL D 129 15.70 -16.77 21.94
N THR D 130 16.66 -15.91 22.29
CA THR D 130 16.58 -15.14 23.53
C THR D 130 15.67 -13.93 23.39
N GLY D 131 15.60 -13.38 22.19
CA GLY D 131 14.88 -12.14 21.93
C GLY D 131 13.45 -12.28 21.44
N SER D 132 13.18 -13.30 20.64
CA SER D 132 11.88 -13.45 20.01
C SER D 132 10.73 -13.61 21.01
N ARG D 133 9.59 -13.02 20.69
CA ARG D 133 8.41 -13.09 21.55
C ARG D 133 7.90 -14.51 21.61
N LYS D 134 7.96 -15.20 20.47
CA LYS D 134 7.63 -16.63 20.40
C LYS D 134 8.71 -17.39 19.65
N VAL D 135 9.27 -18.39 20.32
CA VAL D 135 10.33 -19.22 19.75
C VAL D 135 9.78 -20.57 19.33
N ILE D 136 9.67 -20.77 18.02
CA ILE D 136 9.15 -22.02 17.47
C ILE D 136 10.28 -22.87 16.90
N ILE D 137 10.37 -24.10 17.38
CA ILE D 137 11.36 -25.06 16.88
C ILE D 137 10.67 -26.05 15.95
N ALA D 138 11.10 -26.07 14.70
CA ALA D 138 10.58 -27.00 13.70
C ALA D 138 11.64 -28.03 13.35
N MET D 139 11.42 -29.26 13.75
CA MET D 139 12.43 -30.31 13.60
C MET D 139 11.78 -31.68 13.53
N GLU D 140 12.47 -32.62 12.90
CA GLU D 140 12.04 -34.02 12.89
C GLU D 140 12.12 -34.58 14.30
N HIS D 141 11.27 -35.56 14.62
CA HIS D 141 11.19 -36.08 15.97
C HIS D 141 12.47 -36.77 16.40
N CYS D 142 12.97 -37.64 15.53
CA CYS D 142 14.16 -38.43 15.81
C CYS D 142 15.24 -38.19 14.77
N ALA D 143 16.49 -38.48 15.14
CA ALA D 143 17.60 -38.32 14.23
C ALA D 143 17.59 -39.44 13.19
N LYS D 144 18.54 -39.38 12.26
CA LYS D 144 18.58 -40.35 11.16
C LYS D 144 18.97 -41.74 11.66
N ASP D 145 19.58 -41.80 12.84
CA ASP D 145 19.95 -43.08 13.44
C ASP D 145 18.80 -43.69 14.25
N GLY D 146 17.73 -42.91 14.43
CA GLY D 146 16.55 -43.38 15.13
C GLY D 146 16.49 -42.95 16.59
N SER D 147 17.56 -42.36 17.08
CA SER D 147 17.63 -41.93 18.47
C SER D 147 16.73 -40.71 18.71
N ALA D 148 16.28 -40.56 19.94
CA ALA D 148 15.41 -39.43 20.30
C ALA D 148 16.20 -38.12 20.26
N LYS D 149 15.50 -37.04 19.92
CA LYS D 149 16.09 -35.70 19.88
C LYS D 149 15.40 -34.82 20.92
N ILE D 150 14.21 -35.22 21.34
CA ILE D 150 13.49 -34.54 22.40
C ILE D 150 13.80 -35.26 23.72
N LEU D 151 14.74 -34.70 24.48
CA LEU D 151 15.36 -35.42 25.60
C LEU D 151 15.01 -34.84 26.97
N ARG D 152 15.47 -35.51 28.02
CA ARG D 152 15.33 -34.98 29.38
C ARG D 152 16.26 -33.78 29.55
N ARG D 153 17.45 -33.89 28.96
CA ARG D 153 18.44 -32.81 29.01
C ARG D 153 19.34 -32.88 27.78
N CYS D 154 19.49 -31.73 27.11
CA CYS D 154 20.33 -31.65 25.93
C CYS D 154 21.77 -32.05 26.26
N THR D 155 22.37 -32.86 25.39
CA THR D 155 23.76 -33.28 25.55
C THR D 155 24.70 -32.45 24.68
N MET D 156 24.16 -31.85 23.63
CA MET D 156 24.95 -31.00 22.73
C MET D 156 25.01 -29.58 23.28
N PRO D 157 26.00 -28.79 22.81
CA PRO D 157 26.13 -27.41 23.29
C PRO D 157 24.87 -26.59 23.06
N LEU D 158 24.40 -25.93 24.11
CA LEU D 158 23.15 -25.20 24.05
C LEU D 158 23.25 -23.95 23.18
N THR D 159 22.16 -23.65 22.49
CA THR D 159 21.98 -22.37 21.81
C THR D 159 21.50 -21.36 22.84
N ALA D 160 20.62 -21.84 23.73
CA ALA D 160 20.10 -21.04 24.83
C ALA D 160 19.43 -21.95 25.84
N GLN D 161 19.13 -21.41 27.02
CA GLN D 161 18.44 -22.16 28.06
C GLN D 161 17.06 -21.57 28.33
N HIS D 162 16.08 -22.45 28.52
CA HIS D 162 14.73 -22.04 28.88
C HIS D 162 14.14 -21.02 27.89
N ALA D 163 14.35 -21.27 26.60
CA ALA D 163 13.99 -20.30 25.56
C ALA D 163 12.85 -20.76 24.66
N VAL D 164 12.66 -22.08 24.54
CA VAL D 164 11.67 -22.61 23.61
C VAL D 164 10.25 -22.48 24.15
N HIS D 165 9.36 -21.96 23.30
CA HIS D 165 7.96 -21.79 23.65
C HIS D 165 7.11 -22.88 22.99
N MET D 166 7.46 -23.23 21.76
CA MET D 166 6.68 -24.16 20.97
C MET D 166 7.59 -25.08 20.17
N LEU D 167 7.32 -26.38 20.25
CA LEU D 167 8.05 -27.38 19.48
C LEU D 167 7.08 -28.10 18.56
N VAL D 168 7.35 -28.05 17.25
CA VAL D 168 6.49 -28.64 16.25
C VAL D 168 7.23 -29.75 15.53
N THR D 169 6.69 -30.97 15.66
CA THR D 169 7.24 -32.14 15.01
C THR D 169 6.21 -32.73 14.05
N GLU D 170 6.61 -33.71 13.23
CA GLU D 170 5.65 -34.34 12.31
C GLU D 170 4.79 -35.40 13.04
N LEU D 171 5.10 -35.65 14.31
CA LEU D 171 4.32 -36.57 15.15
C LEU D 171 3.51 -35.85 16.23
N ALA D 172 3.96 -34.68 16.67
CA ALA D 172 3.29 -34.01 17.77
C ALA D 172 3.67 -32.54 17.87
N VAL D 173 2.87 -31.80 18.64
CA VAL D 173 3.17 -30.41 18.96
C VAL D 173 3.26 -30.26 20.47
N PHE D 174 4.41 -29.77 20.94
CA PHE D 174 4.61 -29.52 22.36
C PHE D 174 4.63 -28.03 22.66
N ARG D 175 4.13 -27.66 23.85
CA ARG D 175 4.22 -26.28 24.33
C ARG D 175 4.81 -26.23 25.74
N PHE D 176 5.65 -25.22 25.97
CA PHE D 176 6.22 -24.98 27.29
C PHE D 176 5.46 -23.84 27.95
N ILE D 177 4.72 -24.16 29.01
CA ILE D 177 3.85 -23.19 29.68
C ILE D 177 4.15 -23.14 31.18
N ASP D 178 4.61 -21.97 31.64
CA ASP D 178 4.94 -21.76 33.04
C ASP D 178 5.92 -22.81 33.55
N GLY D 179 6.98 -23.03 32.77
CA GLY D 179 8.06 -23.92 33.17
C GLY D 179 7.84 -25.38 32.80
N LYS D 180 6.58 -25.81 32.72
CA LYS D 180 6.30 -27.22 32.45
C LYS D 180 6.06 -27.46 30.95
N MET D 181 6.40 -28.67 30.51
CA MET D 181 6.25 -29.06 29.11
C MET D 181 4.92 -29.80 28.89
N TRP D 182 4.16 -29.33 27.90
CA TRP D 182 2.83 -29.88 27.61
C TRP D 182 2.71 -30.39 26.18
N LEU D 183 2.23 -31.63 26.03
CA LEU D 183 1.86 -32.18 24.74
C LEU D 183 0.43 -31.72 24.39
N THR D 184 0.33 -30.81 23.42
CA THR D 184 -0.96 -30.18 23.10
C THR D 184 -1.63 -30.74 21.84
N GLU D 185 -0.84 -31.25 20.90
CA GLU D 185 -1.40 -31.88 19.70
C GLU D 185 -0.61 -33.12 19.26
N ILE D 186 -1.32 -34.08 18.69
CA ILE D 186 -0.71 -35.25 18.07
C ILE D 186 -1.10 -35.30 16.60
N ALA D 187 -0.13 -35.65 15.76
CA ALA D 187 -0.34 -35.71 14.31
C ALA D 187 -1.16 -36.93 13.92
N ASP D 188 -1.91 -36.80 12.82
CA ASP D 188 -2.73 -37.90 12.31
C ASP D 188 -1.85 -39.07 11.88
N GLY D 189 -2.32 -40.29 12.19
CA GLY D 189 -1.55 -41.49 11.89
C GLY D 189 -0.61 -41.85 13.02
N CYS D 190 -0.64 -41.08 14.10
CA CYS D 190 0.21 -41.30 15.26
C CYS D 190 -0.65 -41.53 16.50
N ASP D 191 -0.07 -42.16 17.52
CA ASP D 191 -0.76 -42.42 18.77
C ASP D 191 0.05 -41.93 19.96
N LEU D 192 -0.58 -41.87 21.12
CA LEU D 192 0.07 -41.34 22.32
C LEU D 192 1.25 -42.21 22.72
N ALA D 193 1.10 -43.52 22.52
CA ALA D 193 2.15 -44.46 22.88
C ALA D 193 3.37 -44.26 21.98
N THR D 194 3.11 -43.95 20.71
CA THR D 194 4.18 -43.70 19.76
C THR D 194 4.96 -42.45 20.13
N VAL D 195 4.24 -41.39 20.47
CA VAL D 195 4.86 -40.14 20.88
C VAL D 195 5.66 -40.34 22.17
N ARG D 196 5.05 -41.02 23.14
CA ARG D 196 5.72 -41.33 24.40
C ARG D 196 6.96 -42.17 24.17
N ALA D 197 6.83 -43.20 23.33
CA ALA D 197 7.93 -44.11 23.04
C ALA D 197 9.09 -43.40 22.33
N LYS D 198 8.78 -42.47 21.44
CA LYS D 198 9.79 -41.79 20.65
C LYS D 198 10.26 -40.48 21.30
N THR D 199 9.83 -40.26 22.54
CA THR D 199 10.18 -39.04 23.28
C THR D 199 10.73 -39.39 24.66
N GLU D 200 11.94 -38.91 24.95
CA GLU D 200 12.59 -39.16 26.22
C GLU D 200 12.24 -38.07 27.24
N ALA D 201 11.82 -36.91 26.75
CA ALA D 201 11.44 -35.79 27.61
C ALA D 201 10.21 -36.14 28.43
N ARG D 202 10.18 -35.68 29.68
CA ARG D 202 9.01 -35.83 30.53
C ARG D 202 8.02 -34.72 30.23
N PHE D 203 6.79 -35.10 29.93
CA PHE D 203 5.75 -34.13 29.57
C PHE D 203 4.37 -34.59 30.00
N GLU D 204 3.50 -33.63 30.31
CA GLU D 204 2.11 -33.91 30.65
C GLU D 204 1.24 -33.71 29.41
N VAL D 205 0.19 -34.53 29.30
CA VAL D 205 -0.72 -34.46 28.16
C VAL D 205 -1.97 -33.65 28.50
N ALA D 206 -2.37 -32.77 27.60
CA ALA D 206 -3.59 -31.98 27.77
C ALA D 206 -4.81 -32.90 27.80
N ALA D 207 -5.70 -32.66 28.76
CA ALA D 207 -6.90 -33.50 28.91
C ALA D 207 -7.83 -33.38 27.71
N ASP D 208 -7.97 -32.17 27.18
CA ASP D 208 -8.86 -31.91 26.06
C ASP D 208 -8.13 -32.04 24.73
N LEU D 209 -7.30 -33.08 24.61
CA LEU D 209 -6.56 -33.34 23.39
C LEU D 209 -7.51 -33.62 22.23
N ASN D 210 -7.22 -33.04 21.08
CA ASN D 210 -8.03 -33.21 19.86
C ASN D 210 -9.49 -32.78 20.05
N THR D 211 -9.68 -31.52 20.45
CA THR D 211 -11.01 -30.93 20.57
C THR D 211 -11.01 -29.52 19.98
N GLN D 212 -12.17 -29.06 19.52
CA GLN D 212 -12.31 -27.76 18.88
C GLN D 212 -12.16 -26.61 19.88
N ARG D 213 -11.62 -25.49 19.39
CA ARG D 213 -11.50 -24.26 20.17
C ARG D 213 -12.14 -23.09 19.43
N THR E 4 -26.42 -32.17 -16.30
CA THR E 4 -27.59 -31.62 -16.97
C THR E 4 -27.19 -30.68 -18.09
N LYS E 5 -26.24 -29.79 -17.80
CA LYS E 5 -25.72 -28.87 -18.81
C LYS E 5 -24.44 -29.42 -19.46
N LEU E 6 -23.88 -30.46 -18.87
CA LEU E 6 -22.64 -31.05 -19.39
C LEU E 6 -22.92 -31.76 -20.70
N MET E 7 -22.07 -31.52 -21.68
CA MET E 7 -22.23 -32.12 -23.01
C MET E 7 -20.87 -32.32 -23.67
N THR E 8 -20.78 -33.35 -24.52
CA THR E 8 -19.55 -33.64 -25.25
C THR E 8 -19.40 -32.70 -26.44
N LEU E 9 -18.17 -32.62 -26.98
CA LEU E 9 -17.91 -31.78 -28.13
C LEU E 9 -18.66 -32.28 -29.35
N GLN E 10 -18.77 -33.60 -29.49
CA GLN E 10 -19.43 -34.20 -30.64
C GLN E 10 -20.90 -33.83 -30.74
N ASP E 11 -21.57 -33.73 -29.59
CA ASP E 11 -22.98 -33.34 -29.57
C ASP E 11 -23.12 -31.84 -29.85
N ALA E 12 -22.12 -31.08 -29.41
CA ALA E 12 -22.14 -29.63 -29.58
C ALA E 12 -22.14 -29.29 -31.07
N THR E 13 -21.56 -30.18 -31.86
CA THR E 13 -21.51 -30.00 -33.31
C THR E 13 -22.94 -29.92 -33.90
N GLY E 14 -23.90 -30.47 -33.17
CA GLY E 14 -25.28 -30.45 -33.60
C GLY E 14 -25.88 -29.07 -33.70
N PHE E 15 -25.25 -28.09 -33.04
CA PHE E 15 -25.75 -26.74 -33.01
C PHE E 15 -25.31 -25.94 -34.25
N PHE E 16 -24.31 -26.45 -34.97
CA PHE E 16 -23.73 -25.74 -36.11
C PHE E 16 -24.53 -25.95 -37.39
N ARG E 17 -24.65 -24.88 -38.17
CA ARG E 17 -25.41 -24.92 -39.43
C ARG E 17 -25.01 -23.79 -40.38
N ASP E 18 -25.30 -23.97 -41.67
CA ASP E 18 -24.95 -22.97 -42.69
C ASP E 18 -25.73 -21.67 -42.49
N GLY E 19 -25.11 -20.54 -42.83
CA GLY E 19 -25.80 -19.27 -42.81
C GLY E 19 -25.95 -18.69 -41.43
N MET E 20 -25.43 -19.40 -40.44
CA MET E 20 -25.60 -19.05 -39.03
C MET E 20 -24.70 -17.88 -38.62
N THR E 21 -25.19 -17.03 -37.72
CA THR E 21 -24.39 -15.96 -37.16
C THR E 21 -23.90 -16.36 -35.77
N ILE E 22 -22.59 -16.29 -35.56
CA ILE E 22 -21.99 -16.76 -34.31
C ILE E 22 -21.06 -15.72 -33.69
N MET E 23 -21.24 -15.48 -32.40
CA MET E 23 -20.33 -14.64 -31.63
C MET E 23 -19.22 -15.50 -31.01
N VAL E 24 -17.98 -15.03 -31.12
CA VAL E 24 -16.83 -15.75 -30.57
C VAL E 24 -16.02 -14.83 -29.66
N GLY E 25 -15.83 -15.28 -28.42
CA GLY E 25 -15.09 -14.51 -27.44
C GLY E 25 -13.60 -14.56 -27.72
N GLY E 26 -12.85 -13.64 -27.12
CA GLY E 26 -11.40 -13.63 -27.23
C GLY E 26 -10.85 -12.35 -27.84
N PHE E 27 -9.71 -11.91 -27.33
CA PHE E 27 -9.01 -10.75 -27.87
C PHE E 27 -7.67 -11.21 -28.44
N MET E 28 -7.52 -11.11 -29.75
CA MET E 28 -6.32 -11.60 -30.44
C MET E 28 -6.10 -13.08 -30.18
N GLY E 29 -7.20 -13.83 -30.10
CA GLY E 29 -7.13 -15.27 -29.88
C GLY E 29 -7.10 -15.64 -28.41
N ILE E 30 -6.74 -14.69 -27.56
CA ILE E 30 -6.65 -14.92 -26.13
C ILE E 30 -8.05 -14.84 -25.50
N GLY E 31 -8.62 -15.98 -25.18
CA GLY E 31 -9.97 -16.06 -24.64
C GLY E 31 -10.95 -16.74 -25.58
N THR E 32 -10.43 -17.33 -26.64
CA THR E 32 -11.26 -18.06 -27.61
C THR E 32 -11.33 -19.53 -27.21
N PRO E 33 -12.53 -20.13 -27.28
CA PRO E 33 -12.61 -21.57 -27.01
C PRO E 33 -12.06 -22.38 -28.19
N SER E 34 -10.84 -22.90 -28.03
CA SER E 34 -10.13 -23.56 -29.11
C SER E 34 -10.85 -24.81 -29.63
N ARG E 35 -11.28 -25.68 -28.72
CA ARG E 35 -11.92 -26.94 -29.10
C ARG E 35 -13.22 -26.70 -29.87
N LEU E 36 -13.97 -25.69 -29.45
CA LEU E 36 -15.22 -25.34 -30.12
C LEU E 36 -14.96 -24.79 -31.51
N VAL E 37 -13.92 -23.98 -31.64
CA VAL E 37 -13.56 -23.40 -32.93
C VAL E 37 -13.05 -24.50 -33.86
N GLU E 38 -12.26 -25.41 -33.32
CA GLU E 38 -11.74 -26.53 -34.09
C GLU E 38 -12.87 -27.48 -34.49
N ALA E 39 -13.81 -27.68 -33.57
CA ALA E 39 -14.98 -28.52 -33.84
C ALA E 39 -15.89 -27.87 -34.88
N LEU E 40 -16.01 -26.55 -34.80
CA LEU E 40 -16.82 -25.79 -35.76
C LEU E 40 -16.21 -25.89 -37.15
N LEU E 41 -14.89 -25.89 -37.21
CA LEU E 41 -14.18 -26.05 -38.49
C LEU E 41 -14.38 -27.46 -39.05
N GLU E 42 -14.30 -28.46 -38.19
CA GLU E 42 -14.41 -29.86 -38.61
C GLU E 42 -15.81 -30.19 -39.09
N SER E 43 -16.80 -29.45 -38.61
CA SER E 43 -18.20 -29.68 -38.99
C SER E 43 -18.43 -29.43 -40.48
N GLY E 44 -17.67 -28.50 -41.04
CA GLY E 44 -17.74 -28.21 -42.46
C GLY E 44 -18.78 -27.17 -42.85
N VAL E 45 -19.42 -26.56 -41.86
CA VAL E 45 -20.44 -25.55 -42.13
C VAL E 45 -19.81 -24.30 -42.74
N ARG E 46 -20.53 -23.68 -43.67
CA ARG E 46 -20.02 -22.52 -44.41
C ARG E 46 -21.03 -21.38 -44.38
N ASP E 47 -20.69 -20.29 -45.06
CA ASP E 47 -21.60 -19.15 -45.21
C ASP E 47 -21.92 -18.50 -43.86
N LEU E 48 -20.99 -18.62 -42.91
CA LEU E 48 -21.18 -18.11 -41.55
C LEU E 48 -20.99 -16.60 -41.46
N THR E 49 -21.66 -15.99 -40.47
CA THR E 49 -21.41 -14.61 -40.08
C THR E 49 -20.79 -14.59 -38.68
N LEU E 50 -19.50 -14.26 -38.60
CA LEU E 50 -18.80 -14.25 -37.32
C LEU E 50 -18.74 -12.86 -36.70
N ILE E 51 -19.00 -12.80 -35.39
CA ILE E 51 -18.87 -11.56 -34.64
C ILE E 51 -17.83 -11.73 -33.53
N ALA E 52 -16.79 -10.91 -33.56
CA ALA E 52 -15.73 -10.96 -32.57
C ALA E 52 -14.93 -9.67 -32.57
N ASN E 53 -14.10 -9.48 -31.55
CA ASN E 53 -13.29 -8.27 -31.45
C ASN E 53 -12.33 -8.16 -32.64
N ASP E 54 -11.82 -9.30 -33.08
CA ASP E 54 -10.85 -9.33 -34.17
C ASP E 54 -10.79 -10.71 -34.81
N THR E 55 -9.94 -10.85 -35.82
CA THR E 55 -9.79 -12.12 -36.52
C THR E 55 -8.52 -12.85 -36.10
N ALA E 56 -7.86 -12.34 -35.07
CA ALA E 56 -6.68 -12.99 -34.49
C ALA E 56 -5.62 -13.26 -35.56
N PHE E 57 -4.88 -14.35 -35.42
CA PHE E 57 -3.91 -14.77 -36.44
C PHE E 57 -4.51 -15.90 -37.27
N VAL E 58 -3.78 -16.33 -38.30
CA VAL E 58 -4.26 -17.38 -39.19
C VAL E 58 -4.48 -18.70 -38.46
N ASP E 59 -3.66 -18.96 -37.43
CA ASP E 59 -3.68 -20.25 -36.74
C ASP E 59 -4.34 -20.16 -35.36
N THR E 60 -4.93 -19.02 -35.05
CA THR E 60 -5.61 -18.82 -33.77
C THR E 60 -6.93 -18.08 -33.95
N GLY E 61 -7.71 -17.99 -32.88
CA GLY E 61 -8.99 -17.32 -32.92
C GLY E 61 -9.92 -17.88 -33.97
N ILE E 62 -10.64 -16.99 -34.65
CA ILE E 62 -11.54 -17.39 -35.73
C ILE E 62 -10.82 -17.45 -37.07
N GLY E 63 -9.49 -17.34 -37.03
CA GLY E 63 -8.68 -17.36 -38.23
C GLY E 63 -8.91 -18.57 -39.12
N PRO E 64 -8.71 -19.78 -38.56
CA PRO E 64 -8.89 -21.03 -39.30
C PRO E 64 -10.24 -21.12 -40.01
N LEU E 65 -11.28 -20.56 -39.40
CA LEU E 65 -12.61 -20.54 -40.02
C LEU E 65 -12.61 -19.65 -41.24
N ILE E 66 -11.86 -18.54 -41.17
CA ILE E 66 -11.76 -17.61 -42.29
C ILE E 66 -10.88 -18.16 -43.41
N VAL E 67 -9.77 -18.77 -43.03
CA VAL E 67 -8.81 -19.31 -44.00
C VAL E 67 -9.46 -20.37 -44.89
N ASN E 68 -10.31 -21.21 -44.30
CA ASN E 68 -10.94 -22.30 -45.04
C ASN E 68 -12.25 -21.88 -45.70
N GLY E 69 -12.48 -20.57 -45.81
CA GLY E 69 -13.63 -20.05 -46.51
C GLY E 69 -14.94 -20.53 -45.94
N ARG E 70 -15.06 -20.53 -44.62
CA ARG E 70 -16.28 -20.96 -43.94
C ARG E 70 -17.12 -19.76 -43.50
N VAL E 71 -16.60 -18.56 -43.75
CA VAL E 71 -17.25 -17.32 -43.35
C VAL E 71 -17.54 -16.42 -44.55
N ARG E 72 -18.75 -15.87 -44.60
CA ARG E 72 -19.13 -14.96 -45.67
C ARG E 72 -19.12 -13.51 -45.21
N LYS E 73 -19.35 -13.31 -43.91
CA LYS E 73 -19.38 -11.96 -43.33
C LYS E 73 -18.69 -11.91 -41.98
N VAL E 74 -17.94 -10.82 -41.74
CA VAL E 74 -17.30 -10.58 -40.46
C VAL E 74 -17.67 -9.20 -39.91
N ILE E 75 -17.92 -9.15 -38.61
CA ILE E 75 -18.12 -7.89 -37.90
C ILE E 75 -17.08 -7.79 -36.79
N ALA E 76 -16.21 -6.80 -36.88
CA ALA E 76 -15.10 -6.68 -35.94
C ALA E 76 -14.50 -5.27 -35.91
N SER E 77 -13.45 -5.10 -35.12
CA SER E 77 -12.80 -3.81 -34.95
C SER E 77 -11.38 -3.79 -35.52
N HIS E 78 -10.78 -4.97 -35.68
CA HIS E 78 -9.42 -5.07 -36.20
C HIS E 78 -9.19 -6.36 -36.97
N ILE E 79 -8.47 -6.26 -38.09
CA ILE E 79 -8.20 -7.40 -38.95
C ILE E 79 -6.76 -7.37 -39.47
N GLY E 80 -5.94 -6.50 -38.92
CA GLY E 80 -4.60 -6.25 -39.44
C GLY E 80 -3.66 -7.42 -39.30
N THR E 81 -3.80 -8.19 -38.22
CA THR E 81 -2.89 -9.29 -37.95
C THR E 81 -3.28 -10.58 -38.69
N ASN E 82 -4.31 -10.49 -39.51
CA ASN E 82 -4.74 -11.61 -40.35
C ASN E 82 -4.80 -11.18 -41.81
N PRO E 83 -3.72 -11.42 -42.57
CA PRO E 83 -3.65 -10.98 -43.97
C PRO E 83 -4.76 -11.57 -44.81
N GLU E 84 -5.22 -12.74 -44.38
CA GLU E 84 -6.25 -13.45 -45.12
C GLU E 84 -7.56 -12.69 -45.13
N THR E 85 -7.96 -12.13 -43.99
CA THR E 85 -9.17 -11.32 -43.90
C THR E 85 -9.14 -10.19 -44.92
N GLY E 86 -8.03 -9.46 -44.95
CA GLY E 86 -7.86 -8.36 -45.89
C GLY E 86 -7.94 -8.79 -47.33
N ARG E 87 -7.26 -9.88 -47.66
CA ARG E 87 -7.28 -10.43 -49.02
C ARG E 87 -8.70 -10.76 -49.46
N ARG E 88 -9.43 -11.44 -48.59
CA ARG E 88 -10.81 -11.84 -48.87
C ARG E 88 -11.73 -10.63 -48.89
N MET E 89 -11.39 -9.61 -48.11
CA MET E 89 -12.14 -8.36 -48.10
C MET E 89 -12.01 -7.63 -49.44
N ILE E 90 -10.77 -7.52 -49.91
CA ILE E 90 -10.48 -6.83 -51.16
C ILE E 90 -11.10 -7.51 -52.37
N SER E 91 -10.94 -8.84 -52.45
CA SER E 91 -11.44 -9.61 -53.59
C SER E 91 -12.96 -9.53 -53.73
N GLY E 92 -13.66 -9.65 -52.60
CA GLY E 92 -15.11 -9.61 -52.59
C GLY E 92 -15.71 -10.92 -52.10
N GLU E 93 -14.87 -11.91 -51.88
CA GLU E 93 -15.31 -13.22 -51.42
C GLU E 93 -15.97 -13.16 -50.05
N MET E 94 -15.62 -12.15 -49.26
CA MET E 94 -16.13 -12.02 -47.89
C MET E 94 -16.43 -10.57 -47.55
N ASP E 95 -17.56 -10.35 -46.87
CA ASP E 95 -17.96 -9.02 -46.43
C ASP E 95 -17.37 -8.72 -45.06
N VAL E 96 -16.89 -7.50 -44.88
CA VAL E 96 -16.26 -7.11 -43.61
C VAL E 96 -16.83 -5.79 -43.12
N VAL E 97 -17.26 -5.78 -41.85
CA VAL E 97 -17.79 -4.59 -41.21
C VAL E 97 -16.85 -4.17 -40.09
N LEU E 98 -16.11 -3.10 -40.32
CA LEU E 98 -15.17 -2.58 -39.33
C LEU E 98 -15.88 -1.58 -38.42
N VAL E 99 -16.03 -1.96 -37.15
CA VAL E 99 -16.74 -1.15 -36.17
C VAL E 99 -15.79 -0.75 -35.05
N PRO E 100 -15.88 0.50 -34.56
CA PRO E 100 -15.08 0.87 -33.39
C PRO E 100 -15.30 -0.08 -32.22
N GLN E 101 -14.21 -0.50 -31.60
CA GLN E 101 -14.25 -1.52 -30.55
C GLN E 101 -15.23 -1.17 -29.43
N GLY E 102 -15.11 0.04 -28.90
CA GLY E 102 -16.01 0.49 -27.85
C GLY E 102 -17.46 0.48 -28.29
N THR E 103 -17.70 0.73 -29.57
CA THR E 103 -19.05 0.69 -30.13
C THR E 103 -19.52 -0.74 -30.26
N LEU E 104 -18.67 -1.59 -30.83
CA LEU E 104 -18.99 -3.00 -31.06
C LEU E 104 -19.42 -3.70 -29.78
N ILE E 105 -18.61 -3.56 -28.72
CA ILE E 105 -18.91 -4.20 -27.45
C ILE E 105 -20.23 -3.68 -26.86
N GLU E 106 -20.51 -2.40 -27.06
CA GLU E 106 -21.76 -1.80 -26.58
C GLU E 106 -22.96 -2.26 -27.41
N GLN E 107 -22.75 -2.50 -28.71
CA GLN E 107 -23.78 -3.05 -29.56
C GLN E 107 -24.17 -4.45 -29.07
N ILE E 108 -23.14 -5.24 -28.76
CA ILE E 108 -23.34 -6.57 -28.21
C ILE E 108 -24.06 -6.49 -26.86
N ARG E 109 -23.59 -5.60 -25.98
CA ARG E 109 -24.21 -5.43 -24.68
C ARG E 109 -25.69 -5.05 -24.82
N CYS E 110 -25.98 -4.14 -25.74
CA CYS E 110 -27.35 -3.73 -26.00
C CYS E 110 -28.18 -4.92 -26.43
N GLY E 111 -27.63 -5.72 -27.35
CA GLY E 111 -28.29 -6.93 -27.80
C GLY E 111 -28.58 -7.87 -26.64
N GLY E 112 -27.65 -7.95 -25.71
CA GLY E 112 -27.79 -8.80 -24.54
C GLY E 112 -28.67 -8.24 -23.43
N ALA E 113 -28.72 -6.91 -23.33
CA ALA E 113 -29.41 -6.25 -22.22
C ALA E 113 -30.80 -5.76 -22.60
N GLY E 114 -31.27 -6.13 -23.79
CA GLY E 114 -32.60 -5.79 -24.22
C GLY E 114 -32.79 -4.30 -24.47
N LEU E 115 -31.73 -3.64 -24.92
CA LEU E 115 -31.78 -2.22 -25.24
C LEU E 115 -31.93 -2.03 -26.75
N GLY E 116 -32.62 -0.96 -27.14
CA GLY E 116 -32.93 -0.72 -28.54
C GLY E 116 -31.84 0.01 -29.30
N GLY E 117 -30.81 0.45 -28.58
CA GLY E 117 -29.72 1.17 -29.19
C GLY E 117 -29.11 2.15 -28.22
N PHE E 118 -28.04 2.82 -28.63
CA PHE E 118 -27.36 3.78 -27.78
C PHE E 118 -26.74 4.90 -28.60
N LEU E 119 -26.49 6.03 -27.94
CA LEU E 119 -25.89 7.21 -28.57
C LEU E 119 -24.41 7.28 -28.21
N THR E 120 -23.55 7.35 -29.22
CA THR E 120 -22.10 7.47 -28.99
C THR E 120 -21.50 8.60 -29.84
N PRO E 121 -20.49 9.30 -29.29
CA PRO E 121 -19.78 10.34 -30.04
C PRO E 121 -18.66 9.77 -30.90
N THR E 122 -18.33 8.50 -30.66
CA THR E 122 -17.28 7.82 -31.42
C THR E 122 -17.72 7.61 -32.86
N GLY E 123 -16.89 8.09 -33.80
CA GLY E 123 -17.14 7.89 -35.21
C GLY E 123 -17.78 9.08 -35.90
N VAL E 124 -18.17 10.09 -35.11
CA VAL E 124 -18.73 11.31 -35.67
C VAL E 124 -17.69 12.02 -36.52
N GLY E 125 -18.07 12.40 -37.73
CA GLY E 125 -17.18 13.11 -38.63
C GLY E 125 -16.24 12.19 -39.38
N THR E 126 -16.46 10.88 -39.26
CA THR E 126 -15.65 9.87 -39.93
C THR E 126 -16.54 9.03 -40.85
N VAL E 127 -15.94 8.04 -41.51
CA VAL E 127 -16.69 7.14 -42.38
C VAL E 127 -17.66 6.29 -41.57
N VAL E 128 -17.43 6.21 -40.26
CA VAL E 128 -18.30 5.44 -39.38
C VAL E 128 -19.68 6.07 -39.32
N GLU E 129 -19.75 7.38 -39.53
CA GLU E 129 -21.02 8.09 -39.48
C GLU E 129 -21.90 7.74 -40.67
N GLU E 130 -21.28 7.31 -41.76
CA GLU E 130 -22.00 7.02 -43.00
C GLU E 130 -23.02 5.91 -42.82
N GLY E 131 -24.25 6.18 -43.26
CA GLY E 131 -25.31 5.18 -43.25
C GLY E 131 -25.97 4.99 -41.91
N LYS E 132 -25.62 5.83 -40.94
CA LYS E 132 -26.17 5.72 -39.59
C LYS E 132 -27.00 6.95 -39.23
N GLN E 133 -27.95 6.77 -38.33
CA GLN E 133 -28.79 7.85 -37.85
C GLN E 133 -28.05 8.66 -36.78
N THR E 134 -28.14 9.97 -36.87
CA THR E 134 -27.50 10.87 -35.91
C THR E 134 -28.52 11.71 -35.16
N LEU E 135 -28.29 11.87 -33.86
CA LEU E 135 -29.15 12.68 -33.01
C LEU E 135 -28.37 13.83 -32.38
N THR E 136 -29.01 14.99 -32.31
CA THR E 136 -28.42 16.17 -31.68
C THR E 136 -29.06 16.38 -30.32
N LEU E 137 -28.20 16.44 -29.29
CA LEU E 137 -28.67 16.58 -27.91
C LEU E 137 -27.73 17.47 -27.10
N ASP E 138 -28.27 18.53 -26.52
CA ASP E 138 -27.49 19.47 -25.70
C ASP E 138 -26.44 20.20 -26.54
N GLY E 139 -26.64 20.17 -27.86
CA GLY E 139 -25.74 20.84 -28.78
C GLY E 139 -24.64 19.90 -29.24
N LYS E 140 -24.67 18.66 -28.76
CA LYS E 140 -23.66 17.68 -29.12
C LYS E 140 -24.27 16.66 -30.07
N THR E 141 -23.52 16.29 -31.10
CA THR E 141 -23.98 15.31 -32.09
C THR E 141 -23.59 13.89 -31.70
N TRP E 142 -24.53 12.96 -31.83
CA TRP E 142 -24.29 11.56 -31.48
C TRP E 142 -24.67 10.62 -32.63
N LEU E 143 -23.90 9.55 -32.80
CA LEU E 143 -24.30 8.46 -33.68
C LEU E 143 -25.22 7.50 -32.93
N LEU E 144 -26.35 7.16 -33.55
CA LEU E 144 -27.26 6.15 -32.99
C LEU E 144 -26.86 4.75 -33.44
N GLU E 145 -26.36 3.95 -32.50
CA GLU E 145 -25.92 2.59 -32.79
C GLU E 145 -26.96 1.57 -32.32
N ARG E 146 -27.12 0.49 -33.08
CA ARG E 146 -28.18 -0.48 -32.85
C ARG E 146 -27.62 -1.77 -32.26
N PRO E 147 -28.44 -2.54 -31.53
CA PRO E 147 -27.98 -3.76 -30.85
C PRO E 147 -27.57 -4.88 -31.81
N LEU E 148 -26.64 -5.72 -31.35
CA LEU E 148 -26.22 -6.90 -32.10
C LEU E 148 -26.51 -8.19 -31.32
N ARG E 149 -27.14 -9.15 -32.00
CA ARG E 149 -27.39 -10.46 -31.41
C ARG E 149 -26.92 -11.55 -32.36
N ALA E 150 -26.92 -12.79 -31.89
CA ALA E 150 -26.46 -13.92 -32.68
C ALA E 150 -27.22 -15.19 -32.34
N ASP E 151 -27.12 -16.19 -33.22
CA ASP E 151 -27.75 -17.48 -32.99
C ASP E 151 -26.99 -18.27 -31.93
N LEU E 152 -25.67 -18.10 -31.90
CA LEU E 152 -24.81 -18.91 -31.04
C LEU E 152 -23.65 -18.08 -30.49
N ALA E 153 -23.18 -18.46 -29.29
CA ALA E 153 -22.01 -17.83 -28.69
C ALA E 153 -21.01 -18.90 -28.24
N LEU E 154 -19.76 -18.74 -28.65
CA LEU E 154 -18.69 -19.65 -28.26
C LEU E 154 -17.82 -18.99 -27.19
N ILE E 155 -17.87 -19.53 -25.97
CA ILE E 155 -17.24 -18.91 -24.81
C ILE E 155 -16.13 -19.78 -24.23
N ARG E 156 -15.03 -19.13 -23.83
CA ARG E 156 -13.99 -19.76 -23.02
C ARG E 156 -14.02 -19.19 -21.62
N ALA E 157 -13.91 -20.07 -20.62
CA ALA E 157 -13.84 -19.65 -19.22
C ALA E 157 -12.68 -20.37 -18.54
N HIS E 158 -12.27 -19.84 -17.38
CA HIS E 158 -11.20 -20.46 -16.60
C HIS E 158 -11.77 -21.59 -15.75
N ARG E 159 -12.58 -21.22 -14.75
CA ARG E 159 -13.28 -22.19 -13.91
C ARG E 159 -14.78 -22.13 -14.16
N CYS E 160 -15.46 -23.24 -13.92
CA CYS E 160 -16.89 -23.35 -14.18
C CYS E 160 -17.52 -24.46 -13.35
N ASP E 161 -18.62 -24.15 -12.66
CA ASP E 161 -19.30 -25.17 -11.85
C ASP E 161 -20.43 -25.83 -12.65
N THR E 162 -21.12 -26.77 -12.03
CA THR E 162 -22.13 -27.57 -12.72
C THR E 162 -23.39 -26.78 -13.08
N LEU E 163 -23.54 -25.59 -12.52
CA LEU E 163 -24.66 -24.71 -12.86
C LEU E 163 -24.34 -23.78 -14.02
N GLY E 164 -23.05 -23.65 -14.32
CA GLY E 164 -22.61 -22.82 -15.43
C GLY E 164 -22.09 -21.46 -15.01
N ASN E 165 -21.93 -21.25 -13.71
CA ASN E 165 -21.30 -20.03 -13.21
C ASN E 165 -19.85 -19.98 -13.67
N LEU E 166 -19.45 -18.87 -14.28
CA LEU E 166 -18.11 -18.77 -14.88
C LEU E 166 -17.21 -17.72 -14.23
N THR E 167 -15.92 -18.02 -14.18
CA THR E 167 -14.90 -17.04 -13.89
C THR E 167 -13.92 -17.01 -15.05
N TYR E 168 -13.15 -15.93 -15.16
CA TYR E 168 -12.18 -15.78 -16.24
C TYR E 168 -10.81 -15.46 -15.66
N GLN E 169 -9.77 -15.65 -16.47
CA GLN E 169 -8.40 -15.45 -16.02
C GLN E 169 -7.68 -14.36 -16.80
N LEU E 170 -7.29 -13.31 -16.09
CA LEU E 170 -6.49 -12.23 -16.65
C LEU E 170 -7.15 -11.63 -17.90
N SER E 171 -6.38 -11.46 -18.98
CA SER E 171 -6.88 -10.75 -20.16
C SER E 171 -7.64 -11.66 -21.12
N ALA E 172 -7.98 -12.86 -20.66
CA ALA E 172 -8.75 -13.80 -21.47
C ALA E 172 -10.26 -13.54 -21.36
N ARG E 173 -10.63 -12.54 -20.56
CA ARG E 173 -12.03 -12.21 -20.34
C ARG E 173 -12.64 -11.48 -21.55
N ASN E 174 -12.20 -10.24 -21.76
CA ASN E 174 -12.64 -9.38 -22.85
C ASN E 174 -14.12 -9.54 -23.26
N PHE E 175 -14.38 -10.17 -24.41
CA PHE E 175 -15.73 -10.23 -24.99
C PHE E 175 -16.62 -11.31 -24.38
N ASN E 176 -16.01 -12.31 -23.74
CA ASN E 176 -16.74 -13.49 -23.30
C ASN E 176 -17.95 -13.20 -22.42
N PRO E 177 -17.79 -12.35 -21.39
CA PRO E 177 -18.93 -12.08 -20.51
C PRO E 177 -20.11 -11.41 -21.21
N LEU E 178 -19.84 -10.67 -22.29
CA LEU E 178 -20.89 -9.92 -22.98
C LEU E 178 -21.62 -10.77 -24.02
N ILE E 179 -20.87 -11.55 -24.80
CA ILE E 179 -21.47 -12.40 -25.83
C ILE E 179 -22.36 -13.47 -25.19
N ALA E 180 -22.13 -13.74 -23.91
CA ALA E 180 -22.92 -14.71 -23.17
C ALA E 180 -24.38 -14.29 -23.07
N LEU E 181 -24.64 -12.99 -23.11
CA LEU E 181 -25.99 -12.45 -22.96
C LEU E 181 -26.66 -12.16 -24.31
N ALA E 182 -25.88 -12.14 -25.39
CA ALA E 182 -26.36 -11.65 -26.67
C ALA E 182 -26.73 -12.76 -27.66
N ALA E 183 -26.60 -14.01 -27.24
CA ALA E 183 -26.87 -15.14 -28.12
C ALA E 183 -28.03 -15.99 -27.64
N ASP E 184 -28.78 -16.56 -28.60
CA ASP E 184 -29.91 -17.42 -28.29
C ASP E 184 -29.47 -18.65 -27.52
N ILE E 185 -28.40 -19.28 -28.00
CA ILE E 185 -27.81 -20.45 -27.34
C ILE E 185 -26.33 -20.18 -27.08
N THR E 186 -25.87 -20.61 -25.91
CA THR E 186 -24.50 -20.36 -25.47
C THR E 186 -23.78 -21.66 -25.10
N LEU E 187 -22.57 -21.81 -25.64
CA LEU E 187 -21.72 -22.95 -25.32
C LEU E 187 -20.43 -22.45 -24.68
N VAL E 188 -20.11 -22.98 -23.51
CA VAL E 188 -18.90 -22.57 -22.79
C VAL E 188 -17.90 -23.72 -22.73
N GLU E 189 -16.63 -23.37 -22.92
CA GLU E 189 -15.53 -24.32 -22.83
C GLU E 189 -14.61 -23.97 -21.68
N PRO E 190 -14.89 -24.53 -20.48
CA PRO E 190 -14.08 -24.16 -19.31
C PRO E 190 -12.75 -24.91 -19.25
N ASP E 191 -11.70 -24.21 -18.83
CA ASP E 191 -10.40 -24.82 -18.64
C ASP E 191 -10.46 -25.81 -17.48
N GLU E 192 -11.31 -25.52 -16.50
CA GLU E 192 -11.42 -26.32 -15.30
C GLU E 192 -12.88 -26.42 -14.86
N LEU E 193 -13.33 -27.65 -14.66
CA LEU E 193 -14.70 -27.91 -14.21
C LEU E 193 -14.71 -28.23 -12.73
N VAL E 194 -15.45 -27.44 -11.96
CA VAL E 194 -15.53 -27.63 -10.51
C VAL E 194 -16.95 -27.97 -10.09
N GLU E 195 -17.13 -28.23 -8.80
CA GLU E 195 -18.45 -28.51 -8.24
C GLU E 195 -19.12 -27.21 -7.80
N THR E 196 -20.45 -27.19 -7.81
CA THR E 196 -21.20 -26.04 -7.33
C THR E 196 -20.90 -25.78 -5.85
N GLY E 197 -20.46 -24.56 -5.56
CA GLY E 197 -20.08 -24.18 -4.21
C GLY E 197 -18.61 -23.83 -4.10
N GLU E 198 -17.81 -24.31 -5.05
CA GLU E 198 -16.37 -24.03 -5.05
C GLU E 198 -16.11 -22.61 -5.53
N LEU E 199 -17.03 -22.05 -6.30
CA LEU E 199 -16.95 -20.67 -6.74
C LEU E 199 -17.77 -19.76 -5.83
N GLN E 200 -17.09 -18.83 -5.17
CA GLN E 200 -17.77 -17.91 -4.25
C GLN E 200 -18.72 -16.99 -5.02
N PRO E 201 -19.87 -16.64 -4.40
CA PRO E 201 -20.85 -15.77 -5.06
C PRO E 201 -20.27 -14.45 -5.58
N ASP E 202 -19.28 -13.91 -4.87
CA ASP E 202 -18.68 -12.63 -5.24
C ASP E 202 -17.49 -12.79 -6.18
N HIS E 203 -17.28 -14.01 -6.67
CA HIS E 203 -16.20 -14.29 -7.61
C HIS E 203 -16.72 -14.63 -9.00
N ILE E 204 -18.01 -14.96 -9.06
CA ILE E 204 -18.64 -15.32 -10.33
C ILE E 204 -18.83 -14.10 -11.21
N VAL E 205 -18.38 -14.20 -12.46
CA VAL E 205 -18.48 -13.10 -13.42
C VAL E 205 -19.71 -13.27 -14.31
N THR E 206 -19.89 -14.49 -14.82
CA THR E 206 -21.04 -14.82 -15.67
C THR E 206 -21.93 -15.84 -14.97
N PRO E 207 -23.15 -15.43 -14.57
CA PRO E 207 -24.02 -16.39 -13.88
C PRO E 207 -24.46 -17.53 -14.80
N GLY E 208 -24.69 -18.71 -14.24
CA GLY E 208 -24.99 -19.88 -15.03
C GLY E 208 -26.30 -19.82 -15.77
N ALA E 209 -27.16 -18.87 -15.37
CA ALA E 209 -28.49 -18.74 -15.97
C ALA E 209 -28.41 -18.55 -17.49
N VAL E 210 -27.43 -17.78 -17.95
CA VAL E 210 -27.28 -17.48 -19.37
C VAL E 210 -26.45 -18.53 -20.10
N ILE E 211 -25.93 -19.50 -19.35
CA ILE E 211 -25.10 -20.56 -19.91
C ILE E 211 -25.93 -21.83 -20.09
N ASP E 212 -25.97 -22.34 -21.32
CA ASP E 212 -26.84 -23.46 -21.65
C ASP E 212 -26.12 -24.81 -21.60
N HIS E 213 -24.92 -24.86 -22.16
CA HIS E 213 -24.19 -26.12 -22.26
C HIS E 213 -22.70 -25.96 -21.98
N ILE E 214 -22.14 -26.96 -21.29
CA ILE E 214 -20.74 -26.96 -20.91
C ILE E 214 -20.02 -28.10 -21.63
N ILE E 215 -18.94 -27.77 -22.34
CA ILE E 215 -18.18 -28.76 -23.08
C ILE E 215 -17.20 -29.46 -22.15
N VAL E 216 -17.31 -30.79 -22.06
CA VAL E 216 -16.41 -31.58 -21.23
C VAL E 216 -15.11 -31.87 -21.96
N MET F 1 20.48 9.32 -28.80
CA MET F 1 19.61 10.48 -29.15
C MET F 1 18.77 10.17 -30.39
N ASP F 2 18.23 8.96 -30.45
CA ASP F 2 17.34 8.57 -31.53
C ASP F 2 16.08 9.44 -31.52
N ALA F 3 15.59 9.79 -32.70
CA ALA F 3 14.40 10.64 -32.84
C ALA F 3 13.20 10.10 -32.08
N LYS F 4 12.86 8.84 -32.32
CA LYS F 4 11.77 8.20 -31.62
C LYS F 4 11.96 8.26 -30.11
N GLN F 5 13.21 8.14 -29.67
CA GLN F 5 13.52 8.16 -28.25
C GLN F 5 13.35 9.55 -27.66
N ARG F 6 13.72 10.59 -28.41
CA ARG F 6 13.49 11.96 -27.98
C ARG F 6 11.99 12.26 -27.90
N ILE F 7 11.25 11.82 -28.90
CA ILE F 7 9.79 11.98 -28.88
C ILE F 7 9.22 11.29 -27.64
N ALA F 8 9.54 10.01 -27.47
CA ALA F 8 9.06 9.23 -26.33
C ALA F 8 9.45 9.90 -25.02
N ARG F 9 10.68 10.39 -24.96
CA ARG F 9 11.19 11.09 -23.78
C ARG F 9 10.37 12.33 -23.46
N ARG F 10 10.09 13.14 -24.47
CA ARG F 10 9.31 14.34 -24.27
C ARG F 10 7.89 14.02 -23.83
N VAL F 11 7.28 13.03 -24.47
CA VAL F 11 5.93 12.60 -24.10
C VAL F 11 5.90 12.11 -22.66
N ALA F 12 6.93 11.38 -22.25
CA ALA F 12 7.01 10.88 -20.88
C ALA F 12 7.02 12.02 -19.88
N GLN F 13 7.66 13.13 -20.25
CA GLN F 13 7.75 14.29 -19.38
C GLN F 13 6.41 15.03 -19.22
N GLU F 14 5.45 14.73 -20.09
CA GLU F 14 4.15 15.39 -20.06
C GLU F 14 3.21 14.76 -19.03
N LEU F 15 3.38 13.47 -18.77
CA LEU F 15 2.49 12.72 -17.88
C LEU F 15 2.66 13.17 -16.43
N ARG F 16 1.54 13.16 -15.70
CA ARG F 16 1.50 13.61 -14.32
C ARG F 16 1.48 12.41 -13.38
N ASP F 17 2.01 12.58 -12.18
CA ASP F 17 2.00 11.50 -11.19
C ASP F 17 0.56 11.09 -10.87
N GLY F 18 0.24 9.81 -11.06
CA GLY F 18 -1.09 9.29 -10.77
C GLY F 18 -2.02 9.24 -11.97
N ASP F 19 -1.55 9.66 -13.13
CA ASP F 19 -2.36 9.64 -14.35
C ASP F 19 -2.68 8.23 -14.80
N ILE F 20 -3.90 8.05 -15.30
CA ILE F 20 -4.27 6.83 -15.99
C ILE F 20 -3.96 7.02 -17.46
N VAL F 21 -3.03 6.23 -17.99
CA VAL F 21 -2.51 6.44 -19.33
C VAL F 21 -2.75 5.24 -20.25
N ASN F 22 -3.01 5.51 -21.52
CA ASN F 22 -3.06 4.48 -22.55
C ASN F 22 -1.99 4.71 -23.60
N LEU F 23 -1.17 3.69 -23.83
CA LEU F 23 -0.10 3.77 -24.82
C LEU F 23 -0.41 2.88 -26.01
N GLY F 24 -0.59 3.50 -27.17
CA GLY F 24 -0.89 2.76 -28.39
C GLY F 24 0.30 1.95 -28.88
N ILE F 25 0.03 0.98 -29.75
CA ILE F 25 1.10 0.15 -30.31
C ILE F 25 2.01 0.99 -31.18
N GLY F 26 3.30 0.67 -31.15
CA GLY F 26 4.29 1.38 -31.94
C GLY F 26 5.16 2.27 -31.08
N LEU F 27 5.24 3.54 -31.46
CA LEU F 27 6.09 4.51 -30.77
C LEU F 27 5.69 4.75 -29.31
N PRO F 28 4.39 4.95 -29.05
CA PRO F 28 3.96 5.31 -27.69
C PRO F 28 4.41 4.35 -26.59
N THR F 29 4.56 3.08 -26.91
CA THR F 29 4.98 2.08 -25.92
C THR F 29 6.34 2.42 -25.31
N MET F 30 7.18 3.13 -26.06
CA MET F 30 8.50 3.52 -25.57
C MET F 30 8.43 4.54 -24.43
N VAL F 31 7.30 5.26 -24.35
CA VAL F 31 7.11 6.29 -23.34
C VAL F 31 7.23 5.72 -21.94
N ALA F 32 6.90 4.43 -21.79
CA ALA F 32 6.94 3.76 -20.50
C ALA F 32 8.37 3.65 -19.97
N ASN F 33 9.35 3.83 -20.85
CA ASN F 33 10.76 3.65 -20.50
C ASN F 33 11.47 4.97 -20.17
N TYR F 34 10.72 6.07 -20.07
CA TYR F 34 11.32 7.38 -19.86
C TYR F 34 10.57 8.22 -18.82
N LEU F 35 9.82 7.55 -17.94
CA LEU F 35 9.11 8.26 -16.88
C LEU F 35 10.11 8.86 -15.89
N PRO F 36 10.00 10.18 -15.63
CA PRO F 36 10.91 10.81 -14.67
C PRO F 36 10.78 10.23 -13.26
N GLU F 37 11.78 10.48 -12.41
CA GLU F 37 11.76 9.99 -11.05
C GLU F 37 10.63 10.64 -10.24
N GLY F 38 9.91 9.82 -9.50
CA GLY F 38 8.80 10.30 -8.68
C GLY F 38 7.48 10.32 -9.41
N ILE F 39 7.51 10.08 -10.71
CA ILE F 39 6.29 10.02 -11.53
C ILE F 39 5.84 8.58 -11.68
N HIS F 40 4.68 8.28 -11.12
CA HIS F 40 4.10 6.94 -11.19
C HIS F 40 2.73 7.00 -11.86
N ILE F 41 2.58 6.22 -12.93
CA ILE F 41 1.32 6.17 -13.69
C ILE F 41 0.74 4.76 -13.70
N THR F 42 -0.52 4.67 -14.10
CA THR F 42 -1.18 3.37 -14.28
C THR F 42 -1.56 3.20 -15.74
N LEU F 43 -1.03 2.15 -16.37
CA LEU F 43 -1.27 1.90 -17.78
C LEU F 43 -2.52 1.04 -17.99
N GLN F 44 -3.38 1.49 -18.91
CA GLN F 44 -4.61 0.77 -19.24
C GLN F 44 -4.45 0.03 -20.56
N SER F 45 -4.87 -1.23 -20.58
CA SER F 45 -4.81 -2.05 -21.79
C SER F 45 -6.22 -2.31 -22.31
N GLU F 46 -6.46 -1.98 -23.58
CA GLU F 46 -7.79 -2.04 -24.18
C GLU F 46 -8.45 -3.42 -23.99
N ASN F 47 -7.65 -4.47 -24.08
CA ASN F 47 -8.18 -5.83 -23.99
C ASN F 47 -8.74 -6.16 -22.61
N GLY F 48 -8.59 -5.22 -21.67
CA GLY F 48 -9.38 -5.23 -20.46
C GLY F 48 -8.65 -5.40 -19.14
N PHE F 49 -7.68 -4.53 -18.87
CA PHE F 49 -7.10 -4.46 -17.53
C PHE F 49 -6.31 -3.19 -17.28
N LEU F 50 -6.20 -2.83 -16.00
CA LEU F 50 -5.40 -1.71 -15.54
C LEU F 50 -4.20 -2.22 -14.77
N GLY F 51 -3.07 -1.52 -14.88
CA GLY F 51 -1.85 -1.90 -14.19
C GLY F 51 -0.92 -2.71 -15.07
N LEU F 52 -0.85 -2.37 -16.34
CA LEU F 52 0.04 -3.03 -17.28
C LEU F 52 1.49 -2.78 -16.90
N GLY F 53 2.33 -3.79 -17.10
CA GLY F 53 3.75 -3.69 -16.79
C GLY F 53 4.58 -4.65 -17.61
N PRO F 54 5.91 -4.65 -17.39
CA PRO F 54 6.79 -5.57 -18.12
C PRO F 54 6.55 -7.02 -17.76
N VAL F 55 7.03 -7.94 -18.59
CA VAL F 55 6.93 -9.36 -18.31
C VAL F 55 7.76 -9.71 -17.09
N THR F 56 7.18 -10.51 -16.20
CA THR F 56 7.91 -11.08 -15.08
C THR F 56 8.13 -12.56 -15.39
N THR F 57 7.04 -13.31 -15.31
CA THR F 57 6.99 -14.66 -15.85
C THR F 57 5.83 -14.70 -16.84
N ALA F 58 6.13 -15.05 -18.09
CA ALA F 58 5.13 -15.01 -19.15
C ALA F 58 3.93 -15.90 -18.84
N HIS F 59 2.75 -15.40 -19.17
CA HIS F 59 1.50 -16.14 -18.98
C HIS F 59 0.68 -16.10 -20.26
N PRO F 60 0.19 -17.26 -20.74
CA PRO F 60 -0.55 -17.29 -22.02
C PRO F 60 -1.77 -16.38 -22.06
N ASP F 61 -2.44 -16.24 -20.92
CA ASP F 61 -3.68 -15.45 -20.86
C ASP F 61 -3.43 -13.98 -20.50
N LEU F 62 -2.17 -13.55 -20.61
CA LEU F 62 -1.82 -12.17 -20.31
C LEU F 62 -1.04 -11.55 -21.46
N VAL F 63 -1.69 -10.67 -22.21
CA VAL F 63 -1.07 -9.99 -23.34
C VAL F 63 -1.50 -8.53 -23.40
N ASN F 64 -0.78 -7.73 -24.18
CA ASN F 64 -1.14 -6.33 -24.40
C ASN F 64 -2.13 -6.22 -25.56
N ALA F 65 -2.46 -4.99 -25.93
CA ALA F 65 -3.42 -4.75 -27.01
C ALA F 65 -2.92 -5.31 -28.35
N GLY F 66 -1.62 -5.56 -28.42
CA GLY F 66 -1.01 -6.12 -29.62
C GLY F 66 -1.00 -7.64 -29.63
N GLY F 67 -1.50 -8.24 -28.55
CA GLY F 67 -1.57 -9.69 -28.46
C GLY F 67 -0.26 -10.33 -28.08
N GLN F 68 0.73 -9.50 -27.75
CA GLN F 68 2.05 -9.98 -27.35
C GLN F 68 2.11 -10.13 -25.82
N PRO F 69 2.88 -11.12 -25.32
CA PRO F 69 2.94 -11.38 -23.89
C PRO F 69 3.47 -10.19 -23.08
N CYS F 70 2.78 -9.87 -21.99
CA CYS F 70 3.17 -8.77 -21.11
C CYS F 70 3.08 -9.22 -19.65
N GLY F 71 3.06 -8.24 -18.74
CA GLY F 71 2.90 -8.52 -17.32
C GLY F 71 1.99 -7.50 -16.67
N VAL F 72 1.90 -7.56 -15.34
CA VAL F 72 1.12 -6.59 -14.57
C VAL F 72 1.84 -6.20 -13.29
N LEU F 73 1.47 -5.05 -12.74
CA LEU F 73 2.05 -4.56 -11.49
C LEU F 73 1.09 -4.80 -10.33
N PRO F 74 1.57 -4.67 -9.08
CA PRO F 74 0.70 -4.84 -7.92
C PRO F 74 -0.49 -3.88 -7.95
N GLY F 75 -1.69 -4.41 -7.70
CA GLY F 75 -2.89 -3.60 -7.71
C GLY F 75 -3.57 -3.55 -9.08
N ALA F 76 -3.16 -4.44 -9.96
CA ALA F 76 -3.77 -4.53 -11.28
C ALA F 76 -5.21 -5.04 -11.16
N ALA F 77 -6.07 -4.61 -12.08
CA ALA F 77 -7.47 -5.01 -12.07
C ALA F 77 -7.90 -5.54 -13.44
N MET F 78 -8.67 -6.62 -13.44
CA MET F 78 -9.19 -7.20 -14.67
C MET F 78 -10.67 -6.82 -14.85
N PHE F 79 -11.09 -6.67 -16.10
CA PHE F 79 -12.49 -6.38 -16.41
C PHE F 79 -12.79 -6.67 -17.87
N ASP F 80 -14.07 -6.73 -18.23
CA ASP F 80 -14.45 -7.04 -19.61
C ASP F 80 -14.29 -5.80 -20.50
N SER F 81 -14.58 -5.99 -21.78
CA SER F 81 -14.35 -4.95 -22.79
C SER F 81 -15.32 -3.78 -22.66
N ALA F 82 -16.54 -4.07 -22.22
CA ALA F 82 -17.54 -3.04 -22.00
C ALA F 82 -17.07 -2.07 -20.92
N MET F 83 -16.57 -2.63 -19.82
CA MET F 83 -16.00 -1.83 -18.75
C MET F 83 -14.77 -1.07 -19.25
N SER F 84 -13.95 -1.76 -20.04
CA SER F 84 -12.73 -1.15 -20.58
C SER F 84 -13.04 0.12 -21.36
N PHE F 85 -13.99 0.02 -22.29
CA PHE F 85 -14.33 1.17 -23.11
C PHE F 85 -15.34 2.09 -22.43
N ALA F 86 -15.93 1.63 -21.34
CA ALA F 86 -16.64 2.53 -20.44
C ALA F 86 -15.63 3.48 -19.80
N LEU F 87 -14.50 2.91 -19.38
CA LEU F 87 -13.41 3.70 -18.83
C LEU F 87 -12.82 4.62 -19.90
N ILE F 88 -12.49 4.05 -21.05
CA ILE F 88 -11.88 4.80 -22.14
C ILE F 88 -12.78 5.91 -22.66
N ARG F 89 -14.04 5.59 -22.91
CA ARG F 89 -14.98 6.55 -23.51
C ARG F 89 -15.52 7.52 -22.46
N GLY F 90 -15.54 7.09 -21.20
CA GLY F 90 -16.15 7.85 -20.14
C GLY F 90 -15.28 8.95 -19.56
N GLY F 91 -14.07 9.10 -20.10
CA GLY F 91 -13.18 10.15 -19.66
C GLY F 91 -12.38 9.78 -18.42
N HIS F 92 -12.19 8.49 -18.20
CA HIS F 92 -11.45 8.00 -17.04
C HIS F 92 -9.98 7.75 -17.39
N ILE F 93 -9.63 7.94 -18.66
CA ILE F 93 -8.25 7.95 -19.10
C ILE F 93 -7.74 9.38 -19.14
N ASP F 94 -6.76 9.69 -18.30
CA ASP F 94 -6.23 11.05 -18.22
C ASP F 94 -5.50 11.43 -19.50
N ALA F 95 -4.83 10.46 -20.11
CA ALA F 95 -4.04 10.73 -21.32
C ALA F 95 -3.88 9.48 -22.18
N CYS F 96 -4.03 9.65 -23.49
CA CYS F 96 -3.71 8.59 -24.45
C CYS F 96 -2.58 9.07 -25.34
N VAL F 97 -1.63 8.17 -25.60
CA VAL F 97 -0.52 8.45 -26.52
C VAL F 97 -0.66 7.54 -27.74
N LEU F 98 -0.90 8.14 -28.89
CA LEU F 98 -1.08 7.38 -30.13
C LEU F 98 -0.14 7.88 -31.22
N GLY F 99 0.15 7.00 -32.18
CA GLY F 99 0.92 7.38 -33.35
C GLY F 99 0.03 8.17 -34.30
N GLY F 100 0.59 8.61 -35.41
CA GLY F 100 -0.17 9.38 -36.38
C GLY F 100 0.38 9.32 -37.79
N LEU F 101 -0.53 9.35 -38.76
CA LEU F 101 -0.19 9.47 -40.17
C LEU F 101 -0.33 10.92 -40.61
N GLN F 102 -1.36 11.58 -40.09
CA GLN F 102 -1.63 12.98 -40.42
C GLN F 102 -2.32 13.69 -39.27
N VAL F 103 -1.97 14.96 -39.12
CA VAL F 103 -2.65 15.87 -38.19
C VAL F 103 -2.77 17.20 -38.92
N ASP F 104 -3.84 17.95 -38.64
CA ASP F 104 -3.98 19.26 -39.29
C ASP F 104 -4.36 20.36 -38.30
N GLU F 105 -4.41 21.58 -38.82
CA GLU F 105 -4.61 22.77 -38.00
C GLU F 105 -5.94 22.74 -37.25
N GLU F 106 -6.90 21.95 -37.74
CA GLU F 106 -8.18 21.80 -37.08
C GLU F 106 -8.15 20.67 -36.06
N ALA F 107 -6.94 20.23 -35.71
CA ALA F 107 -6.73 19.17 -34.71
C ALA F 107 -7.34 17.83 -35.14
N ASN F 108 -7.61 17.66 -36.42
CA ASN F 108 -8.10 16.38 -36.93
C ASN F 108 -6.97 15.35 -36.92
N LEU F 109 -7.34 14.08 -36.87
CA LEU F 109 -6.35 13.00 -36.82
C LEU F 109 -6.67 11.91 -37.83
N ALA F 110 -5.61 11.40 -38.46
CA ALA F 110 -5.71 10.22 -39.31
C ALA F 110 -4.57 9.27 -38.94
N ASN F 111 -4.91 8.08 -38.47
CA ASN F 111 -3.89 7.12 -38.04
C ASN F 111 -4.38 5.68 -37.97
N TRP F 112 -5.37 5.33 -38.80
CA TRP F 112 -5.89 3.97 -38.82
C TRP F 112 -5.98 3.40 -40.24
N VAL F 113 -5.78 4.26 -41.25
CA VAL F 113 -5.84 3.80 -42.63
C VAL F 113 -5.13 4.74 -43.60
N VAL F 114 -4.44 4.15 -44.56
CA VAL F 114 -3.79 4.89 -45.65
C VAL F 114 -4.48 4.56 -46.97
N PRO F 115 -4.94 5.60 -47.71
CA PRO F 115 -5.55 5.31 -49.02
C PRO F 115 -4.55 4.65 -49.96
N GLY F 116 -4.98 3.55 -50.59
CA GLY F 116 -4.12 2.80 -51.48
C GLY F 116 -3.59 1.54 -50.82
N LYS F 117 -3.61 1.53 -49.49
CA LYS F 117 -3.23 0.36 -48.71
C LYS F 117 -4.45 -0.32 -48.10
N MET F 118 -4.30 -1.58 -47.72
CA MET F 118 -5.40 -2.35 -47.15
C MET F 118 -5.83 -1.77 -45.81
N VAL F 119 -7.14 -1.75 -45.58
CA VAL F 119 -7.69 -1.17 -44.36
C VAL F 119 -7.60 -2.17 -43.21
N PRO F 120 -6.87 -1.82 -42.13
CA PRO F 120 -6.70 -2.74 -41.00
C PRO F 120 -7.80 -2.63 -39.95
N GLY F 121 -8.51 -1.50 -39.94
CA GLY F 121 -9.52 -1.23 -38.93
C GLY F 121 -9.04 -0.18 -37.94
N MET F 122 -9.96 0.41 -37.20
CA MET F 122 -9.64 1.49 -36.28
C MET F 122 -9.27 0.98 -34.88
N GLY F 123 -9.73 -0.23 -34.57
CA GLY F 123 -9.52 -0.79 -33.24
C GLY F 123 -10.19 0.08 -32.20
N GLY F 124 -9.42 0.52 -31.22
CA GLY F 124 -9.94 1.36 -30.14
C GLY F 124 -9.46 2.79 -30.21
N ALA F 125 -8.88 3.17 -31.36
CA ALA F 125 -8.30 4.50 -31.52
C ALA F 125 -9.36 5.61 -31.46
N MET F 126 -10.47 5.41 -32.16
CA MET F 126 -11.54 6.41 -32.19
C MET F 126 -12.11 6.67 -30.80
N ASP F 127 -12.46 5.59 -30.08
CA ASP F 127 -12.92 5.72 -28.71
C ASP F 127 -11.87 6.41 -27.83
N LEU F 128 -10.60 6.02 -27.99
CA LEU F 128 -9.52 6.56 -27.19
C LEU F 128 -9.36 8.08 -27.37
N VAL F 129 -9.35 8.54 -28.63
CA VAL F 129 -9.19 9.96 -28.90
C VAL F 129 -10.48 10.73 -28.62
N THR F 130 -11.62 10.03 -28.67
CA THR F 130 -12.90 10.65 -28.34
C THR F 130 -13.07 10.76 -26.83
N GLY F 131 -12.53 9.80 -26.09
CA GLY F 131 -12.77 9.70 -24.66
C GLY F 131 -11.70 10.31 -23.77
N SER F 132 -10.44 10.20 -24.16
CA SER F 132 -9.32 10.62 -23.31
C SER F 132 -9.36 12.12 -23.04
N ARG F 133 -9.02 12.51 -21.82
CA ARG F 133 -8.98 13.91 -21.43
C ARG F 133 -7.86 14.67 -22.15
N LYS F 134 -6.74 14.00 -22.37
CA LYS F 134 -5.65 14.55 -23.16
C LYS F 134 -5.21 13.58 -24.26
N VAL F 135 -5.28 14.04 -25.50
CA VAL F 135 -4.91 13.25 -26.66
C VAL F 135 -3.54 13.69 -27.15
N ILE F 136 -2.54 12.85 -26.91
CA ILE F 136 -1.18 13.12 -27.32
C ILE F 136 -0.81 12.29 -28.54
N ILE F 137 -0.39 12.96 -29.59
CA ILE F 137 0.06 12.29 -30.81
C ILE F 137 1.58 12.32 -30.90
N ALA F 138 2.19 11.14 -30.93
CA ALA F 138 3.63 11.00 -31.05
C ALA F 138 4.01 10.42 -32.40
N MET F 139 4.62 11.23 -33.26
CA MET F 139 4.94 10.81 -34.62
C MET F 139 6.12 11.61 -35.13
N GLU F 140 6.83 11.06 -36.11
CA GLU F 140 7.87 11.80 -36.80
C GLU F 140 7.23 12.95 -37.56
N HIS F 141 7.98 14.03 -37.75
CA HIS F 141 7.44 15.25 -38.35
C HIS F 141 7.01 15.03 -39.79
N CYS F 142 7.85 14.34 -40.56
CA CYS F 142 7.60 14.11 -41.98
C CYS F 142 7.51 12.64 -42.33
N ALA F 143 6.88 12.35 -43.46
CA ALA F 143 6.77 10.99 -43.95
C ALA F 143 8.11 10.53 -44.49
N LYS F 144 8.20 9.27 -44.88
CA LYS F 144 9.47 8.69 -45.31
C LYS F 144 9.92 9.25 -46.66
N ASP F 145 9.00 9.81 -47.43
CA ASP F 145 9.36 10.43 -48.71
C ASP F 145 9.78 11.89 -48.51
N GLY F 146 9.61 12.39 -47.29
CA GLY F 146 10.00 13.76 -46.97
C GLY F 146 8.82 14.73 -46.97
N SER F 147 7.67 14.24 -47.41
CA SER F 147 6.47 15.07 -47.49
C SER F 147 5.95 15.41 -46.10
N ALA F 148 5.26 16.54 -45.99
CA ALA F 148 4.70 16.97 -44.72
C ALA F 148 3.56 16.07 -44.27
N LYS F 149 3.41 15.92 -42.96
CA LYS F 149 2.33 15.14 -42.37
C LYS F 149 1.43 16.05 -41.54
N ILE F 150 1.98 17.19 -41.13
CA ILE F 150 1.22 18.20 -40.40
C ILE F 150 0.69 19.20 -41.41
N LEU F 151 -0.57 19.03 -41.78
CA LEU F 151 -1.15 19.69 -42.95
C LEU F 151 -2.23 20.71 -42.62
N ARG F 152 -2.72 21.40 -43.66
CA ARG F 152 -3.86 22.29 -43.52
C ARG F 152 -5.13 21.47 -43.30
N ARG F 153 -5.22 20.35 -44.02
CA ARG F 153 -6.36 19.45 -43.93
C ARG F 153 -5.92 18.04 -44.27
N CYS F 154 -6.25 17.09 -43.40
CA CYS F 154 -5.91 15.69 -43.63
C CYS F 154 -6.51 15.19 -44.95
N THR F 155 -5.73 14.45 -45.71
CA THR F 155 -6.19 13.86 -46.96
C THR F 155 -6.59 12.41 -46.75
N MET F 156 -6.06 11.79 -45.69
CA MET F 156 -6.40 10.42 -45.33
C MET F 156 -7.67 10.38 -44.49
N PRO F 157 -8.34 9.23 -44.44
CA PRO F 157 -9.57 9.08 -43.64
C PRO F 157 -9.34 9.39 -42.16
N LEU F 158 -10.17 10.25 -41.58
CA LEU F 158 -9.98 10.67 -40.20
C LEU F 158 -10.27 9.57 -39.20
N THR F 159 -9.49 9.57 -38.12
CA THR F 159 -9.79 8.77 -36.94
C THR F 159 -10.81 9.53 -36.11
N ALA F 160 -10.64 10.84 -36.05
CA ALA F 160 -11.55 11.72 -35.35
C ALA F 160 -11.33 13.16 -35.78
N GLN F 161 -12.26 14.04 -35.41
CA GLN F 161 -12.17 15.46 -35.73
C GLN F 161 -12.03 16.29 -34.45
N HIS F 162 -11.16 17.29 -34.51
CA HIS F 162 -10.98 18.23 -33.40
C HIS F 162 -10.69 17.52 -32.09
N ALA F 163 -9.82 16.51 -32.14
CA ALA F 163 -9.58 15.62 -31.00
C ALA F 163 -8.19 15.77 -30.41
N VAL F 164 -7.24 16.24 -31.20
CA VAL F 164 -5.84 16.31 -30.76
C VAL F 164 -5.61 17.52 -29.86
N HIS F 165 -4.95 17.27 -28.72
CA HIS F 165 -4.59 18.34 -27.78
C HIS F 165 -3.11 18.68 -27.90
N MET F 166 -2.29 17.66 -28.11
CA MET F 166 -0.84 17.81 -28.12
C MET F 166 -0.19 16.95 -29.21
N LEU F 167 0.66 17.58 -30.02
CA LEU F 167 1.40 16.88 -31.06
C LEU F 167 2.90 17.00 -30.81
N VAL F 168 3.57 15.86 -30.69
CA VAL F 168 4.99 15.81 -30.40
C VAL F 168 5.78 15.14 -31.52
N THR F 169 6.68 15.90 -32.14
CA THR F 169 7.57 15.37 -33.18
C THR F 169 9.00 15.54 -32.70
N GLU F 170 9.95 15.01 -33.49
CA GLU F 170 11.37 15.12 -33.13
C GLU F 170 11.90 16.53 -33.44
N LEU F 171 11.06 17.39 -34.04
CA LEU F 171 11.42 18.77 -34.36
C LEU F 171 10.73 19.78 -33.45
N ALA F 172 9.54 19.44 -32.95
CA ALA F 172 8.74 20.42 -32.21
C ALA F 172 7.61 19.82 -31.38
N VAL F 173 7.06 20.64 -30.50
CA VAL F 173 5.84 20.31 -29.76
C VAL F 173 4.76 21.34 -30.09
N PHE F 174 3.62 20.86 -30.59
CA PHE F 174 2.48 21.72 -30.88
C PHE F 174 1.36 21.47 -29.87
N ARG F 175 0.61 22.51 -29.55
CA ARG F 175 -0.58 22.36 -28.72
C ARG F 175 -1.80 23.01 -29.37
N PHE F 176 -2.94 22.34 -29.26
CA PHE F 176 -4.21 22.88 -29.73
C PHE F 176 -5.01 23.42 -28.56
N ILE F 177 -5.16 24.74 -28.52
CA ILE F 177 -5.81 25.40 -27.38
C ILE F 177 -6.93 26.31 -27.88
N ASP F 178 -8.16 25.97 -27.48
CA ASP F 178 -9.34 26.72 -27.88
C ASP F 178 -9.44 26.81 -29.40
N GLY F 179 -9.24 25.68 -30.07
CA GLY F 179 -9.41 25.61 -31.51
C GLY F 179 -8.17 25.96 -32.32
N LYS F 180 -7.29 26.79 -31.75
CA LYS F 180 -6.13 27.28 -32.47
C LYS F 180 -4.89 26.42 -32.22
N MET F 181 -4.02 26.33 -33.22
CA MET F 181 -2.80 25.54 -33.14
C MET F 181 -1.60 26.40 -32.76
N TRP F 182 -0.88 25.97 -31.71
CA TRP F 182 0.27 26.72 -31.21
C TRP F 182 1.55 25.90 -31.23
N LEU F 183 2.61 26.48 -31.80
CA LEU F 183 3.95 25.92 -31.69
C LEU F 183 4.54 26.36 -30.35
N THR F 184 4.65 25.43 -29.42
CA THR F 184 5.05 25.76 -28.05
C THR F 184 6.50 25.37 -27.74
N GLU F 185 7.03 24.37 -28.43
CA GLU F 185 8.44 24.01 -28.26
C GLU F 185 9.12 23.62 -29.58
N ILE F 186 10.42 23.91 -29.64
CA ILE F 186 11.28 23.47 -30.73
C ILE F 186 12.43 22.64 -30.16
N ALA F 187 12.76 21.55 -30.84
CA ALA F 187 13.82 20.65 -30.38
C ALA F 187 15.20 21.26 -30.58
N ASP F 188 16.14 20.90 -29.71
CA ASP F 188 17.51 21.39 -29.81
C ASP F 188 18.17 20.93 -31.11
N GLY F 189 18.92 21.84 -31.72
CA GLY F 189 19.57 21.57 -32.99
C GLY F 189 18.67 21.90 -34.17
N CYS F 190 17.48 22.39 -33.89
CA CYS F 190 16.53 22.79 -34.91
C CYS F 190 16.15 24.26 -34.72
N ASP F 191 15.65 24.89 -35.77
CA ASP F 191 15.23 26.29 -35.70
C ASP F 191 13.81 26.47 -36.22
N LEU F 192 13.25 27.65 -35.97
CA LEU F 192 11.88 27.95 -36.30
C LEU F 192 11.64 27.88 -37.81
N ALA F 193 12.62 28.32 -38.59
CA ALA F 193 12.47 28.35 -40.04
C ALA F 193 12.39 26.94 -40.63
N THR F 194 13.15 26.02 -40.05
CA THR F 194 13.13 24.62 -40.49
C THR F 194 11.77 23.99 -40.19
N VAL F 195 11.26 24.25 -38.99
CA VAL F 195 9.95 23.75 -38.59
C VAL F 195 8.88 24.32 -39.51
N ARG F 196 8.97 25.62 -39.78
CA ARG F 196 8.05 26.28 -40.69
C ARG F 196 8.07 25.63 -42.07
N ALA F 197 9.27 25.38 -42.58
CA ALA F 197 9.45 24.80 -43.91
C ALA F 197 8.85 23.40 -43.98
N LYS F 198 8.99 22.64 -42.91
CA LYS F 198 8.53 21.25 -42.87
C LYS F 198 7.11 21.10 -42.33
N THR F 199 6.41 22.23 -42.14
CA THR F 199 5.05 22.21 -41.61
C THR F 199 4.13 23.04 -42.51
N GLU F 200 3.09 22.41 -43.03
CA GLU F 200 2.12 23.07 -43.90
C GLU F 200 0.94 23.62 -43.12
N ALA F 201 0.71 23.08 -41.93
CA ALA F 201 -0.38 23.55 -41.09
C ALA F 201 -0.12 25.00 -40.68
N ARG F 202 -1.19 25.79 -40.60
CA ARG F 202 -1.09 27.15 -40.11
C ARG F 202 -1.09 27.13 -38.59
N PHE F 203 -0.08 27.76 -38.00
CA PHE F 203 0.06 27.77 -36.54
C PHE F 203 0.72 29.04 -36.05
N GLU F 204 0.38 29.43 -34.82
CA GLU F 204 1.02 30.58 -34.18
C GLU F 204 2.16 30.12 -33.28
N VAL F 205 3.21 30.94 -33.20
CA VAL F 205 4.37 30.62 -32.39
C VAL F 205 4.28 31.30 -31.03
N ALA F 206 4.56 30.55 -29.98
CA ALA F 206 4.55 31.09 -28.62
C ALA F 206 5.59 32.19 -28.49
N ALA F 207 5.20 33.30 -27.87
CA ALA F 207 6.10 34.43 -27.69
C ALA F 207 7.25 34.05 -26.76
N ASP F 208 6.93 33.29 -25.71
CA ASP F 208 7.90 32.90 -24.71
C ASP F 208 8.55 31.56 -25.06
N LEU F 209 8.83 31.37 -26.34
CA LEU F 209 9.49 30.16 -26.82
C LEU F 209 10.87 30.02 -26.20
N ASN F 210 11.23 28.81 -25.80
CA ASN F 210 12.52 28.53 -25.17
C ASN F 210 12.74 29.33 -23.88
N THR F 211 11.81 29.19 -22.94
CA THR F 211 11.94 29.84 -21.64
C THR F 211 11.57 28.90 -20.50
N GLN F 212 12.13 29.15 -19.33
CA GLN F 212 11.88 28.33 -18.15
C GLN F 212 10.49 28.60 -17.60
N ARG F 213 9.87 27.56 -17.03
CA ARG F 213 8.60 27.70 -16.34
C ARG F 213 8.70 27.10 -14.94
N GLY F 214 7.85 27.55 -14.03
CA GLY F 214 7.84 27.06 -12.66
C GLY F 214 7.51 25.58 -12.57
N THR G 4 -1.81 10.80 -0.44
CA THR G 4 -2.41 9.59 -0.96
C THR G 4 -3.88 9.82 -1.29
N LYS G 5 -4.66 8.74 -1.33
CA LYS G 5 -6.11 8.83 -1.51
C LYS G 5 -6.78 8.77 -0.14
N LEU G 6 -6.01 8.36 0.86
CA LEU G 6 -6.51 8.22 2.22
C LEU G 6 -6.70 9.58 2.89
N MET G 7 -7.88 9.79 3.46
CA MET G 7 -8.16 11.04 4.19
C MET G 7 -9.22 10.76 5.25
N THR G 8 -9.24 11.59 6.29
CA THR G 8 -10.17 11.43 7.39
C THR G 8 -11.60 11.84 7.00
N LEU G 9 -12.56 11.42 7.81
CA LEU G 9 -13.96 11.75 7.58
C LEU G 9 -14.17 13.24 7.75
N GLN G 10 -13.44 13.85 8.68
CA GLN G 10 -13.57 15.27 8.95
C GLN G 10 -13.17 16.09 7.72
N ASP G 11 -12.15 15.62 7.00
CA ASP G 11 -11.71 16.29 5.77
C ASP G 11 -12.74 16.12 4.66
N ALA G 12 -13.43 14.98 4.67
CA ALA G 12 -14.41 14.67 3.63
C ALA G 12 -15.55 15.67 3.63
N THR G 13 -15.86 16.20 4.80
CA THR G 13 -16.93 17.19 4.93
C THR G 13 -16.63 18.43 4.10
N GLY G 14 -15.35 18.62 3.78
CA GLY G 14 -14.94 19.75 2.96
C GLY G 14 -15.52 19.68 1.56
N PHE G 15 -15.91 18.48 1.14
CA PHE G 15 -16.49 18.29 -0.20
C PHE G 15 -17.99 18.55 -0.21
N PHE G 16 -18.61 18.60 0.97
CA PHE G 16 -20.05 18.81 1.04
C PHE G 16 -20.36 20.30 0.95
N ARG G 17 -21.41 20.62 0.18
CA ARG G 17 -21.83 22.00 0.00
C ARG G 17 -23.26 22.05 -0.50
N ASP G 18 -23.92 23.18 -0.29
CA ASP G 18 -25.32 23.33 -0.66
C ASP G 18 -25.56 23.20 -2.16
N GLY G 19 -26.70 22.64 -2.53
CA GLY G 19 -27.14 22.58 -3.91
C GLY G 19 -26.45 21.55 -4.79
N MET G 20 -25.51 20.80 -4.22
CA MET G 20 -24.74 19.83 -5.00
C MET G 20 -25.56 18.56 -5.21
N THR G 21 -25.31 17.88 -6.33
CA THR G 21 -25.96 16.61 -6.62
C THR G 21 -25.04 15.46 -6.21
N ILE G 22 -25.59 14.54 -5.42
CA ILE G 22 -24.82 13.45 -4.84
C ILE G 22 -25.44 12.09 -5.14
N MET G 23 -24.63 11.15 -5.62
CA MET G 23 -25.05 9.78 -5.80
C MET G 23 -24.71 8.98 -4.54
N VAL G 24 -25.65 8.17 -4.07
CA VAL G 24 -25.46 7.38 -2.86
C VAL G 24 -25.77 5.92 -3.13
N GLY G 25 -24.81 5.05 -2.81
CA GLY G 25 -24.96 3.63 -3.03
C GLY G 25 -25.90 3.01 -2.01
N GLY G 26 -26.36 1.79 -2.30
CA GLY G 26 -27.18 1.04 -1.37
C GLY G 26 -28.55 0.69 -1.90
N PHE G 27 -29.01 -0.51 -1.55
CA PHE G 27 -30.37 -0.96 -1.85
C PHE G 27 -31.10 -1.16 -0.53
N MET G 28 -32.11 -0.34 -0.27
CA MET G 28 -32.83 -0.38 1.00
C MET G 28 -31.88 -0.19 2.17
N GLY G 29 -30.88 0.66 1.99
CA GLY G 29 -29.90 0.93 3.04
C GLY G 29 -28.74 -0.04 3.02
N ILE G 30 -28.95 -1.19 2.40
CA ILE G 30 -27.90 -2.22 2.31
C ILE G 30 -26.92 -1.88 1.20
N GLY G 31 -25.74 -1.40 1.61
CA GLY G 31 -24.71 -0.96 0.69
C GLY G 31 -24.50 0.54 0.76
N THR G 32 -25.13 1.18 1.75
CA THR G 32 -24.98 2.61 1.95
C THR G 32 -23.83 2.90 2.92
N PRO G 33 -22.96 3.87 2.58
CA PRO G 33 -21.93 4.26 3.55
C PRO G 33 -22.54 5.12 4.65
N SER G 34 -22.78 4.52 5.81
CA SER G 34 -23.51 5.17 6.89
C SER G 34 -22.83 6.42 7.43
N ARG G 35 -21.56 6.31 7.76
CA ARG G 35 -20.84 7.39 8.41
C ARG G 35 -20.69 8.60 7.46
N LEU G 36 -20.55 8.35 6.16
CA LEU G 36 -20.51 9.44 5.20
C LEU G 36 -21.86 10.16 5.17
N VAL G 37 -22.94 9.40 5.27
CA VAL G 37 -24.28 9.97 5.29
C VAL G 37 -24.47 10.77 6.57
N GLU G 38 -23.98 10.22 7.69
CA GLU G 38 -24.07 10.91 8.97
C GLU G 38 -23.23 12.18 9.00
N ALA G 39 -22.06 12.12 8.37
CA ALA G 39 -21.19 13.29 8.27
C ALA G 39 -21.83 14.34 7.38
N LEU G 40 -22.49 13.89 6.32
CA LEU G 40 -23.19 14.78 5.41
C LEU G 40 -24.36 15.42 6.13
N LEU G 41 -25.00 14.66 7.02
CA LEU G 41 -26.09 15.19 7.83
C LEU G 41 -25.54 16.19 8.85
N GLU G 42 -24.43 15.84 9.49
CA GLU G 42 -23.82 16.68 10.51
C GLU G 42 -23.23 17.95 9.92
N SER G 43 -22.85 17.91 8.65
CA SER G 43 -22.24 19.06 7.99
C SER G 43 -23.23 20.22 7.90
N GLY G 44 -24.52 19.89 7.81
CA GLY G 44 -25.57 20.90 7.81
C GLY G 44 -25.93 21.44 6.44
N VAL G 45 -25.34 20.87 5.38
CA VAL G 45 -25.61 21.34 4.02
C VAL G 45 -27.05 21.00 3.60
N ARG G 46 -27.65 21.88 2.81
CA ARG G 46 -29.05 21.73 2.40
C ARG G 46 -29.23 21.85 0.88
N ASP G 47 -30.48 21.77 0.44
CA ASP G 47 -30.84 21.96 -0.97
C ASP G 47 -30.18 20.91 -1.86
N LEU G 48 -29.91 19.74 -1.30
CA LEU G 48 -29.22 18.68 -2.01
C LEU G 48 -30.10 18.00 -3.05
N THR G 49 -29.48 17.48 -4.10
CA THR G 49 -30.14 16.59 -5.04
C THR G 49 -29.54 15.20 -4.91
N LEU G 50 -30.29 14.27 -4.32
CA LEU G 50 -29.79 12.93 -4.07
C LEU G 50 -30.25 11.96 -5.15
N ILE G 51 -29.31 11.14 -5.62
CA ILE G 51 -29.60 10.07 -6.57
C ILE G 51 -29.23 8.74 -5.94
N ALA G 52 -30.21 7.85 -5.84
CA ALA G 52 -30.00 6.53 -5.24
C ALA G 52 -31.11 5.60 -5.69
N ASN G 53 -30.94 4.31 -5.44
CA ASN G 53 -31.94 3.33 -5.85
C ASN G 53 -33.27 3.58 -5.16
N ASP G 54 -33.21 4.01 -3.91
CA ASP G 54 -34.41 4.23 -3.12
C ASP G 54 -34.10 5.16 -1.96
N THR G 55 -35.13 5.44 -1.15
CA THR G 55 -35.01 6.34 -0.02
C THR G 55 -34.90 5.58 1.30
N ALA G 56 -34.80 4.26 1.23
CA ALA G 56 -34.59 3.42 2.40
C ALA G 56 -35.66 3.66 3.47
N PHE G 57 -35.30 3.52 4.74
CA PHE G 57 -36.19 3.86 5.85
C PHE G 57 -35.79 5.20 6.44
N VAL G 58 -36.58 5.67 7.41
CA VAL G 58 -36.32 6.98 8.02
C VAL G 58 -34.97 7.03 8.72
N ASP G 59 -34.53 5.89 9.26
CA ASP G 59 -33.31 5.83 10.05
C ASP G 59 -32.14 5.16 9.34
N THR G 60 -32.30 4.86 8.06
CA THR G 60 -31.24 4.23 7.27
C THR G 60 -31.12 4.84 5.89
N GLY G 61 -30.08 4.46 5.17
CA GLY G 61 -29.81 4.98 3.84
C GLY G 61 -29.72 6.49 3.85
N ILE G 62 -30.30 7.12 2.84
CA ILE G 62 -30.33 8.58 2.75
C ILE G 62 -31.55 9.15 3.47
N GLY G 63 -32.26 8.29 4.20
CA GLY G 63 -33.46 8.68 4.90
C GLY G 63 -33.27 9.86 5.84
N PRO G 64 -32.35 9.74 6.80
CA PRO G 64 -32.08 10.81 7.77
C PRO G 64 -31.84 12.17 7.13
N LEU G 65 -31.22 12.18 5.94
CA LEU G 65 -30.98 13.43 5.24
C LEU G 65 -32.30 14.05 4.79
N ILE G 66 -33.23 13.20 4.39
CA ILE G 66 -34.54 13.63 3.94
C ILE G 66 -35.41 14.05 5.13
N VAL G 67 -35.35 13.28 6.21
CA VAL G 67 -36.16 13.56 7.39
C VAL G 67 -35.83 14.93 7.94
N ASN G 68 -34.54 15.30 7.89
CA ASN G 68 -34.11 16.59 8.44
C ASN G 68 -34.17 17.71 7.40
N GLY G 69 -34.88 17.46 6.31
CA GLY G 69 -35.14 18.49 5.30
C GLY G 69 -33.86 19.07 4.71
N ARG G 70 -32.90 18.21 4.41
CA ARG G 70 -31.63 18.65 3.83
C ARG G 70 -31.61 18.42 2.33
N VAL G 71 -32.68 17.83 1.80
CA VAL G 71 -32.79 17.48 0.39
C VAL G 71 -33.98 18.17 -0.26
N ARG G 72 -33.77 18.76 -1.43
CA ARG G 72 -34.84 19.44 -2.15
C ARG G 72 -35.32 18.58 -3.33
N LYS G 73 -34.45 17.71 -3.83
CA LYS G 73 -34.79 16.84 -4.94
C LYS G 73 -34.26 15.41 -4.76
N VAL G 74 -35.09 14.44 -5.09
CA VAL G 74 -34.70 13.03 -5.07
C VAL G 74 -34.99 12.38 -6.41
N ILE G 75 -34.05 11.55 -6.87
CA ILE G 75 -34.25 10.73 -8.07
C ILE G 75 -34.05 9.28 -7.66
N ALA G 76 -35.11 8.48 -7.78
CA ALA G 76 -35.08 7.09 -7.31
C ALA G 76 -36.18 6.26 -7.95
N SER G 77 -36.26 4.98 -7.54
CA SER G 77 -37.23 4.05 -8.11
C SER G 77 -38.29 3.63 -7.09
N HIS G 78 -37.99 3.80 -5.80
CA HIS G 78 -38.91 3.38 -4.76
C HIS G 78 -38.80 4.27 -3.53
N ILE G 79 -39.94 4.61 -2.94
CA ILE G 79 -39.98 5.51 -1.79
C ILE G 79 -41.01 5.07 -0.75
N GLY G 80 -41.55 3.88 -0.92
CA GLY G 80 -42.65 3.42 -0.10
C GLY G 80 -42.33 3.23 1.37
N THR G 81 -41.11 2.78 1.67
CA THR G 81 -40.73 2.47 3.04
C THR G 81 -40.30 3.69 3.86
N ASN G 82 -40.38 4.87 3.25
CA ASN G 82 -40.10 6.13 3.95
C ASN G 82 -41.27 7.10 3.81
N PRO G 83 -42.19 7.11 4.80
CA PRO G 83 -43.36 7.98 4.73
C PRO G 83 -43.00 9.46 4.67
N GLU G 84 -41.85 9.82 5.22
CA GLU G 84 -41.43 11.21 5.25
C GLU G 84 -41.17 11.72 3.84
N THR G 85 -40.55 10.88 3.02
CA THR G 85 -40.31 11.20 1.62
C THR G 85 -41.64 11.53 0.94
N GLY G 86 -42.63 10.67 1.16
CA GLY G 86 -43.96 10.89 0.62
C GLY G 86 -44.57 12.17 1.15
N ARG G 87 -44.44 12.40 2.45
CA ARG G 87 -45.00 13.60 3.07
C ARG G 87 -44.44 14.87 2.41
N ARG G 88 -43.13 14.92 2.25
CA ARG G 88 -42.49 16.07 1.61
C ARG G 88 -42.78 16.14 0.12
N MET G 89 -43.01 14.99 -0.50
CA MET G 89 -43.40 14.95 -1.91
C MET G 89 -44.77 15.60 -2.07
N ILE G 90 -45.70 15.20 -1.21
CA ILE G 90 -47.06 15.72 -1.23
C ILE G 90 -47.12 17.21 -0.89
N SER G 91 -46.43 17.60 0.19
CA SER G 91 -46.46 18.97 0.67
C SER G 91 -45.93 19.95 -0.38
N GLY G 92 -44.82 19.57 -1.02
CA GLY G 92 -44.19 20.42 -2.01
C GLY G 92 -42.80 20.84 -1.58
N GLU G 93 -42.43 20.49 -0.36
CA GLU G 93 -41.11 20.85 0.18
C GLU G 93 -39.97 20.18 -0.59
N MET G 94 -40.26 19.05 -1.22
CA MET G 94 -39.24 18.26 -1.90
C MET G 94 -39.76 17.70 -3.22
N ASP G 95 -38.92 17.79 -4.25
CA ASP G 95 -39.25 17.26 -5.57
C ASP G 95 -38.80 15.81 -5.67
N VAL G 96 -39.63 14.96 -6.28
CA VAL G 96 -39.32 13.55 -6.41
C VAL G 96 -39.48 13.09 -7.85
N VAL G 97 -38.44 12.44 -8.37
CA VAL G 97 -38.46 11.88 -9.72
C VAL G 97 -38.42 10.37 -9.61
N LEU G 98 -39.55 9.73 -9.87
CA LEU G 98 -39.64 8.28 -9.81
C LEU G 98 -39.28 7.68 -11.16
N VAL G 99 -38.16 6.98 -11.20
CA VAL G 99 -37.62 6.40 -12.43
C VAL G 99 -37.58 4.89 -12.30
N PRO G 100 -37.94 4.16 -13.38
CA PRO G 100 -37.77 2.71 -13.34
C PRO G 100 -36.33 2.32 -12.98
N GLN G 101 -36.19 1.35 -12.07
CA GLN G 101 -34.89 0.97 -11.55
C GLN G 101 -33.90 0.64 -12.66
N GLY G 102 -34.31 -0.22 -13.58
CA GLY G 102 -33.49 -0.59 -14.71
C GLY G 102 -33.10 0.59 -15.58
N THR G 103 -33.99 1.58 -15.66
CA THR G 103 -33.70 2.79 -16.43
C THR G 103 -32.70 3.67 -15.69
N LEU G 104 -32.94 3.90 -14.41
CA LEU G 104 -32.08 4.74 -13.60
C LEU G 104 -30.64 4.25 -13.62
N ILE G 105 -30.44 2.96 -13.38
CA ILE G 105 -29.10 2.39 -13.35
C ILE G 105 -28.41 2.53 -14.71
N GLU G 106 -29.17 2.41 -15.80
CA GLU G 106 -28.61 2.58 -17.13
C GLU G 106 -28.29 4.04 -17.42
N GLN G 107 -29.10 4.95 -16.88
CA GLN G 107 -28.81 6.38 -17.00
C GLN G 107 -27.50 6.70 -16.31
N ILE G 108 -27.32 6.17 -15.10
CA ILE G 108 -26.08 6.33 -14.35
C ILE G 108 -24.90 5.73 -15.11
N ARG G 109 -25.06 4.51 -15.60
CA ARG G 109 -24.00 3.85 -16.37
C ARG G 109 -23.64 4.68 -17.60
N CYS G 110 -24.65 5.21 -18.28
CA CYS G 110 -24.44 6.06 -19.44
C CYS G 110 -23.62 7.28 -19.04
N GLY G 111 -23.99 7.88 -17.91
CA GLY G 111 -23.24 9.00 -17.36
C GLY G 111 -21.79 8.66 -17.14
N GLY G 112 -21.54 7.45 -16.66
CA GLY G 112 -20.20 6.97 -16.40
C GLY G 112 -19.42 6.50 -17.61
N ALA G 113 -20.13 6.02 -18.63
CA ALA G 113 -19.50 5.40 -19.79
C ALA G 113 -19.40 6.34 -20.98
N GLY G 114 -19.73 7.61 -20.78
CA GLY G 114 -19.61 8.61 -21.82
C GLY G 114 -20.56 8.43 -22.98
N LEU G 115 -21.75 7.89 -22.70
CA LEU G 115 -22.78 7.72 -23.71
C LEU G 115 -23.83 8.84 -23.62
N GLY G 116 -24.40 9.20 -24.76
CA GLY G 116 -25.33 10.32 -24.83
C GLY G 116 -26.76 9.97 -24.50
N GLY G 117 -27.02 8.68 -24.31
CA GLY G 117 -28.36 8.22 -24.02
C GLY G 117 -28.56 6.80 -24.54
N PHE G 118 -29.71 6.22 -24.21
CA PHE G 118 -30.01 4.85 -24.63
C PHE G 118 -31.51 4.68 -24.85
N LEU G 119 -31.86 3.65 -25.62
CA LEU G 119 -33.25 3.33 -25.91
C LEU G 119 -33.73 2.15 -25.07
N THR G 120 -34.84 2.34 -24.36
CA THR G 120 -35.45 1.30 -23.55
C THR G 120 -36.95 1.17 -23.82
N PRO G 121 -37.47 -0.06 -23.78
CA PRO G 121 -38.92 -0.26 -23.93
C PRO G 121 -39.67 -0.09 -22.60
N THR G 122 -38.91 -0.02 -21.51
CA THR G 122 -39.49 0.16 -20.19
C THR G 122 -40.11 1.55 -20.04
N GLY G 123 -41.38 1.58 -19.64
CA GLY G 123 -42.06 2.83 -19.37
C GLY G 123 -42.92 3.33 -20.51
N VAL G 124 -42.85 2.66 -21.65
CA VAL G 124 -43.68 3.03 -22.79
C VAL G 124 -45.16 2.86 -22.43
N GLY G 125 -45.94 3.89 -22.70
CA GLY G 125 -47.37 3.85 -22.44
C GLY G 125 -47.74 4.15 -21.00
N THR G 126 -46.75 4.56 -20.20
CA THR G 126 -46.97 4.88 -18.79
C THR G 126 -46.60 6.34 -18.54
N VAL G 127 -46.74 6.78 -17.30
CA VAL G 127 -46.39 8.16 -16.94
C VAL G 127 -44.87 8.42 -17.03
N VAL G 128 -44.08 7.34 -17.06
CA VAL G 128 -42.63 7.47 -17.17
C VAL G 128 -42.24 8.08 -18.52
N GLU G 129 -43.08 7.83 -19.52
CA GLU G 129 -42.85 8.30 -20.88
C GLU G 129 -43.05 9.82 -20.99
N GLU G 130 -43.75 10.40 -20.02
CA GLU G 130 -44.11 11.81 -20.06
C GLU G 130 -42.90 12.74 -20.15
N GLY G 131 -42.92 13.63 -21.14
CA GLY G 131 -41.89 14.64 -21.29
C GLY G 131 -40.61 14.14 -21.93
N LYS G 132 -40.63 12.91 -22.42
CA LYS G 132 -39.43 12.27 -22.98
C LYS G 132 -39.55 12.02 -24.48
N GLN G 133 -38.40 11.94 -25.13
CA GLN G 133 -38.34 11.63 -26.56
C GLN G 133 -38.47 10.13 -26.80
N THR G 134 -39.28 9.78 -27.79
CA THR G 134 -39.49 8.37 -28.16
C THR G 134 -39.06 8.11 -29.60
N LEU G 135 -38.40 6.98 -29.86
CA LEU G 135 -38.00 6.64 -31.23
C LEU G 135 -38.69 5.35 -31.68
N THR G 136 -39.13 5.32 -32.93
CA THR G 136 -39.70 4.12 -33.55
C THR G 136 -38.63 3.53 -34.44
N LEU G 137 -38.17 2.31 -34.16
CA LEU G 137 -37.09 1.74 -34.94
C LEU G 137 -37.63 0.39 -35.38
N ASP G 138 -37.63 0.17 -36.68
CA ASP G 138 -38.29 -0.97 -37.26
C ASP G 138 -39.77 -0.80 -36.82
N GLY G 139 -40.42 -1.74 -36.13
CA GLY G 139 -41.80 -1.45 -35.68
C GLY G 139 -42.07 -1.16 -34.21
N LYS G 140 -41.01 -1.15 -33.41
CA LYS G 140 -41.14 -1.02 -31.96
C LYS G 140 -40.76 0.35 -31.43
N THR G 141 -41.55 0.82 -30.46
CA THR G 141 -41.36 2.11 -29.84
C THR G 141 -40.44 2.00 -28.64
N TRP G 142 -39.49 2.93 -28.56
CA TRP G 142 -38.53 2.98 -27.48
C TRP G 142 -38.53 4.36 -26.82
N LEU G 143 -38.34 4.39 -25.50
CA LEU G 143 -38.06 5.65 -24.80
C LEU G 143 -36.57 5.98 -24.88
N LEU G 144 -36.25 7.21 -25.28
CA LEU G 144 -34.87 7.68 -25.26
C LEU G 144 -34.55 8.27 -23.88
N GLU G 145 -33.69 7.57 -23.14
CA GLU G 145 -33.31 7.98 -21.80
C GLU G 145 -31.92 8.59 -21.78
N ARG G 146 -31.74 9.63 -20.96
CA ARG G 146 -30.52 10.42 -20.96
C ARG G 146 -29.62 10.12 -19.77
N PRO G 147 -28.31 10.37 -19.90
CA PRO G 147 -27.37 10.05 -18.82
C PRO G 147 -27.56 10.89 -17.58
N LEU G 148 -27.21 10.32 -16.43
CA LEU G 148 -27.23 11.05 -15.15
C LEU G 148 -25.82 11.08 -14.57
N ARG G 149 -25.40 12.26 -14.14
CA ARG G 149 -24.12 12.42 -13.45
C ARG G 149 -24.33 13.22 -12.17
N ALA G 150 -23.28 13.29 -11.35
CA ALA G 150 -23.35 13.99 -10.08
C ALA G 150 -22.02 14.61 -9.73
N ASP G 151 -22.05 15.54 -8.78
CA ASP G 151 -20.84 16.19 -8.30
C ASP G 151 -20.02 15.23 -7.46
N LEU G 152 -20.72 14.39 -6.72
CA LEU G 152 -20.09 13.52 -5.73
C LEU G 152 -20.75 12.16 -5.67
N ALA G 153 -19.98 11.15 -5.28
CA ALA G 153 -20.51 9.82 -5.07
C ALA G 153 -20.07 9.29 -3.72
N LEU G 154 -21.03 8.84 -2.92
CA LEU G 154 -20.75 8.22 -1.63
C LEU G 154 -20.92 6.72 -1.76
N ILE G 155 -19.79 6.01 -1.66
CA ILE G 155 -19.75 4.58 -1.95
C ILE G 155 -19.36 3.78 -0.71
N ARG G 156 -20.01 2.63 -0.54
CA ARG G 156 -19.60 1.66 0.45
C ARG G 156 -19.00 0.45 -0.26
N ALA G 157 -17.87 -0.02 0.28
CA ALA G 157 -17.21 -1.21 -0.24
C ALA G 157 -16.88 -2.16 0.90
N HIS G 158 -16.58 -3.41 0.56
CA HIS G 158 -16.21 -4.40 1.57
C HIS G 158 -14.72 -4.30 1.90
N ARG G 159 -13.86 -4.70 0.97
CA ARG G 159 -12.42 -4.54 1.12
C ARG G 159 -11.92 -3.53 0.11
N CYS G 160 -10.82 -2.87 0.44
CA CYS G 160 -10.28 -1.81 -0.41
C CYS G 160 -8.79 -1.60 -0.14
N ASP G 161 -7.98 -1.55 -1.20
CA ASP G 161 -6.55 -1.31 -1.05
C ASP G 161 -6.22 0.18 -1.17
N THR G 162 -4.94 0.51 -1.02
CA THR G 162 -4.53 1.91 -0.96
C THR G 162 -4.64 2.61 -2.32
N LEU G 163 -4.84 1.84 -3.38
CA LEU G 163 -5.03 2.41 -4.71
C LEU G 163 -6.51 2.67 -4.99
N GLY G 164 -7.37 2.06 -4.19
CA GLY G 164 -8.81 2.26 -4.32
C GLY G 164 -9.54 1.14 -5.04
N ASN G 165 -8.85 0.04 -5.31
CA ASN G 165 -9.51 -1.14 -5.88
C ASN G 165 -10.51 -1.71 -4.87
N LEU G 166 -11.75 -1.91 -5.32
CA LEU G 166 -12.84 -2.30 -4.43
C LEU G 166 -13.40 -3.68 -4.72
N THR G 167 -13.82 -4.35 -3.65
CA THR G 167 -14.68 -5.52 -3.76
C THR G 167 -15.94 -5.23 -2.94
N TYR G 168 -17.01 -5.98 -3.21
CA TYR G 168 -18.26 -5.80 -2.50
C TYR G 168 -18.73 -7.14 -1.94
N GLN G 169 -19.64 -7.10 -0.96
CA GLN G 169 -20.09 -8.31 -0.30
C GLN G 169 -21.59 -8.53 -0.46
N LEU G 170 -21.92 -9.65 -1.11
CA LEU G 170 -23.31 -10.08 -1.27
C LEU G 170 -24.17 -8.99 -1.93
N SER G 171 -25.34 -8.72 -1.38
CA SER G 171 -26.29 -7.82 -2.03
C SER G 171 -26.05 -6.35 -1.68
N ALA G 172 -24.90 -6.05 -1.10
CA ALA G 172 -24.55 -4.67 -0.75
C ALA G 172 -23.92 -3.94 -1.94
N ARG G 173 -23.76 -4.65 -3.06
CA ARG G 173 -23.13 -4.08 -4.25
C ARG G 173 -24.06 -3.09 -4.97
N ASN G 174 -25.13 -3.63 -5.55
CA ASN G 174 -26.16 -2.86 -6.28
C ASN G 174 -25.63 -1.65 -7.07
N PHE G 175 -25.88 -0.44 -6.58
CA PHE G 175 -25.59 0.78 -7.33
C PHE G 175 -24.12 1.21 -7.26
N ASN G 176 -23.40 0.73 -6.24
CA ASN G 176 -22.06 1.25 -5.94
C ASN G 176 -21.06 1.24 -7.10
N PRO G 177 -20.97 0.11 -7.84
CA PRO G 177 -20.01 0.06 -8.95
C PRO G 177 -20.30 1.06 -10.08
N LEU G 178 -21.56 1.44 -10.25
CA LEU G 178 -21.94 2.33 -11.35
C LEU G 178 -21.78 3.81 -10.97
N ILE G 179 -22.20 4.18 -9.77
CA ILE G 179 -22.05 5.57 -9.33
C ILE G 179 -20.58 5.95 -9.22
N ALA G 180 -19.72 4.94 -9.11
CA ALA G 180 -18.28 5.15 -9.04
C ALA G 180 -17.74 5.77 -10.33
N LEU G 181 -18.42 5.50 -11.45
CA LEU G 181 -17.97 6.00 -12.75
C LEU G 181 -18.68 7.28 -13.17
N ALA G 182 -19.78 7.61 -12.52
CA ALA G 182 -20.67 8.68 -12.99
C ALA G 182 -20.52 10.00 -12.23
N ALA G 183 -19.62 10.05 -11.25
CA ALA G 183 -19.45 11.25 -10.43
C ALA G 183 -18.09 11.90 -10.62
N ASP G 184 -18.04 13.23 -10.51
CA ASP G 184 -16.80 13.97 -10.66
C ASP G 184 -15.79 13.57 -9.58
N ILE G 185 -16.26 13.48 -8.34
CA ILE G 185 -15.43 13.07 -7.22
C ILE G 185 -16.08 11.88 -6.50
N THR G 186 -15.26 10.93 -6.07
CA THR G 186 -15.76 9.70 -5.45
C THR G 186 -15.14 9.49 -4.08
N LEU G 187 -15.99 9.19 -3.10
CA LEU G 187 -15.56 8.89 -1.74
C LEU G 187 -16.03 7.49 -1.36
N VAL G 188 -15.10 6.66 -0.91
CA VAL G 188 -15.41 5.28 -0.54
C VAL G 188 -15.24 5.05 0.97
N GLU G 189 -16.18 4.31 1.56
CA GLU G 189 -16.14 3.93 2.97
C GLU G 189 -16.01 2.42 3.06
N PRO G 190 -14.76 1.90 3.11
CA PRO G 190 -14.52 0.46 3.12
C PRO G 190 -14.66 -0.18 4.49
N ASP G 191 -15.23 -1.38 4.54
CA ASP G 191 -15.33 -2.12 5.80
C ASP G 191 -13.95 -2.54 6.27
N GLU G 192 -13.07 -2.80 5.30
CA GLU G 192 -11.74 -3.30 5.57
C GLU G 192 -10.73 -2.68 4.61
N LEU G 193 -9.66 -2.11 5.18
CA LEU G 193 -8.61 -1.50 4.38
C LEU G 193 -7.40 -2.43 4.30
N VAL G 194 -7.00 -2.79 3.08
CA VAL G 194 -5.87 -3.70 2.87
C VAL G 194 -4.73 -3.02 2.12
N GLU G 195 -3.64 -3.75 1.96
CA GLU G 195 -2.47 -3.27 1.22
C GLU G 195 -2.64 -3.58 -0.26
N THR G 196 -2.03 -2.76 -1.10
CA THR G 196 -2.03 -2.99 -2.53
C THR G 196 -1.33 -4.31 -2.83
N GLY G 197 -2.04 -5.22 -3.49
CA GLY G 197 -1.52 -6.54 -3.80
C GLY G 197 -2.29 -7.65 -3.11
N GLU G 198 -3.01 -7.30 -2.05
CA GLU G 198 -3.80 -8.28 -1.31
C GLU G 198 -5.09 -8.65 -2.04
N LEU G 199 -5.57 -7.77 -2.91
CA LEU G 199 -6.74 -8.05 -3.74
C LEU G 199 -6.30 -8.54 -5.11
N GLN G 200 -6.66 -9.79 -5.44
CA GLN G 200 -6.29 -10.36 -6.72
C GLN G 200 -6.98 -9.61 -7.86
N PRO G 201 -6.29 -9.48 -9.01
CA PRO G 201 -6.84 -8.76 -10.17
C PRO G 201 -8.21 -9.24 -10.64
N ASP G 202 -8.49 -10.53 -10.51
CA ASP G 202 -9.74 -11.10 -10.99
C ASP G 202 -10.85 -11.09 -9.93
N HIS G 203 -10.59 -10.42 -8.81
CA HIS G 203 -11.58 -10.30 -7.73
C HIS G 203 -12.06 -8.88 -7.60
N ILE G 204 -11.32 -7.94 -8.19
CA ILE G 204 -11.66 -6.52 -8.12
C ILE G 204 -12.86 -6.22 -9.02
N VAL G 205 -13.85 -5.55 -8.46
CA VAL G 205 -15.07 -5.20 -9.18
C VAL G 205 -14.97 -3.77 -9.70
N THR G 206 -14.52 -2.87 -8.84
CA THR G 206 -14.33 -1.46 -9.20
C THR G 206 -12.84 -1.10 -9.14
N PRO G 207 -12.23 -0.82 -10.30
CA PRO G 207 -10.80 -0.49 -10.27
C PRO G 207 -10.51 0.85 -9.59
N GLY G 208 -9.33 0.97 -8.98
CA GLY G 208 -8.99 2.14 -8.20
C GLY G 208 -8.87 3.43 -9.00
N ALA G 209 -8.76 3.30 -10.32
CA ALA G 209 -8.59 4.44 -11.20
C ALA G 209 -9.73 5.45 -11.04
N VAL G 210 -10.95 4.95 -10.85
CA VAL G 210 -12.13 5.82 -10.75
C VAL G 210 -12.40 6.26 -9.32
N ILE G 211 -11.57 5.79 -8.38
CA ILE G 211 -11.72 6.13 -6.96
C ILE G 211 -10.71 7.21 -6.56
N ASP G 212 -11.24 8.30 -6.02
CA ASP G 212 -10.42 9.48 -5.72
C ASP G 212 -9.94 9.52 -4.28
N HIS G 213 -10.85 9.23 -3.34
CA HIS G 213 -10.53 9.33 -1.92
C HIS G 213 -11.11 8.20 -1.09
N ILE G 214 -10.33 7.72 -0.13
CA ILE G 214 -10.74 6.63 0.77
C ILE G 214 -10.85 7.18 2.18
N ILE G 215 -12.03 7.07 2.77
CA ILE G 215 -12.27 7.64 4.09
C ILE G 215 -11.87 6.75 5.26
N VAL G 216 -10.93 7.24 6.06
CA VAL G 216 -10.61 6.61 7.33
C VAL G 216 -11.50 7.27 8.38
N SER G 217 -12.06 6.50 9.31
CA SER G 217 -12.92 7.09 10.33
C SER G 217 -12.74 6.42 11.69
N GLN G 218 -13.34 7.02 12.72
CA GLN G 218 -13.16 6.59 14.10
C GLN G 218 -13.59 5.13 14.29
N MET H 1 -55.56 -24.50 -0.30
CA MET H 1 -56.67 -24.22 0.68
C MET H 1 -57.10 -22.76 0.58
N ASP H 2 -56.26 -21.87 1.10
CA ASP H 2 -56.50 -20.44 1.00
C ASP H 2 -56.51 -20.00 -0.47
N ALA H 3 -57.20 -18.90 -0.75
CA ALA H 3 -57.27 -18.36 -2.11
C ALA H 3 -55.86 -18.10 -2.65
N LYS H 4 -55.08 -17.35 -1.88
CA LYS H 4 -53.70 -17.05 -2.25
C LYS H 4 -52.89 -18.31 -2.50
N GLN H 5 -53.16 -19.34 -1.70
CA GLN H 5 -52.44 -20.60 -1.81
C GLN H 5 -52.85 -21.38 -3.07
N ARG H 6 -54.14 -21.36 -3.41
CA ARG H 6 -54.59 -22.03 -4.63
C ARG H 6 -53.99 -21.30 -5.83
N ILE H 7 -53.98 -19.98 -5.77
CA ILE H 7 -53.35 -19.16 -6.80
C ILE H 7 -51.87 -19.53 -6.93
N ALA H 8 -51.15 -19.47 -5.82
CA ALA H 8 -49.72 -19.79 -5.81
C ALA H 8 -49.46 -21.20 -6.35
N ARG H 9 -50.29 -22.15 -5.94
CA ARG H 9 -50.16 -23.52 -6.41
C ARG H 9 -50.36 -23.61 -7.92
N ARG H 10 -51.39 -22.95 -8.43
CA ARG H 10 -51.65 -22.97 -9.87
C ARG H 10 -50.52 -22.32 -10.66
N VAL H 11 -50.04 -21.19 -10.18
CA VAL H 11 -48.93 -20.50 -10.83
C VAL H 11 -47.68 -21.38 -10.82
N ALA H 12 -47.45 -22.09 -9.71
CA ALA H 12 -46.31 -22.99 -9.58
C ALA H 12 -46.33 -24.08 -10.65
N GLN H 13 -47.52 -24.54 -11.00
CA GLN H 13 -47.69 -25.58 -12.00
C GLN H 13 -47.38 -25.09 -13.41
N GLU H 14 -47.30 -23.77 -13.60
CA GLU H 14 -47.02 -23.21 -14.92
C GLU H 14 -45.53 -23.19 -15.23
N LEU H 15 -44.71 -23.08 -14.18
CA LEU H 15 -43.27 -22.96 -14.35
C LEU H 15 -42.65 -24.26 -14.84
N ARG H 16 -41.63 -24.14 -15.69
CA ARG H 16 -40.92 -25.29 -16.24
C ARG H 16 -39.59 -25.52 -15.54
N ASP H 17 -39.16 -26.78 -15.55
CA ASP H 17 -37.91 -27.18 -14.91
C ASP H 17 -36.72 -26.45 -15.52
N GLY H 18 -35.97 -25.76 -14.67
CA GLY H 18 -34.77 -25.05 -15.10
C GLY H 18 -35.01 -23.58 -15.40
N ASP H 19 -36.24 -23.12 -15.22
CA ASP H 19 -36.58 -21.74 -15.50
C ASP H 19 -35.90 -20.78 -14.54
N ILE H 20 -35.50 -19.63 -15.07
CA ILE H 20 -35.05 -18.50 -14.25
C ILE H 20 -36.28 -17.66 -13.93
N VAL H 21 -36.60 -17.57 -12.64
CA VAL H 21 -37.86 -16.97 -12.21
C VAL H 21 -37.65 -15.75 -11.30
N ASN H 22 -38.54 -14.76 -11.42
CA ASN H 22 -38.60 -13.65 -10.49
C ASN H 22 -39.94 -13.60 -9.79
N LEU H 23 -39.91 -13.63 -8.46
CA LEU H 23 -41.12 -13.58 -7.65
C LEU H 23 -41.23 -12.27 -6.90
N GLY H 24 -42.26 -11.50 -7.22
CA GLY H 24 -42.47 -10.23 -6.55
C GLY H 24 -42.85 -10.41 -5.09
N ILE H 25 -42.67 -9.34 -4.32
CA ILE H 25 -43.04 -9.35 -2.91
C ILE H 25 -44.55 -9.44 -2.79
N GLY H 26 -45.02 -10.14 -1.76
CA GLY H 26 -46.44 -10.31 -1.53
C GLY H 26 -46.89 -11.73 -1.81
N LEU H 27 -47.91 -11.89 -2.63
CA LEU H 27 -48.46 -13.21 -2.92
C LEU H 27 -47.46 -14.12 -3.68
N PRO H 28 -46.83 -13.59 -4.75
CA PRO H 28 -45.98 -14.43 -5.63
C PRO H 28 -44.88 -15.24 -4.94
N THR H 29 -44.29 -14.75 -3.86
CA THR H 29 -43.25 -15.49 -3.16
C THR H 29 -43.73 -16.86 -2.68
N MET H 30 -45.04 -17.01 -2.50
CA MET H 30 -45.61 -18.29 -2.07
C MET H 30 -45.45 -19.36 -3.15
N VAL H 31 -45.28 -18.92 -4.40
CA VAL H 31 -45.14 -19.84 -5.53
C VAL H 31 -43.96 -20.79 -5.35
N ALA H 32 -42.94 -20.33 -4.63
CA ALA H 32 -41.73 -21.13 -4.42
C ALA H 32 -42.01 -22.37 -3.58
N ASN H 33 -43.14 -22.36 -2.86
CA ASN H 33 -43.48 -23.44 -1.94
C ASN H 33 -44.41 -24.49 -2.52
N TYR H 34 -44.66 -24.43 -3.82
CA TYR H 34 -45.60 -25.35 -4.49
C TYR H 34 -45.03 -25.92 -5.78
N LEU H 35 -43.71 -25.92 -5.92
CA LEU H 35 -43.08 -26.50 -7.10
C LEU H 35 -43.30 -28.01 -7.10
N PRO H 36 -43.87 -28.56 -8.20
CA PRO H 36 -44.05 -30.02 -8.27
C PRO H 36 -42.72 -30.77 -8.21
N GLU H 37 -42.78 -32.07 -7.96
CA GLU H 37 -41.57 -32.88 -7.88
C GLU H 37 -40.88 -32.90 -9.25
N GLY H 38 -39.56 -32.72 -9.24
CA GLY H 38 -38.78 -32.72 -10.46
C GLY H 38 -38.63 -31.34 -11.08
N ILE H 39 -39.36 -30.37 -10.54
CA ILE H 39 -39.29 -28.99 -11.03
C ILE H 39 -38.32 -28.16 -10.19
N HIS H 40 -37.23 -27.74 -10.81
CA HIS H 40 -36.21 -26.92 -10.14
C HIS H 40 -36.02 -25.58 -10.86
N ILE H 41 -36.18 -24.49 -10.11
CA ILE H 41 -36.01 -23.15 -10.65
C ILE H 41 -34.92 -22.38 -9.89
N THR H 42 -34.47 -21.27 -10.49
CA THR H 42 -33.53 -20.37 -9.85
C THR H 42 -34.18 -19.00 -9.68
N LEU H 43 -34.25 -18.52 -8.43
CA LEU H 43 -34.89 -17.24 -8.15
C LEU H 43 -33.91 -16.08 -8.28
N GLN H 44 -34.34 -15.05 -9.00
CA GLN H 44 -33.52 -13.84 -9.20
C GLN H 44 -34.04 -12.73 -8.32
N SER H 45 -33.13 -12.03 -7.64
CA SER H 45 -33.48 -10.91 -6.77
C SER H 45 -33.01 -9.60 -7.40
N GLU H 46 -33.92 -8.64 -7.54
CA GLU H 46 -33.65 -7.40 -8.26
C GLU H 46 -32.41 -6.67 -7.73
N ASN H 47 -32.22 -6.70 -6.42
CA ASN H 47 -31.11 -6.00 -5.80
C ASN H 47 -29.74 -6.58 -6.18
N GLY H 48 -29.77 -7.68 -6.93
CA GLY H 48 -28.59 -8.12 -7.66
C GLY H 48 -27.99 -9.47 -7.32
N PHE H 49 -28.80 -10.53 -7.35
CA PHE H 49 -28.24 -11.88 -7.27
C PHE H 49 -29.20 -12.96 -7.73
N LEU H 50 -28.61 -14.10 -8.11
CA LEU H 50 -29.34 -15.29 -8.50
C LEU H 50 -29.14 -16.39 -7.45
N GLY H 51 -30.17 -17.19 -7.23
CA GLY H 51 -30.12 -18.27 -6.27
C GLY H 51 -30.69 -17.88 -4.92
N LEU H 52 -31.75 -17.08 -4.94
CA LEU H 52 -32.41 -16.64 -3.72
C LEU H 52 -33.08 -17.81 -3.01
N GLY H 53 -33.04 -17.77 -1.68
CA GLY H 53 -33.64 -18.80 -0.85
C GLY H 53 -33.99 -18.29 0.53
N PRO H 54 -34.54 -19.16 1.38
CA PRO H 54 -34.88 -18.81 2.76
C PRO H 54 -33.64 -18.50 3.60
N VAL H 55 -33.83 -17.85 4.74
CA VAL H 55 -32.73 -17.57 5.65
C VAL H 55 -32.15 -18.87 6.19
N THR H 56 -30.83 -18.98 6.15
CA THR H 56 -30.10 -20.06 6.80
C THR H 56 -29.35 -19.49 7.99
N THR H 57 -28.31 -18.73 7.68
CA THR H 57 -27.64 -17.88 8.66
C THR H 57 -27.73 -16.44 8.18
N ALA H 58 -28.39 -15.60 8.98
CA ALA H 58 -28.64 -14.21 8.62
C ALA H 58 -27.34 -13.44 8.40
N HIS H 59 -27.31 -12.62 7.36
CA HIS H 59 -26.20 -11.73 7.10
C HIS H 59 -26.76 -10.34 6.80
N PRO H 60 -26.23 -9.29 7.46
CA PRO H 60 -26.81 -7.95 7.26
C PRO H 60 -26.78 -7.48 5.81
N ASP H 61 -25.79 -7.91 5.04
CA ASP H 61 -25.63 -7.48 3.66
C ASP H 61 -26.36 -8.40 2.68
N LEU H 62 -27.26 -9.22 3.17
CA LEU H 62 -28.03 -10.13 2.32
C LEU H 62 -29.52 -9.99 2.58
N VAL H 63 -30.22 -9.34 1.65
CA VAL H 63 -31.65 -9.12 1.75
C VAL H 63 -32.34 -9.31 0.41
N ASN H 64 -33.67 -9.43 0.45
CA ASN H 64 -34.47 -9.53 -0.76
C ASN H 64 -34.83 -8.15 -1.30
N ALA H 65 -35.66 -8.11 -2.34
CA ALA H 65 -36.06 -6.85 -2.97
C ALA H 65 -36.85 -5.96 -2.00
N GLY H 66 -37.37 -6.55 -0.93
CA GLY H 66 -38.10 -5.81 0.08
C GLY H 66 -37.22 -5.30 1.20
N GLY H 67 -35.92 -5.60 1.13
CA GLY H 67 -34.98 -5.15 2.13
C GLY H 67 -34.98 -6.02 3.38
N GLN H 68 -35.71 -7.11 3.33
CA GLN H 68 -35.80 -8.03 4.47
C GLN H 68 -34.73 -9.11 4.38
N PRO H 69 -34.23 -9.57 5.54
CA PRO H 69 -33.14 -10.56 5.52
C PRO H 69 -33.54 -11.88 4.85
N CYS H 70 -32.67 -12.36 3.96
CA CYS H 70 -32.92 -13.60 3.25
C CYS H 70 -31.66 -14.45 3.25
N GLY H 71 -31.63 -15.45 2.37
CA GLY H 71 -30.47 -16.31 2.22
C GLY H 71 -30.24 -16.64 0.76
N VAL H 72 -29.30 -17.54 0.50
CA VAL H 72 -28.99 -17.99 -0.85
C VAL H 72 -28.77 -19.50 -0.83
N LEU H 73 -28.89 -20.11 -2.00
CA LEU H 73 -28.64 -21.54 -2.15
C LEU H 73 -27.25 -21.73 -2.77
N PRO H 74 -26.73 -22.96 -2.73
CA PRO H 74 -25.42 -23.23 -3.33
C PRO H 74 -25.37 -22.86 -4.81
N GLY H 75 -24.31 -22.16 -5.20
CA GLY H 75 -24.14 -21.75 -6.59
C GLY H 75 -24.74 -20.39 -6.90
N ALA H 76 -25.06 -19.64 -5.85
CA ALA H 76 -25.60 -18.30 -6.02
C ALA H 76 -24.54 -17.36 -6.58
N ALA H 77 -24.97 -16.36 -7.34
CA ALA H 77 -24.07 -15.40 -7.96
C ALA H 77 -24.48 -13.97 -7.65
N MET H 78 -23.50 -13.13 -7.33
CA MET H 78 -23.73 -11.72 -7.04
C MET H 78 -23.36 -10.85 -8.25
N PHE H 79 -24.06 -9.74 -8.42
CA PHE H 79 -23.75 -8.78 -9.49
C PHE H 79 -24.40 -7.43 -9.18
N ASP H 80 -23.97 -6.39 -9.90
CA ASP H 80 -24.52 -5.06 -9.67
C ASP H 80 -25.89 -4.90 -10.33
N SER H 81 -26.51 -3.75 -10.14
CA SER H 81 -27.87 -3.52 -10.60
C SER H 81 -27.96 -3.45 -12.13
N ALA H 82 -26.90 -2.97 -12.77
CA ALA H 82 -26.87 -2.91 -14.22
C ALA H 82 -26.96 -4.30 -14.83
N MET H 83 -26.16 -5.23 -14.29
CA MET H 83 -26.22 -6.63 -14.71
C MET H 83 -27.59 -7.22 -14.43
N SER H 84 -28.11 -6.91 -13.23
CA SER H 84 -29.41 -7.40 -12.80
C SER H 84 -30.50 -7.07 -13.80
N PHE H 85 -30.58 -5.79 -14.18
CA PHE H 85 -31.63 -5.36 -15.10
C PHE H 85 -31.22 -5.56 -16.56
N ALA H 86 -29.95 -5.88 -16.80
CA ALA H 86 -29.55 -6.40 -18.10
C ALA H 86 -30.17 -7.80 -18.27
N LEU H 87 -30.12 -8.59 -17.20
CA LEU H 87 -30.77 -9.90 -17.19
C LEU H 87 -32.30 -9.78 -17.27
N ILE H 88 -32.87 -8.93 -16.42
CA ILE H 88 -34.32 -8.75 -16.36
C ILE H 88 -34.87 -8.20 -17.68
N ARG H 89 -34.23 -7.17 -18.22
CA ARG H 89 -34.71 -6.52 -19.44
C ARG H 89 -34.31 -7.29 -20.69
N GLY H 90 -33.22 -8.05 -20.60
CA GLY H 90 -32.65 -8.74 -21.75
C GLY H 90 -33.31 -10.05 -22.12
N GLY H 91 -34.35 -10.43 -21.37
CA GLY H 91 -35.10 -11.64 -21.66
C GLY H 91 -34.46 -12.90 -21.10
N HIS H 92 -33.68 -12.74 -20.04
CA HIS H 92 -33.01 -13.87 -19.40
C HIS H 92 -33.83 -14.40 -18.22
N ILE H 93 -34.95 -13.73 -17.94
CA ILE H 93 -35.93 -14.22 -16.99
C ILE H 93 -37.02 -14.98 -17.75
N ASP H 94 -37.10 -16.29 -17.53
CA ASP H 94 -38.08 -17.12 -18.22
C ASP H 94 -39.49 -16.74 -17.80
N ALA H 95 -39.67 -16.38 -16.53
CA ALA H 95 -40.98 -16.05 -16.01
C ALA H 95 -40.91 -15.12 -14.81
N CYS H 96 -41.80 -14.13 -14.77
CA CYS H 96 -41.98 -13.31 -13.58
C CYS H 96 -43.39 -13.47 -13.08
N VAL H 97 -43.53 -13.60 -11.76
CA VAL H 97 -44.82 -13.67 -11.10
C VAL H 97 -44.97 -12.43 -10.24
N LEU H 98 -45.92 -11.56 -10.60
CA LEU H 98 -46.13 -10.31 -9.89
C LEU H 98 -47.57 -10.17 -9.42
N GLY H 99 -47.78 -9.35 -8.40
CA GLY H 99 -49.11 -9.02 -7.93
C GLY H 99 -49.77 -8.02 -8.86
N GLY H 100 -51.01 -7.65 -8.56
CA GLY H 100 -51.73 -6.72 -9.41
C GLY H 100 -52.83 -5.97 -8.69
N LEU H 101 -53.01 -4.71 -9.09
CA LEU H 101 -54.12 -3.89 -8.62
C LEU H 101 -55.24 -3.92 -9.66
N GLN H 102 -54.83 -3.91 -10.93
CA GLN H 102 -55.77 -3.94 -12.04
C GLN H 102 -55.16 -4.61 -13.27
N VAL H 103 -56.02 -5.30 -14.02
CA VAL H 103 -55.66 -5.86 -15.32
C VAL H 103 -56.85 -5.66 -16.24
N ASP H 104 -56.61 -5.45 -17.54
CA ASP H 104 -57.73 -5.28 -18.47
C ASP H 104 -57.60 -6.12 -19.74
N GLU H 105 -58.65 -6.06 -20.55
CA GLU H 105 -58.77 -6.87 -21.75
C GLU H 105 -57.65 -6.58 -22.75
N GLU H 106 -57.04 -5.42 -22.63
CA GLU H 106 -55.90 -5.05 -23.47
C GLU H 106 -54.58 -5.50 -22.86
N ALA H 107 -54.66 -6.35 -21.84
CA ALA H 107 -53.48 -6.90 -21.16
C ALA H 107 -52.63 -5.82 -20.47
N ASN H 108 -53.21 -4.66 -20.21
CA ASN H 108 -52.50 -3.63 -19.45
C ASN H 108 -52.42 -4.04 -17.99
N LEU H 109 -51.42 -3.51 -17.28
CA LEU H 109 -51.21 -3.84 -15.88
C LEU H 109 -51.03 -2.59 -15.02
N ALA H 110 -51.60 -2.62 -13.83
CA ALA H 110 -51.38 -1.60 -12.82
C ALA H 110 -51.10 -2.28 -11.49
N ASN H 111 -49.92 -2.03 -10.91
CA ASN H 111 -49.55 -2.71 -9.67
C ASN H 111 -48.45 -2.02 -8.88
N TRP H 112 -48.32 -0.70 -9.03
CA TRP H 112 -47.30 0.05 -8.32
C TRP H 112 -47.85 1.28 -7.59
N VAL H 113 -49.10 1.64 -7.84
CA VAL H 113 -49.69 2.77 -7.15
C VAL H 113 -51.22 2.72 -7.14
N VAL H 114 -51.79 3.07 -5.98
CA VAL H 114 -53.23 3.18 -5.83
C VAL H 114 -53.58 4.65 -5.61
N PRO H 115 -54.46 5.22 -6.46
CA PRO H 115 -54.86 6.61 -6.23
C PRO H 115 -55.56 6.80 -4.88
N GLY H 116 -55.14 7.81 -4.14
CA GLY H 116 -55.69 8.08 -2.82
C GLY H 116 -54.77 7.60 -1.71
N LYS H 117 -53.88 6.68 -2.06
CA LYS H 117 -52.85 6.18 -1.16
C LYS H 117 -51.47 6.69 -1.58
N MET H 118 -50.49 6.57 -0.68
CA MET H 118 -49.13 7.03 -0.94
C MET H 118 -48.51 6.32 -2.13
N VAL H 119 -47.80 7.07 -2.96
CA VAL H 119 -47.13 6.50 -4.13
C VAL H 119 -45.79 5.91 -3.68
N PRO H 120 -45.60 4.59 -3.83
CA PRO H 120 -44.34 3.98 -3.39
C PRO H 120 -43.25 3.95 -4.46
N GLY H 121 -43.65 4.06 -5.72
CA GLY H 121 -42.70 3.96 -6.82
C GLY H 121 -42.84 2.63 -7.54
N MET H 122 -42.30 2.53 -8.75
CA MET H 122 -42.46 1.33 -9.55
C MET H 122 -41.37 0.28 -9.31
N GLY H 123 -40.23 0.72 -8.78
CA GLY H 123 -39.11 -0.18 -8.56
C GLY H 123 -38.63 -0.83 -9.85
N GLY H 124 -38.61 -2.16 -9.86
CA GLY H 124 -38.19 -2.92 -11.02
C GLY H 124 -39.34 -3.61 -11.73
N ALA H 125 -40.58 -3.23 -11.38
CA ALA H 125 -41.77 -3.89 -11.92
C ALA H 125 -41.92 -3.66 -13.43
N MET H 126 -41.73 -2.42 -13.85
CA MET H 126 -41.87 -2.07 -15.27
C MET H 126 -40.87 -2.85 -16.12
N ASP H 127 -39.61 -2.84 -15.70
CA ASP H 127 -38.58 -3.62 -16.37
C ASP H 127 -38.93 -5.10 -16.39
N LEU H 128 -39.41 -5.61 -15.24
CA LEU H 128 -39.75 -7.02 -15.13
C LEU H 128 -40.84 -7.45 -16.10
N VAL H 129 -41.92 -6.68 -16.20
CA VAL H 129 -43.03 -7.03 -17.07
C VAL H 129 -42.73 -6.73 -18.55
N THR H 130 -41.84 -5.79 -18.80
CA THR H 130 -41.41 -5.48 -20.16
C THR H 130 -40.37 -6.47 -20.68
N GLY H 131 -39.53 -6.99 -19.78
CA GLY H 131 -38.41 -7.82 -20.17
C GLY H 131 -38.63 -9.33 -20.11
N SER H 132 -39.43 -9.77 -19.14
CA SER H 132 -39.61 -11.20 -18.90
C SER H 132 -40.26 -11.93 -20.07
N ARG H 133 -39.81 -13.15 -20.31
CA ARG H 133 -40.34 -13.96 -21.40
C ARG H 133 -41.80 -14.33 -21.18
N LYS H 134 -42.16 -14.60 -19.93
CA LYS H 134 -43.55 -14.85 -19.56
C LYS H 134 -43.94 -14.01 -18.36
N VAL H 135 -44.98 -13.20 -18.52
CA VAL H 135 -45.46 -12.31 -17.47
C VAL H 135 -46.72 -12.90 -16.84
N ILE H 136 -46.57 -13.42 -15.63
CA ILE H 136 -47.70 -14.00 -14.89
C ILE H 136 -48.14 -13.07 -13.77
N ILE H 137 -49.42 -12.73 -13.77
CA ILE H 137 -50.01 -11.90 -12.73
C ILE H 137 -50.83 -12.77 -11.78
N ALA H 138 -50.42 -12.78 -10.51
CA ALA H 138 -51.12 -13.53 -9.47
C ALA H 138 -51.80 -12.58 -8.50
N MET H 139 -53.12 -12.58 -8.50
CA MET H 139 -53.87 -11.64 -7.67
C MET H 139 -55.25 -12.20 -7.35
N GLU H 140 -55.84 -11.75 -6.25
CA GLU H 140 -57.21 -12.10 -5.94
C GLU H 140 -58.11 -11.48 -7.00
N HIS H 141 -59.25 -12.10 -7.26
CA HIS H 141 -60.11 -11.66 -8.36
C HIS H 141 -60.65 -10.26 -8.12
N CYS H 142 -61.12 -10.01 -6.90
CA CYS H 142 -61.68 -8.71 -6.54
C CYS H 142 -60.92 -8.12 -5.36
N ALA H 143 -61.01 -6.80 -5.20
CA ALA H 143 -60.34 -6.11 -4.10
C ALA H 143 -61.09 -6.32 -2.78
N LYS H 144 -60.51 -5.81 -1.70
CA LYS H 144 -61.08 -5.99 -0.35
C LYS H 144 -62.37 -5.19 -0.14
N ASP H 145 -62.59 -4.17 -0.95
CA ASP H 145 -63.83 -3.40 -0.85
C ASP H 145 -64.91 -4.06 -1.69
N GLY H 146 -64.53 -5.09 -2.44
CA GLY H 146 -65.46 -5.86 -3.23
C GLY H 146 -65.47 -5.44 -4.69
N SER H 147 -64.77 -4.36 -5.00
CA SER H 147 -64.74 -3.84 -6.36
C SER H 147 -63.92 -4.74 -7.29
N ALA H 148 -64.28 -4.72 -8.57
CA ALA H 148 -63.60 -5.52 -9.58
C ALA H 148 -62.19 -4.99 -9.84
N LYS H 149 -61.29 -5.90 -10.19
CA LYS H 149 -59.91 -5.55 -10.54
C LYS H 149 -59.60 -5.90 -11.99
N ILE H 150 -60.39 -6.83 -12.55
CA ILE H 150 -60.26 -7.20 -13.96
C ILE H 150 -61.27 -6.40 -14.80
N LEU H 151 -60.80 -5.33 -15.42
CA LEU H 151 -61.67 -4.32 -16.02
C LEU H 151 -61.58 -4.24 -17.54
N ARG H 152 -62.42 -3.40 -18.14
CA ARG H 152 -62.33 -3.12 -19.56
C ARG H 152 -61.09 -2.28 -19.83
N ARG H 153 -60.82 -1.36 -18.91
CA ARG H 153 -59.66 -0.48 -19.00
C ARG H 153 -59.22 -0.07 -17.60
N CYS H 154 -57.93 -0.21 -17.32
CA CYS H 154 -57.38 0.18 -16.02
C CYS H 154 -57.64 1.65 -15.74
N THR H 155 -58.05 1.94 -14.50
CA THR H 155 -58.28 3.31 -14.06
C THR H 155 -57.09 3.84 -13.28
N MET H 156 -56.29 2.92 -12.73
CA MET H 156 -55.08 3.28 -12.00
C MET H 156 -53.90 3.44 -12.95
N PRO H 157 -52.85 4.15 -12.51
CA PRO H 157 -51.65 4.33 -13.34
C PRO H 157 -51.01 3.00 -13.75
N LEU H 158 -50.75 2.85 -15.04
CA LEU H 158 -50.23 1.59 -15.57
C LEU H 158 -48.79 1.31 -15.17
N THR H 159 -48.50 0.03 -14.95
CA THR H 159 -47.13 -0.46 -14.83
C THR H 159 -46.58 -0.66 -16.25
N ALA H 160 -47.44 -1.16 -17.13
CA ALA H 160 -47.09 -1.36 -18.53
C ALA H 160 -48.34 -1.58 -19.37
N GLN H 161 -48.19 -1.51 -20.69
CA GLN H 161 -49.29 -1.74 -21.62
C GLN H 161 -49.04 -3.00 -22.43
N HIS H 162 -50.09 -3.80 -22.60
CA HIS H 162 -50.04 -4.99 -23.45
C HIS H 162 -48.89 -5.92 -23.06
N ALA H 163 -48.69 -6.12 -21.77
CA ALA H 163 -47.52 -6.83 -21.26
C ALA H 163 -47.89 -8.18 -20.62
N VAL H 164 -49.12 -8.31 -20.16
CA VAL H 164 -49.54 -9.51 -19.44
C VAL H 164 -49.82 -10.68 -20.39
N HIS H 165 -49.27 -11.84 -20.05
CA HIS H 165 -49.50 -13.06 -20.83
C HIS H 165 -50.50 -13.97 -20.13
N MET H 166 -50.41 -14.03 -18.82
CA MET H 166 -51.22 -14.95 -18.03
C MET H 166 -51.70 -14.30 -16.72
N LEU H 167 -53.00 -14.40 -16.47
CA LEU H 167 -53.60 -13.89 -15.25
C LEU H 167 -54.22 -15.02 -14.44
N VAL H 168 -53.76 -15.18 -13.20
CA VAL H 168 -54.21 -16.26 -12.33
C VAL H 168 -54.88 -15.70 -11.08
N THR H 169 -56.16 -16.00 -10.91
CA THR H 169 -56.88 -15.63 -9.71
C THR H 169 -57.36 -16.92 -9.04
N GLU H 170 -57.96 -16.80 -7.87
CA GLU H 170 -58.46 -17.99 -7.18
C GLU H 170 -59.76 -18.47 -7.80
N LEU H 171 -60.26 -17.74 -8.79
CA LEU H 171 -61.51 -18.09 -9.45
C LEU H 171 -61.29 -18.60 -10.87
N ALA H 172 -60.23 -18.15 -11.53
CA ALA H 172 -60.03 -18.48 -12.93
C ALA H 172 -58.61 -18.22 -13.42
N VAL H 173 -58.30 -18.76 -14.61
CA VAL H 173 -57.06 -18.45 -15.32
C VAL H 173 -57.38 -17.84 -16.68
N PHE H 174 -56.86 -16.64 -16.91
CA PHE H 174 -57.02 -15.95 -18.19
C PHE H 174 -55.70 -15.91 -18.96
N ARG H 175 -55.76 -15.99 -20.29
CA ARG H 175 -54.59 -15.81 -21.13
C ARG H 175 -54.86 -14.77 -22.21
N PHE H 176 -53.87 -13.93 -22.48
CA PHE H 176 -53.95 -12.93 -23.53
C PHE H 176 -53.19 -13.40 -24.77
N ILE H 177 -53.94 -13.70 -25.83
CA ILE H 177 -53.38 -14.28 -27.04
C ILE H 177 -53.78 -13.49 -28.29
N ASP H 178 -52.80 -12.92 -28.97
CA ASP H 178 -53.03 -12.13 -30.18
C ASP H 178 -54.02 -11.01 -29.95
N GLY H 179 -53.82 -10.26 -28.87
CA GLY H 179 -54.63 -9.10 -28.58
C GLY H 179 -55.89 -9.40 -27.78
N LYS H 180 -56.40 -10.62 -27.92
CA LYS H 180 -57.66 -11.00 -27.30
C LYS H 180 -57.46 -11.66 -25.93
N MET H 181 -58.43 -11.45 -25.04
CA MET H 181 -58.41 -12.01 -23.70
C MET H 181 -59.24 -13.29 -23.67
N TRP H 182 -58.64 -14.37 -23.18
CA TRP H 182 -59.31 -15.67 -23.16
C TRP H 182 -59.41 -16.26 -21.76
N LEU H 183 -60.61 -16.66 -21.38
CA LEU H 183 -60.83 -17.43 -20.16
C LEU H 183 -60.52 -18.90 -20.45
N THR H 184 -59.39 -19.38 -19.94
CA THR H 184 -58.92 -20.71 -20.28
C THR H 184 -59.19 -21.74 -19.19
N GLU H 185 -59.27 -21.29 -17.93
CA GLU H 185 -59.61 -22.19 -16.83
C GLU H 185 -60.52 -21.53 -15.79
N ILE H 186 -61.37 -22.36 -15.19
CA ILE H 186 -62.20 -21.96 -14.05
C ILE H 186 -61.86 -22.85 -12.87
N ALA H 187 -61.77 -22.25 -11.68
CA ALA H 187 -61.41 -22.99 -10.48
C ALA H 187 -62.55 -23.89 -10.02
N ASP H 188 -62.20 -25.00 -9.38
CA ASP H 188 -63.19 -25.94 -8.88
C ASP H 188 -64.07 -25.29 -7.83
N GLY H 189 -65.37 -25.58 -7.88
CA GLY H 189 -66.32 -24.98 -6.97
C GLY H 189 -66.86 -23.66 -7.49
N CYS H 190 -66.44 -23.28 -8.69
CA CYS H 190 -66.87 -22.04 -9.32
C CYS H 190 -67.54 -22.32 -10.66
N ASP H 191 -68.32 -21.36 -11.14
CA ASP H 191 -69.03 -21.49 -12.41
C ASP H 191 -68.74 -20.30 -13.32
N LEU H 192 -69.12 -20.42 -14.58
CA LEU H 192 -68.84 -19.39 -15.58
C LEU H 192 -69.57 -18.07 -15.25
N ALA H 193 -70.78 -18.19 -14.71
CA ALA H 193 -71.59 -17.02 -14.40
C ALA H 193 -70.96 -16.22 -13.27
N THR H 194 -70.33 -16.92 -12.33
CA THR H 194 -69.67 -16.28 -11.21
C THR H 194 -68.50 -15.43 -11.69
N VAL H 195 -67.72 -15.98 -12.62
CA VAL H 195 -66.58 -15.27 -13.19
C VAL H 195 -67.01 -14.00 -13.93
N ARG H 196 -68.03 -14.12 -14.77
CA ARG H 196 -68.57 -12.96 -15.51
C ARG H 196 -69.10 -11.87 -14.60
N ALA H 197 -69.83 -12.27 -13.56
CA ALA H 197 -70.41 -11.31 -12.64
C ALA H 197 -69.32 -10.52 -11.93
N LYS H 198 -68.21 -11.20 -11.60
CA LYS H 198 -67.10 -10.58 -10.90
C LYS H 198 -66.02 -10.05 -11.85
N THR H 199 -66.31 -10.04 -13.15
CA THR H 199 -65.36 -9.56 -14.15
C THR H 199 -66.02 -8.54 -15.08
N GLU H 200 -65.44 -7.34 -15.16
CA GLU H 200 -65.96 -6.29 -16.02
C GLU H 200 -65.31 -6.35 -17.40
N ALA H 201 -64.15 -6.99 -17.47
CA ALA H 201 -63.43 -7.11 -18.73
C ALA H 201 -64.20 -7.95 -19.73
N ARG H 202 -64.14 -7.56 -21.00
CA ARG H 202 -64.72 -8.35 -22.07
C ARG H 202 -63.74 -9.45 -22.43
N PHE H 203 -64.20 -10.69 -22.44
CA PHE H 203 -63.34 -11.82 -22.74
C PHE H 203 -64.14 -12.90 -23.45
N GLU H 204 -63.44 -13.69 -24.28
CA GLU H 204 -64.06 -14.84 -24.91
C GLU H 204 -63.73 -16.08 -24.10
N VAL H 205 -64.67 -17.02 -24.05
CA VAL H 205 -64.47 -18.27 -23.31
C VAL H 205 -63.98 -19.35 -24.26
N ALA H 206 -62.96 -20.09 -23.83
CA ALA H 206 -62.44 -21.19 -24.63
C ALA H 206 -63.52 -22.25 -24.81
N ALA H 207 -63.64 -22.74 -26.04
CA ALA H 207 -64.66 -23.75 -26.34
C ALA H 207 -64.38 -25.05 -25.61
N ASP H 208 -63.11 -25.42 -25.52
CA ASP H 208 -62.71 -26.67 -24.87
C ASP H 208 -62.41 -26.44 -23.39
N LEU H 209 -63.22 -25.62 -22.75
CA LEU H 209 -63.07 -25.35 -21.32
C LEU H 209 -63.28 -26.63 -20.52
N ASN H 210 -62.43 -26.83 -19.51
CA ASN H 210 -62.48 -28.02 -18.65
C ASN H 210 -62.31 -29.31 -19.46
N THR H 211 -61.21 -29.40 -20.20
CA THR H 211 -60.88 -30.62 -20.94
C THR H 211 -59.40 -30.95 -20.81
N GLN H 212 -59.10 -32.24 -20.94
CA GLN H 212 -57.73 -32.74 -20.84
C GLN H 212 -56.88 -32.39 -22.05
N ARG H 213 -55.60 -32.13 -21.80
CA ARG H 213 -54.62 -31.95 -22.86
C ARG H 213 -53.38 -32.79 -22.57
N GLY H 214 -52.64 -33.14 -23.61
CA GLY H 214 -51.45 -33.96 -23.47
C GLY H 214 -50.38 -33.27 -22.65
#